data_8YSB
# 
_entry.id   8YSB 
# 
_audit_conform.dict_name       mmcif_pdbx.dic 
_audit_conform.dict_version    5.395 
_audit_conform.dict_location   http://mmcif.pdb.org/dictionaries/ascii/mmcif_pdbx.dic 
# 
loop_
_database_2.database_id 
_database_2.database_code 
_database_2.pdbx_database_accession 
_database_2.pdbx_DOI 
PDB   8YSB         pdb_00008ysb 10.2210/pdb8ysb/pdb 
WWPDB D_1300046279 ?            ?                   
# 
loop_
_pdbx_audit_revision_history.ordinal 
_pdbx_audit_revision_history.data_content_type 
_pdbx_audit_revision_history.major_revision 
_pdbx_audit_revision_history.minor_revision 
_pdbx_audit_revision_history.revision_date 
1 'Structure model' 1 0 2024-09-04 
2 'Structure model' 1 1 2024-09-11 
# 
_pdbx_audit_revision_details.ordinal             1 
_pdbx_audit_revision_details.revision_ordinal    1 
_pdbx_audit_revision_details.data_content_type   'Structure model' 
_pdbx_audit_revision_details.provider            repository 
_pdbx_audit_revision_details.type                'Initial release' 
_pdbx_audit_revision_details.description         ? 
_pdbx_audit_revision_details.details             ? 
# 
_pdbx_audit_revision_group.ordinal             1 
_pdbx_audit_revision_group.revision_ordinal    2 
_pdbx_audit_revision_group.data_content_type   'Structure model' 
_pdbx_audit_revision_group.group               'Database references' 
# 
loop_
_pdbx_audit_revision_category.ordinal 
_pdbx_audit_revision_category.revision_ordinal 
_pdbx_audit_revision_category.data_content_type 
_pdbx_audit_revision_category.category 
1 2 'Structure model' citation        
2 2 'Structure model' citation_author 
# 
loop_
_pdbx_audit_revision_item.ordinal 
_pdbx_audit_revision_item.revision_ordinal 
_pdbx_audit_revision_item.data_content_type 
_pdbx_audit_revision_item.item 
1 2 'Structure model' '_citation.page_first'              
2 2 'Structure model' '_citation.page_last'               
3 2 'Structure model' '_citation.pdbx_database_id_PubMed' 
4 2 'Structure model' '_citation.title'                   
5 2 'Structure model' '_citation_author.identifier_ORCID' 
# 
_pdbx_database_status.status_code                     REL 
_pdbx_database_status.status_code_sf                  REL 
_pdbx_database_status.status_code_mr                  ? 
_pdbx_database_status.entry_id                        8YSB 
_pdbx_database_status.recvd_initial_deposition_date   2024-03-22 
_pdbx_database_status.SG_entry                        N 
_pdbx_database_status.deposit_site                    PDBJ 
_pdbx_database_status.process_site                    PDBJ 
_pdbx_database_status.status_code_cs                  ? 
_pdbx_database_status.status_code_nmr_data            ? 
_pdbx_database_status.methods_development_category    ? 
_pdbx_database_status.pdb_format_compatible           Y 
# 
_pdbx_contact_author.id                 2 
_pdbx_contact_author.email              ygao@ntu.edu.sg 
_pdbx_contact_author.name_first         YONG-GUI 
_pdbx_contact_author.name_last          GAO 
_pdbx_contact_author.name_mi            ? 
_pdbx_contact_author.role               'principal investigator/group leader' 
_pdbx_contact_author.identifier_ORCID   0000-0001-7298-0835 
# 
loop_
_audit_author.name 
_audit_author.pdbx_ordinal 
_audit_author.identifier_ORCID 
'Yan, X.F.'   1 0000-0001-6248-2349 
'Huang, H.W.' 2 0009-0005-3609-3821 
'Gao, Y.G.'   3 0000-0001-7298-0835 
'Liang, Z.X.' 4 0000-0002-3128-1330 
# 
_citation.abstract                  ? 
_citation.abstract_id_CAS           ? 
_citation.book_id_ISBN              ? 
_citation.book_publisher            ? 
_citation.book_publisher_city       ? 
_citation.book_title                ? 
_citation.coordinate_linkage        ? 
_citation.country                   US 
_citation.database_id_Medline       ? 
_citation.details                   ? 
_citation.id                        primary 
_citation.journal_abbrev            'Jacs Au' 
_citation.journal_id_ASTM           ? 
_citation.journal_id_CSD            ? 
_citation.journal_id_ISSN           2691-3704 
_citation.journal_full              ? 
_citation.journal_issue             ? 
_citation.journal_volume            4 
_citation.language                  ? 
_citation.page_first                2925 
_citation.page_last                 2935 
_citation.title                     
;An Enzymatic Oxidation Cascade Converts delta-Thiolactone Anthracene to Anthraquinone in the Biosynthesis of Anthraquinone-Fused Enediynes.
;
_citation.year                      2024 
_citation.database_id_CSD           ? 
_citation.pdbx_database_id_DOI      10.1021/jacsau.4c00279 
_citation.pdbx_database_id_PubMed   39211597 
_citation.pdbx_database_id_patent   ? 
_citation.unpublished_flag          ? 
# 
loop_
_citation_author.citation_id 
_citation_author.name 
_citation_author.ordinal 
_citation_author.identifier_ORCID 
primary 'Ma, G.L.'            1  ?                   
primary 'Liu, W.Q.'           2  ?                   
primary 'Huang, H.'           3  ?                   
primary 'Yan, X.F.'           4  ?                   
primary 'Shen, W.'            5  ?                   
primary 'Visitsatthawong, S.' 6  ?                   
primary 'Prakinee, K.'        7  0000-0003-2421-1518 
primary 'Tran, H.'            8  ?                   
primary 'Fan, X.'             9  0000-0002-6336-3007 
primary 'Gao, Y.G.'           10 ?                   
primary 'Chaiyen, P.'         11 0000-0002-8533-1604 
primary 'Li, J.'              12 0000-0003-2359-238X 
primary 'Liang, Z.X.'         13 0000-0002-3128-1330 
# 
_entity.id                         1 
_entity.type                       polymer 
_entity.src_method                 man 
_entity.pdbx_description           'Predicted ester cyclase' 
_entity.formula_weight             15708.979 
_entity.pdbx_number_of_molecules   1 
_entity.pdbx_ec                    ? 
_entity.pdbx_mutation              D96G 
_entity.pdbx_fragment              ? 
_entity.details                    ? 
# 
_entity_name_com.entity_id   1 
_entity_name_com.name        'Aklanonic acid methyl ester cyclase AcmA, Putative hydroxylase' 
# 
_entity_poly.entity_id                      1 
_entity_poly.type                           'polypeptide(L)' 
_entity_poly.nstd_linkage                   no 
_entity_poly.nstd_monomer                   no 
_entity_poly.pdbx_seq_one_letter_code       
;GSHMVSAPDNKAVVRQLIDAWNNGDINALMTFWSPTMVHHGRAGTISAEDTAAEMRRFLDAFPDLRMELHSIVSEGELVA
TRMTVHATHTGAYMGIPPTGRPVSCALMGQLRIVDGVVVDHWGVADALGILVQIGMLPSELSTAFS
;
_entity_poly.pdbx_seq_one_letter_code_can   
;GSHMVSAPDNKAVVRQLIDAWNNGDINALMTFWSPTMVHHGRAGTISAEDTAAEMRRFLDAFPDLRMELHSIVSEGELVA
TRMTVHATHTGAYMGIPPTGRPVSCALMGQLRIVDGVVVDHWGVADALGILVQIGMLPSELSTAFS
;
_entity_poly.pdbx_strand_id                 A 
_entity_poly.pdbx_target_identifier         ? 
# 
loop_
_entity_poly_seq.entity_id 
_entity_poly_seq.num 
_entity_poly_seq.mon_id 
_entity_poly_seq.hetero 
1 1   GLY n 
1 2   SER n 
1 3   HIS n 
1 4   MET n 
1 5   VAL n 
1 6   SER n 
1 7   ALA n 
1 8   PRO n 
1 9   ASP n 
1 10  ASN n 
1 11  LYS n 
1 12  ALA n 
1 13  VAL n 
1 14  VAL n 
1 15  ARG n 
1 16  GLN n 
1 17  LEU n 
1 18  ILE n 
1 19  ASP n 
1 20  ALA n 
1 21  TRP n 
1 22  ASN n 
1 23  ASN n 
1 24  GLY n 
1 25  ASP n 
1 26  ILE n 
1 27  ASN n 
1 28  ALA n 
1 29  LEU n 
1 30  MET n 
1 31  THR n 
1 32  PHE n 
1 33  TRP n 
1 34  SER n 
1 35  PRO n 
1 36  THR n 
1 37  MET n 
1 38  VAL n 
1 39  HIS n 
1 40  HIS n 
1 41  GLY n 
1 42  ARG n 
1 43  ALA n 
1 44  GLY n 
1 45  THR n 
1 46  ILE n 
1 47  SER n 
1 48  ALA n 
1 49  GLU n 
1 50  ASP n 
1 51  THR n 
1 52  ALA n 
1 53  ALA n 
1 54  GLU n 
1 55  MET n 
1 56  ARG n 
1 57  ARG n 
1 58  PHE n 
1 59  LEU n 
1 60  ASP n 
1 61  ALA n 
1 62  PHE n 
1 63  PRO n 
1 64  ASP n 
1 65  LEU n 
1 66  ARG n 
1 67  MET n 
1 68  GLU n 
1 69  LEU n 
1 70  HIS n 
1 71  SER n 
1 72  ILE n 
1 73  VAL n 
1 74  SER n 
1 75  GLU n 
1 76  GLY n 
1 77  GLU n 
1 78  LEU n 
1 79  VAL n 
1 80  ALA n 
1 81  THR n 
1 82  ARG n 
1 83  MET n 
1 84  THR n 
1 85  VAL n 
1 86  HIS n 
1 87  ALA n 
1 88  THR n 
1 89  HIS n 
1 90  THR n 
1 91  GLY n 
1 92  ALA n 
1 93  TYR n 
1 94  MET n 
1 95  GLY n 
1 96  ILE n 
1 97  PRO n 
1 98  PRO n 
1 99  THR n 
1 100 GLY n 
1 101 ARG n 
1 102 PRO n 
1 103 VAL n 
1 104 SER n 
1 105 CYS n 
1 106 ALA n 
1 107 LEU n 
1 108 MET n 
1 109 GLY n 
1 110 GLN n 
1 111 LEU n 
1 112 ARG n 
1 113 ILE n 
1 114 VAL n 
1 115 ASP n 
1 116 GLY n 
1 117 VAL n 
1 118 VAL n 
1 119 VAL n 
1 120 ASP n 
1 121 HIS n 
1 122 TRP n 
1 123 GLY n 
1 124 VAL n 
1 125 ALA n 
1 126 ASP n 
1 127 ALA n 
1 128 LEU n 
1 129 GLY n 
1 130 ILE n 
1 131 LEU n 
1 132 VAL n 
1 133 GLN n 
1 134 ILE n 
1 135 GLY n 
1 136 MET n 
1 137 LEU n 
1 138 PRO n 
1 139 SER n 
1 140 GLU n 
1 141 LEU n 
1 142 SER n 
1 143 THR n 
1 144 ALA n 
1 145 PHE n 
1 146 SER n 
# 
_entity_src_gen.entity_id                          1 
_entity_src_gen.pdbx_src_id                        1 
_entity_src_gen.pdbx_alt_source_flag               sample 
_entity_src_gen.pdbx_seq_type                      'Biological sequence' 
_entity_src_gen.pdbx_beg_seq_num                   1 
_entity_src_gen.pdbx_end_seq_num                   146 
_entity_src_gen.gene_src_common_name               ? 
_entity_src_gen.gene_src_genus                     ? 
_entity_src_gen.pdbx_gene_src_gene                 GA0070603_4190 
_entity_src_gen.gene_src_species                   ? 
_entity_src_gen.gene_src_strain                    ? 
_entity_src_gen.gene_src_tissue                    ? 
_entity_src_gen.gene_src_tissue_fraction           ? 
_entity_src_gen.gene_src_details                   ? 
_entity_src_gen.pdbx_gene_src_fragment             ? 
_entity_src_gen.pdbx_gene_src_scientific_name      'Micromonospora chersina' 
_entity_src_gen.pdbx_gene_src_ncbi_taxonomy_id     47854 
_entity_src_gen.pdbx_gene_src_variant              ? 
_entity_src_gen.pdbx_gene_src_cell_line            ? 
_entity_src_gen.pdbx_gene_src_atcc                 ? 
_entity_src_gen.pdbx_gene_src_organ                ? 
_entity_src_gen.pdbx_gene_src_organelle            ? 
_entity_src_gen.pdbx_gene_src_cell                 ? 
_entity_src_gen.pdbx_gene_src_cellular_location    ? 
_entity_src_gen.host_org_common_name               ? 
_entity_src_gen.pdbx_host_org_scientific_name      'Escherichia coli BL21(DE3)' 
_entity_src_gen.pdbx_host_org_ncbi_taxonomy_id     469008 
_entity_src_gen.host_org_genus                     ? 
_entity_src_gen.pdbx_host_org_gene                 ? 
_entity_src_gen.pdbx_host_org_organ                ? 
_entity_src_gen.host_org_species                   ? 
_entity_src_gen.pdbx_host_org_tissue               ? 
_entity_src_gen.pdbx_host_org_tissue_fraction      ? 
_entity_src_gen.pdbx_host_org_strain               ? 
_entity_src_gen.pdbx_host_org_variant              ? 
_entity_src_gen.pdbx_host_org_cell_line            ? 
_entity_src_gen.pdbx_host_org_atcc                 ? 
_entity_src_gen.pdbx_host_org_culture_collection   ? 
_entity_src_gen.pdbx_host_org_cell                 ? 
_entity_src_gen.pdbx_host_org_organelle            ? 
_entity_src_gen.pdbx_host_org_cellular_location    ? 
_entity_src_gen.pdbx_host_org_vector_type          ? 
_entity_src_gen.pdbx_host_org_vector               ? 
_entity_src_gen.host_org_details                   ? 
_entity_src_gen.expression_system_id               ? 
_entity_src_gen.plasmid_name                       ? 
_entity_src_gen.plasmid_details                    ? 
_entity_src_gen.pdbx_description                   ? 
# 
loop_
_chem_comp.id 
_chem_comp.type 
_chem_comp.mon_nstd_flag 
_chem_comp.name 
_chem_comp.pdbx_synonyms 
_chem_comp.formula 
_chem_comp.formula_weight 
ALA 'L-peptide linking' y ALANINE         ? 'C3 H7 N O2'     89.093  
ARG 'L-peptide linking' y ARGININE        ? 'C6 H15 N4 O2 1' 175.209 
ASN 'L-peptide linking' y ASPARAGINE      ? 'C4 H8 N2 O3'    132.118 
ASP 'L-peptide linking' y 'ASPARTIC ACID' ? 'C4 H7 N O4'     133.103 
CYS 'L-peptide linking' y CYSTEINE        ? 'C3 H7 N O2 S'   121.158 
GLN 'L-peptide linking' y GLUTAMINE       ? 'C5 H10 N2 O3'   146.144 
GLU 'L-peptide linking' y 'GLUTAMIC ACID' ? 'C5 H9 N O4'     147.129 
GLY 'peptide linking'   y GLYCINE         ? 'C2 H5 N O2'     75.067  
HIS 'L-peptide linking' y HISTIDINE       ? 'C6 H10 N3 O2 1' 156.162 
ILE 'L-peptide linking' y ISOLEUCINE      ? 'C6 H13 N O2'    131.173 
LEU 'L-peptide linking' y LEUCINE         ? 'C6 H13 N O2'    131.173 
LYS 'L-peptide linking' y LYSINE          ? 'C6 H15 N2 O2 1' 147.195 
MET 'L-peptide linking' y METHIONINE      ? 'C5 H11 N O2 S'  149.211 
PHE 'L-peptide linking' y PHENYLALANINE   ? 'C9 H11 N O2'    165.189 
PRO 'L-peptide linking' y PROLINE         ? 'C5 H9 N O2'     115.130 
SER 'L-peptide linking' y SERINE          ? 'C3 H7 N O3'     105.093 
THR 'L-peptide linking' y THREONINE       ? 'C4 H9 N O3'     119.119 
TRP 'L-peptide linking' y TRYPTOPHAN      ? 'C11 H12 N2 O2'  204.225 
TYR 'L-peptide linking' y TYROSINE        ? 'C9 H11 N O3'    181.189 
VAL 'L-peptide linking' y VALINE          ? 'C5 H11 N O2'    117.146 
# 
loop_
_pdbx_poly_seq_scheme.asym_id 
_pdbx_poly_seq_scheme.entity_id 
_pdbx_poly_seq_scheme.seq_id 
_pdbx_poly_seq_scheme.mon_id 
_pdbx_poly_seq_scheme.ndb_seq_num 
_pdbx_poly_seq_scheme.pdb_seq_num 
_pdbx_poly_seq_scheme.auth_seq_num 
_pdbx_poly_seq_scheme.pdb_mon_id 
_pdbx_poly_seq_scheme.auth_mon_id 
_pdbx_poly_seq_scheme.pdb_strand_id 
_pdbx_poly_seq_scheme.pdb_ins_code 
_pdbx_poly_seq_scheme.hetero 
A 1 1   GLY 1   -3  ?   ?   ?   A . n 
A 1 2   SER 2   -2  ?   ?   ?   A . n 
A 1 3   HIS 3   -1  ?   ?   ?   A . n 
A 1 4   MET 4   0   ?   ?   ?   A . n 
A 1 5   VAL 5   1   ?   ?   ?   A . n 
A 1 6   SER 6   2   ?   ?   ?   A . n 
A 1 7   ALA 7   3   ?   ?   ?   A . n 
A 1 8   PRO 8   4   4   PRO PRO A . n 
A 1 9   ASP 9   5   5   ASP ASP A . n 
A 1 10  ASN 10  6   6   ASN ASN A . n 
A 1 11  LYS 11  7   7   LYS LYS A . n 
A 1 12  ALA 12  8   8   ALA ALA A . n 
A 1 13  VAL 13  9   9   VAL VAL A . n 
A 1 14  VAL 14  10  10  VAL VAL A . n 
A 1 15  ARG 15  11  11  ARG ARG A . n 
A 1 16  GLN 16  12  12  GLN GLN A . n 
A 1 17  LEU 17  13  13  LEU LEU A . n 
A 1 18  ILE 18  14  14  ILE ILE A . n 
A 1 19  ASP 19  15  15  ASP ASP A . n 
A 1 20  ALA 20  16  16  ALA ALA A . n 
A 1 21  TRP 21  17  17  TRP TRP A . n 
A 1 22  ASN 22  18  18  ASN ASN A . n 
A 1 23  ASN 23  19  19  ASN ASN A . n 
A 1 24  GLY 24  20  20  GLY GLY A . n 
A 1 25  ASP 25  21  21  ASP ASP A . n 
A 1 26  ILE 26  22  22  ILE ILE A . n 
A 1 27  ASN 27  23  23  ASN ASN A . n 
A 1 28  ALA 28  24  24  ALA ALA A . n 
A 1 29  LEU 29  25  25  LEU LEU A . n 
A 1 30  MET 30  26  26  MET MET A . n 
A 1 31  THR 31  27  27  THR THR A . n 
A 1 32  PHE 32  28  28  PHE PHE A . n 
A 1 33  TRP 33  29  29  TRP TRP A . n 
A 1 34  SER 34  30  ?   ?   ?   A . n 
A 1 35  PRO 35  31  ?   ?   ?   A . n 
A 1 36  THR 36  32  ?   ?   ?   A . n 
A 1 37  MET 37  33  ?   ?   ?   A . n 
A 1 38  VAL 38  34  ?   ?   ?   A . n 
A 1 39  HIS 39  35  ?   ?   ?   A . n 
A 1 40  HIS 40  36  ?   ?   ?   A . n 
A 1 41  GLY 41  37  ?   ?   ?   A . n 
A 1 42  ARG 42  38  ?   ?   ?   A . n 
A 1 43  ALA 43  39  ?   ?   ?   A . n 
A 1 44  GLY 44  40  ?   ?   ?   A . n 
A 1 45  THR 45  41  ?   ?   ?   A . n 
A 1 46  ILE 46  42  ?   ?   ?   A . n 
A 1 47  SER 47  43  ?   ?   ?   A . n 
A 1 48  ALA 48  44  ?   ?   ?   A . n 
A 1 49  GLU 49  45  ?   ?   ?   A . n 
A 1 50  ASP 50  46  ?   ?   ?   A . n 
A 1 51  THR 51  47  ?   ?   ?   A . n 
A 1 52  ALA 52  48  ?   ?   ?   A . n 
A 1 53  ALA 53  49  49  ALA ALA A . n 
A 1 54  GLU 54  50  50  GLU GLU A . n 
A 1 55  MET 55  51  51  MET MET A . n 
A 1 56  ARG 56  52  52  ARG ARG A . n 
A 1 57  ARG 57  53  53  ARG ARG A . n 
A 1 58  PHE 58  54  54  PHE PHE A . n 
A 1 59  LEU 59  55  55  LEU LEU A . n 
A 1 60  ASP 60  56  56  ASP ASP A . n 
A 1 61  ALA 61  57  57  ALA ALA A . n 
A 1 62  PHE 62  58  58  PHE PHE A . n 
A 1 63  PRO 63  59  59  PRO PRO A . n 
A 1 64  ASP 64  60  60  ASP ASP A . n 
A 1 65  LEU 65  61  61  LEU LEU A . n 
A 1 66  ARG 66  62  62  ARG ARG A . n 
A 1 67  MET 67  63  63  MET MET A . n 
A 1 68  GLU 68  64  64  GLU GLU A . n 
A 1 69  LEU 69  65  65  LEU LEU A . n 
A 1 70  HIS 70  66  66  HIS HIS A . n 
A 1 71  SER 71  67  67  SER SER A . n 
A 1 72  ILE 72  68  68  ILE ILE A . n 
A 1 73  VAL 73  69  69  VAL VAL A . n 
A 1 74  SER 74  70  70  SER SER A . n 
A 1 75  GLU 75  71  71  GLU GLU A . n 
A 1 76  GLY 76  72  72  GLY GLY A . n 
A 1 77  GLU 77  73  73  GLU GLU A . n 
A 1 78  LEU 78  74  74  LEU LEU A . n 
A 1 79  VAL 79  75  75  VAL VAL A . n 
A 1 80  ALA 80  76  76  ALA ALA A . n 
A 1 81  THR 81  77  77  THR THR A . n 
A 1 82  ARG 82  78  78  ARG ARG A . n 
A 1 83  MET 83  79  79  MET MET A . n 
A 1 84  THR 84  80  80  THR THR A . n 
A 1 85  VAL 85  81  81  VAL VAL A . n 
A 1 86  HIS 86  82  82  HIS HIS A . n 
A 1 87  ALA 87  83  83  ALA ALA A . n 
A 1 88  THR 88  84  84  THR THR A . n 
A 1 89  HIS 89  85  85  HIS HIS A . n 
A 1 90  THR 90  86  86  THR THR A . n 
A 1 91  GLY 91  87  87  GLY GLY A . n 
A 1 92  ALA 92  88  88  ALA ALA A . n 
A 1 93  TYR 93  89  89  TYR TYR A . n 
A 1 94  MET 94  90  90  MET MET A . n 
A 1 95  GLY 95  91  91  GLY GLY A . n 
A 1 96  ILE 96  92  92  ILE ILE A . n 
A 1 97  PRO 97  93  93  PRO PRO A . n 
A 1 98  PRO 98  94  94  PRO PRO A . n 
A 1 99  THR 99  95  95  THR THR A . n 
A 1 100 GLY 100 96  96  GLY GLY A . n 
A 1 101 ARG 101 97  97  ARG ARG A . n 
A 1 102 PRO 102 98  98  PRO PRO A . n 
A 1 103 VAL 103 99  99  VAL VAL A . n 
A 1 104 SER 104 100 100 SER SER A . n 
A 1 105 CYS 105 101 101 CYS CYS A . n 
A 1 106 ALA 106 102 102 ALA ALA A . n 
A 1 107 LEU 107 103 103 LEU LEU A . n 
A 1 108 MET 108 104 104 MET MET A . n 
A 1 109 GLY 109 105 105 GLY GLY A . n 
A 1 110 GLN 110 106 106 GLN GLN A . n 
A 1 111 LEU 111 107 107 LEU LEU A . n 
A 1 112 ARG 112 108 108 ARG ARG A . n 
A 1 113 ILE 113 109 109 ILE ILE A . n 
A 1 114 VAL 114 110 110 VAL VAL A . n 
A 1 115 ASP 115 111 111 ASP ASP A . n 
A 1 116 GLY 116 112 112 GLY GLY A . n 
A 1 117 VAL 117 113 113 VAL VAL A . n 
A 1 118 VAL 118 114 114 VAL VAL A . n 
A 1 119 VAL 119 115 115 VAL VAL A . n 
A 1 120 ASP 120 116 116 ASP ASP A . n 
A 1 121 HIS 121 117 117 HIS HIS A . n 
A 1 122 TRP 122 118 118 TRP TRP A . n 
A 1 123 GLY 123 119 119 GLY GLY A . n 
A 1 124 VAL 124 120 120 VAL VAL A . n 
A 1 125 ALA 125 121 121 ALA ALA A . n 
A 1 126 ASP 126 122 122 ASP ASP A . n 
A 1 127 ALA 127 123 123 ALA ALA A . n 
A 1 128 LEU 128 124 124 LEU LEU A . n 
A 1 129 GLY 129 125 125 GLY GLY A . n 
A 1 130 ILE 130 126 126 ILE ILE A . n 
A 1 131 LEU 131 127 127 LEU LEU A . n 
A 1 132 VAL 132 128 128 VAL VAL A . n 
A 1 133 GLN 133 129 129 GLN GLN A . n 
A 1 134 ILE 134 130 130 ILE ILE A . n 
A 1 135 GLY 135 131 131 GLY GLY A . n 
A 1 136 MET 136 132 132 MET MET A . n 
A 1 137 LEU 137 133 ?   ?   ?   A . n 
A 1 138 PRO 138 134 ?   ?   ?   A . n 
A 1 139 SER 139 135 ?   ?   ?   A . n 
A 1 140 GLU 140 136 ?   ?   ?   A . n 
A 1 141 LEU 141 137 ?   ?   ?   A . n 
A 1 142 SER 142 138 ?   ?   ?   A . n 
A 1 143 THR 143 139 ?   ?   ?   A . n 
A 1 144 ALA 144 140 ?   ?   ?   A . n 
A 1 145 PHE 145 141 ?   ?   ?   A . n 
A 1 146 SER 146 142 ?   ?   ?   A . n 
# 
loop_
_pdbx_unobs_or_zero_occ_atoms.id 
_pdbx_unobs_or_zero_occ_atoms.PDB_model_num 
_pdbx_unobs_or_zero_occ_atoms.polymer_flag 
_pdbx_unobs_or_zero_occ_atoms.occupancy_flag 
_pdbx_unobs_or_zero_occ_atoms.auth_asym_id 
_pdbx_unobs_or_zero_occ_atoms.auth_comp_id 
_pdbx_unobs_or_zero_occ_atoms.auth_seq_id 
_pdbx_unobs_or_zero_occ_atoms.PDB_ins_code 
_pdbx_unobs_or_zero_occ_atoms.auth_atom_id 
_pdbx_unobs_or_zero_occ_atoms.label_alt_id 
_pdbx_unobs_or_zero_occ_atoms.label_asym_id 
_pdbx_unobs_or_zero_occ_atoms.label_comp_id 
_pdbx_unobs_or_zero_occ_atoms.label_seq_id 
_pdbx_unobs_or_zero_occ_atoms.label_atom_id 
1 1 Y 1 A ARG 52  ? CG  ? A ARG 56  CG  
2 1 Y 1 A ARG 52  ? CD  ? A ARG 56  CD  
3 1 Y 1 A ARG 52  ? NE  ? A ARG 56  NE  
4 1 Y 1 A ARG 52  ? CZ  ? A ARG 56  CZ  
5 1 Y 1 A ARG 52  ? NH1 ? A ARG 56  NH1 
6 1 Y 1 A ARG 52  ? NH2 ? A ARG 56  NH2 
7 1 Y 1 A MET 132 ? CG  ? A MET 136 CG  
8 1 Y 1 A MET 132 ? SD  ? A MET 136 SD  
9 1 Y 1 A MET 132 ? CE  ? A MET 136 CE  
# 
loop_
_software.citation_id 
_software.classification 
_software.compiler_name 
_software.compiler_version 
_software.contact_author 
_software.contact_author_email 
_software.date 
_software.description 
_software.dependencies 
_software.hardware 
_software.language 
_software.location 
_software.mods 
_software.name 
_software.os 
_software.os_version 
_software.type 
_software.version 
_software.pdbx_ordinal 
? refinement       ? ? ? ? ? ? ? ? ? ? ? PHENIX ? ? ? 1.18.2_3874 1 
? 'data reduction' ? ? ? ? ? ? ? ? ? ? ? XDS    ? ? ? .           2 
? 'data scaling'   ? ? ? ? ? ? ? ? ? ? ? XDS    ? ? ? .           3 
? phasing          ? ? ? ? ? ? ? ? ? ? ? PHASER ? ? ? .           4 
? 'model building' ? ? ? ? ? ? ? ? ? ? ? Coot   ? ? ? .           5 
# 
_cell.angle_alpha                  90.000 
_cell.angle_alpha_esd              ? 
_cell.angle_beta                   90.000 
_cell.angle_beta_esd               ? 
_cell.angle_gamma                  90.000 
_cell.angle_gamma_esd              ? 
_cell.entry_id                     8YSB 
_cell.details                      ? 
_cell.formula_units_Z              ? 
_cell.length_a                     33.976 
_cell.length_a_esd                 ? 
_cell.length_b                     84.160 
_cell.length_b_esd                 ? 
_cell.length_c                     83.228 
_cell.length_c_esd                 ? 
_cell.volume                       237983.821 
_cell.volume_esd                   ? 
_cell.Z_PDB                        8 
_cell.reciprocal_angle_alpha       ? 
_cell.reciprocal_angle_beta        ? 
_cell.reciprocal_angle_gamma       ? 
_cell.reciprocal_angle_alpha_esd   ? 
_cell.reciprocal_angle_beta_esd    ? 
_cell.reciprocal_angle_gamma_esd   ? 
_cell.reciprocal_length_a          ? 
_cell.reciprocal_length_b          ? 
_cell.reciprocal_length_c          ? 
_cell.reciprocal_length_a_esd      ? 
_cell.reciprocal_length_b_esd      ? 
_cell.reciprocal_length_c_esd      ? 
_cell.pdbx_unique_axis             ? 
_cell.pdbx_esd_method              ? 
# 
_symmetry.entry_id                         8YSB 
_symmetry.cell_setting                     ? 
_symmetry.Int_Tables_number                20 
_symmetry.space_group_name_Hall            'C 2c 2' 
_symmetry.space_group_name_H-M             'C 2 2 21' 
_symmetry.pdbx_full_space_group_name_H-M   ? 
# 
_exptl.absorpt_coefficient_mu     ? 
_exptl.absorpt_correction_T_max   ? 
_exptl.absorpt_correction_T_min   ? 
_exptl.absorpt_correction_type    ? 
_exptl.absorpt_process_details    ? 
_exptl.entry_id                   8YSB 
_exptl.crystals_number            1 
_exptl.details                    ? 
_exptl.method                     'X-RAY DIFFRACTION' 
_exptl.method_details             ? 
# 
_exptl_crystal.colour                       ? 
_exptl_crystal.density_diffrn               ? 
_exptl_crystal.density_Matthews             1.94 
_exptl_crystal.density_method               ? 
_exptl_crystal.density_percent_sol          36.76 
_exptl_crystal.description                  ? 
_exptl_crystal.F_000                        ? 
_exptl_crystal.id                           1 
_exptl_crystal.preparation                  ? 
_exptl_crystal.size_max                     ? 
_exptl_crystal.size_mid                     ? 
_exptl_crystal.size_min                     ? 
_exptl_crystal.size_rad                     ? 
_exptl_crystal.colour_lustre                ? 
_exptl_crystal.colour_modifier              ? 
_exptl_crystal.colour_primary               ? 
_exptl_crystal.density_meas                 ? 
_exptl_crystal.density_meas_esd             ? 
_exptl_crystal.density_meas_gt              ? 
_exptl_crystal.density_meas_lt              ? 
_exptl_crystal.density_meas_temp            ? 
_exptl_crystal.density_meas_temp_esd        ? 
_exptl_crystal.density_meas_temp_gt         ? 
_exptl_crystal.density_meas_temp_lt         ? 
_exptl_crystal.pdbx_crystal_image_url       ? 
_exptl_crystal.pdbx_crystal_image_format    ? 
_exptl_crystal.pdbx_mosaicity               ? 
_exptl_crystal.pdbx_mosaicity_esd           ? 
_exptl_crystal.pdbx_mosaic_method           ? 
_exptl_crystal.pdbx_mosaic_block_size       ? 
_exptl_crystal.pdbx_mosaic_block_size_esd   ? 
# 
_exptl_crystal_grow.apparatus       ? 
_exptl_crystal_grow.atmosphere      ? 
_exptl_crystal_grow.crystal_id      1 
_exptl_crystal_grow.details         ? 
_exptl_crystal_grow.method          'VAPOR DIFFUSION, HANGING DROP' 
_exptl_crystal_grow.method_ref      ? 
_exptl_crystal_grow.pH              ? 
_exptl_crystal_grow.pressure        ? 
_exptl_crystal_grow.pressure_esd    ? 
_exptl_crystal_grow.seeding         ? 
_exptl_crystal_grow.seeding_ref     ? 
_exptl_crystal_grow.temp_details    ? 
_exptl_crystal_grow.temp_esd        ? 
_exptl_crystal_grow.time            ? 
_exptl_crystal_grow.pdbx_details    '25% PEG 3350, 8% Tacsimate pH7.5' 
_exptl_crystal_grow.pdbx_pH_range   ? 
_exptl_crystal_grow.temp            293 
# 
_diffrn.ambient_environment              ? 
_diffrn.ambient_temp                     100 
_diffrn.ambient_temp_details             ? 
_diffrn.ambient_temp_esd                 ? 
_diffrn.crystal_id                       1 
_diffrn.crystal_support                  ? 
_diffrn.crystal_treatment                ? 
_diffrn.details                          ? 
_diffrn.id                               1 
_diffrn.ambient_pressure                 ? 
_diffrn.ambient_pressure_esd             ? 
_diffrn.ambient_pressure_gt              ? 
_diffrn.ambient_pressure_lt              ? 
_diffrn.ambient_temp_gt                  ? 
_diffrn.ambient_temp_lt                  ? 
_diffrn.pdbx_serial_crystal_experiment   N 
# 
_diffrn_detector.details                      ? 
_diffrn_detector.detector                     PIXEL 
_diffrn_detector.diffrn_id                    1 
_diffrn_detector.type                         'DECTRIS EIGER X 16M' 
_diffrn_detector.area_resol_mean              ? 
_diffrn_detector.dtime                        ? 
_diffrn_detector.pdbx_frames_total            ? 
_diffrn_detector.pdbx_collection_time_total   ? 
_diffrn_detector.pdbx_collection_date         2023-08-01 
_diffrn_detector.pdbx_frequency               ? 
_diffrn_detector.id                           ? 
_diffrn_detector.number_of_axes               ? 
# 
_diffrn_radiation.collimation                      ? 
_diffrn_radiation.diffrn_id                        1 
_diffrn_radiation.filter_edge                      ? 
_diffrn_radiation.inhomogeneity                    ? 
_diffrn_radiation.monochromator                    ? 
_diffrn_radiation.polarisn_norm                    ? 
_diffrn_radiation.polarisn_ratio                   ? 
_diffrn_radiation.probe                            ? 
_diffrn_radiation.type                             ? 
_diffrn_radiation.xray_symbol                      ? 
_diffrn_radiation.wavelength_id                    1 
_diffrn_radiation.pdbx_monochromatic_or_laue_m_l   M 
_diffrn_radiation.pdbx_wavelength_list             ? 
_diffrn_radiation.pdbx_wavelength                  ? 
_diffrn_radiation.pdbx_diffrn_protocol             'SINGLE WAVELENGTH' 
_diffrn_radiation.pdbx_analyzer                    ? 
_diffrn_radiation.pdbx_scattering_type             x-ray 
# 
_diffrn_radiation_wavelength.id           1 
_diffrn_radiation_wavelength.wavelength   0.9537 
_diffrn_radiation_wavelength.wt           1.0 
# 
_diffrn_source.current                     ? 
_diffrn_source.details                     ? 
_diffrn_source.diffrn_id                   1 
_diffrn_source.power                       ? 
_diffrn_source.size                        ? 
_diffrn_source.source                      SYNCHROTRON 
_diffrn_source.target                      ? 
_diffrn_source.type                        'AUSTRALIAN SYNCHROTRON BEAMLINE MX2' 
_diffrn_source.voltage                     ? 
_diffrn_source.take-off_angle              ? 
_diffrn_source.pdbx_wavelength_list        0.9537 
_diffrn_source.pdbx_wavelength             ? 
_diffrn_source.pdbx_synchrotron_beamline   MX2 
_diffrn_source.pdbx_synchrotron_site       'Australian Synchrotron' 
# 
_reflns.B_iso_Wilson_estimate                          65.90 
_reflns.entry_id                                       8YSB 
_reflns.data_reduction_details                         ? 
_reflns.data_reduction_method                          ? 
_reflns.d_resolution_high                              2.3 
_reflns.d_resolution_low                               42.09 
_reflns.details                                        ? 
_reflns.limit_h_max                                    ? 
_reflns.limit_h_min                                    ? 
_reflns.limit_k_max                                    ? 
_reflns.limit_k_min                                    ? 
_reflns.limit_l_max                                    ? 
_reflns.limit_l_min                                    ? 
_reflns.number_all                                     ? 
_reflns.number_obs                                     5586 
_reflns.observed_criterion                             ? 
_reflns.observed_criterion_F_max                       ? 
_reflns.observed_criterion_F_min                       ? 
_reflns.observed_criterion_I_max                       ? 
_reflns.observed_criterion_I_min                       ? 
_reflns.observed_criterion_sigma_F                     ? 
_reflns.observed_criterion_sigma_I                     ? 
_reflns.percent_possible_obs                           99.7 
_reflns.R_free_details                                 ? 
_reflns.Rmerge_F_all                                   ? 
_reflns.Rmerge_F_obs                                   ? 
_reflns.Friedel_coverage                               ? 
_reflns.number_gt                                      ? 
_reflns.threshold_expression                           ? 
_reflns.pdbx_redundancy                                12.6 
_reflns.pdbx_netI_over_av_sigmaI                       ? 
_reflns.pdbx_netI_over_sigmaI                          12.26 
_reflns.pdbx_res_netI_over_av_sigmaI_2                 ? 
_reflns.pdbx_res_netI_over_sigmaI_2                    ? 
_reflns.pdbx_chi_squared                               ? 
_reflns.pdbx_scaling_rejects                           ? 
_reflns.pdbx_d_res_high_opt                            ? 
_reflns.pdbx_d_res_low_opt                             ? 
_reflns.pdbx_d_res_opt_method                          ? 
_reflns.phase_calculation_details                      ? 
_reflns.pdbx_Rrim_I_all                                ? 
_reflns.pdbx_Rpim_I_all                                ? 
_reflns.pdbx_d_opt                                     ? 
_reflns.pdbx_number_measured_all                       ? 
_reflns.pdbx_diffrn_id                                 1 
_reflns.pdbx_ordinal                                   1 
_reflns.pdbx_CC_half                                   0.998 
_reflns.pdbx_CC_star                                   ? 
_reflns.pdbx_R_split                                   ? 
_reflns.pdbx_Rmerge_I_obs                              0.1066 
_reflns.pdbx_Rmerge_I_all                              ? 
_reflns.pdbx_Rsym_value                                ? 
_reflns.pdbx_CC_split_method                           ? 
_reflns.pdbx_aniso_diffraction_limit_axis_1_ortho[1]   ? 
_reflns.pdbx_aniso_diffraction_limit_axis_1_ortho[2]   ? 
_reflns.pdbx_aniso_diffraction_limit_axis_1_ortho[3]   ? 
_reflns.pdbx_aniso_diffraction_limit_axis_2_ortho[1]   ? 
_reflns.pdbx_aniso_diffraction_limit_axis_2_ortho[2]   ? 
_reflns.pdbx_aniso_diffraction_limit_axis_2_ortho[3]   ? 
_reflns.pdbx_aniso_diffraction_limit_axis_3_ortho[1]   ? 
_reflns.pdbx_aniso_diffraction_limit_axis_3_ortho[2]   ? 
_reflns.pdbx_aniso_diffraction_limit_axis_3_ortho[3]   ? 
_reflns.pdbx_aniso_diffraction_limit_1                 ? 
_reflns.pdbx_aniso_diffraction_limit_2                 ? 
_reflns.pdbx_aniso_diffraction_limit_3                 ? 
_reflns.pdbx_aniso_B_tensor_eigenvector_1_ortho[1]     ? 
_reflns.pdbx_aniso_B_tensor_eigenvector_1_ortho[2]     ? 
_reflns.pdbx_aniso_B_tensor_eigenvector_1_ortho[3]     ? 
_reflns.pdbx_aniso_B_tensor_eigenvector_2_ortho[1]     ? 
_reflns.pdbx_aniso_B_tensor_eigenvector_2_ortho[2]     ? 
_reflns.pdbx_aniso_B_tensor_eigenvector_2_ortho[3]     ? 
_reflns.pdbx_aniso_B_tensor_eigenvector_3_ortho[1]     ? 
_reflns.pdbx_aniso_B_tensor_eigenvector_3_ortho[2]     ? 
_reflns.pdbx_aniso_B_tensor_eigenvector_3_ortho[3]     ? 
_reflns.pdbx_aniso_B_tensor_eigenvalue_1               ? 
_reflns.pdbx_aniso_B_tensor_eigenvalue_2               ? 
_reflns.pdbx_aniso_B_tensor_eigenvalue_3               ? 
_reflns.pdbx_orthogonalization_convention              ? 
_reflns.pdbx_percent_possible_ellipsoidal              ? 
_reflns.pdbx_percent_possible_spherical                ? 
_reflns.pdbx_percent_possible_ellipsoidal_anomalous    ? 
_reflns.pdbx_percent_possible_spherical_anomalous      ? 
_reflns.pdbx_redundancy_anomalous                      ? 
_reflns.pdbx_CC_half_anomalous                         ? 
_reflns.pdbx_absDiff_over_sigma_anomalous              ? 
_reflns.pdbx_percent_possible_anomalous                ? 
_reflns.pdbx_observed_signal_threshold                 ? 
_reflns.pdbx_signal_type                               ? 
_reflns.pdbx_signal_details                            ? 
_reflns.pdbx_signal_software_id                        ? 
# 
_reflns_shell.d_res_high                                    2.3 
_reflns_shell.d_res_low                                     2.382 
_reflns_shell.meanI_over_sigI_all                           ? 
_reflns_shell.meanI_over_sigI_obs                           ? 
_reflns_shell.number_measured_all                           ? 
_reflns_shell.number_measured_obs                           ? 
_reflns_shell.number_possible                               ? 
_reflns_shell.number_unique_all                             ? 
_reflns_shell.number_unique_obs                             533 
_reflns_shell.percent_possible_obs                          ? 
_reflns_shell.Rmerge_F_all                                  ? 
_reflns_shell.Rmerge_F_obs                                  ? 
_reflns_shell.meanI_over_sigI_gt                            ? 
_reflns_shell.meanI_over_uI_all                             ? 
_reflns_shell.meanI_over_uI_gt                              ? 
_reflns_shell.number_measured_gt                            ? 
_reflns_shell.number_unique_gt                              ? 
_reflns_shell.percent_possible_gt                           ? 
_reflns_shell.Rmerge_F_gt                                   ? 
_reflns_shell.Rmerge_I_gt                                   ? 
_reflns_shell.pdbx_redundancy                               ? 
_reflns_shell.pdbx_chi_squared                              ? 
_reflns_shell.pdbx_netI_over_sigmaI_all                     ? 
_reflns_shell.pdbx_netI_over_sigmaI_obs                     ? 
_reflns_shell.pdbx_Rrim_I_all                               ? 
_reflns_shell.pdbx_Rpim_I_all                               ? 
_reflns_shell.pdbx_rejects                                  ? 
_reflns_shell.pdbx_ordinal                                  1 
_reflns_shell.pdbx_diffrn_id                                1 
_reflns_shell.pdbx_CC_half                                  0.681 
_reflns_shell.pdbx_CC_star                                  ? 
_reflns_shell.pdbx_R_split                                  ? 
_reflns_shell.percent_possible_all                          ? 
_reflns_shell.Rmerge_I_all                                  ? 
_reflns_shell.Rmerge_I_obs                                  ? 
_reflns_shell.pdbx_Rsym_value                               ? 
_reflns_shell.pdbx_percent_possible_ellipsoidal             ? 
_reflns_shell.pdbx_percent_possible_spherical               ? 
_reflns_shell.pdbx_percent_possible_ellipsoidal_anomalous   ? 
_reflns_shell.pdbx_percent_possible_spherical_anomalous     ? 
_reflns_shell.pdbx_redundancy_anomalous                     ? 
_reflns_shell.pdbx_CC_half_anomalous                        ? 
_reflns_shell.pdbx_absDiff_over_sigma_anomalous             ? 
_reflns_shell.pdbx_percent_possible_anomalous               ? 
# 
_refine.aniso_B[1][1]                            ? 
_refine.aniso_B[1][2]                            ? 
_refine.aniso_B[1][3]                            ? 
_refine.aniso_B[2][2]                            ? 
_refine.aniso_B[2][3]                            ? 
_refine.aniso_B[3][3]                            ? 
_refine.B_iso_max                                ? 
_refine.B_iso_mean                               63.98 
_refine.B_iso_min                                ? 
_refine.correlation_coeff_Fo_to_Fc               ? 
_refine.correlation_coeff_Fo_to_Fc_free          ? 
_refine.details                                  ? 
_refine.diff_density_max                         ? 
_refine.diff_density_max_esd                     ? 
_refine.diff_density_min                         ? 
_refine.diff_density_min_esd                     ? 
_refine.diff_density_rms                         ? 
_refine.diff_density_rms_esd                     ? 
_refine.entry_id                                 8YSB 
_refine.pdbx_refine_id                           'X-RAY DIFFRACTION' 
_refine.ls_abs_structure_details                 ? 
_refine.ls_abs_structure_Flack                   ? 
_refine.ls_abs_structure_Flack_esd               ? 
_refine.ls_abs_structure_Rogers                  ? 
_refine.ls_abs_structure_Rogers_esd              ? 
_refine.ls_d_res_high                            2.30 
_refine.ls_d_res_low                             42.08 
_refine.ls_extinction_coef                       ? 
_refine.ls_extinction_coef_esd                   ? 
_refine.ls_extinction_expression                 ? 
_refine.ls_extinction_method                     ? 
_refine.ls_goodness_of_fit_all                   ? 
_refine.ls_goodness_of_fit_all_esd               ? 
_refine.ls_goodness_of_fit_obs                   ? 
_refine.ls_goodness_of_fit_obs_esd               ? 
_refine.ls_hydrogen_treatment                    ? 
_refine.ls_matrix_type                           ? 
_refine.ls_number_constraints                    ? 
_refine.ls_number_parameters                     ? 
_refine.ls_number_reflns_all                     ? 
_refine.ls_number_reflns_obs                     5580 
_refine.ls_number_reflns_R_free                  558 
_refine.ls_number_reflns_R_work                  5022 
_refine.ls_number_restraints                     ? 
_refine.ls_percent_reflns_obs                    99.82 
_refine.ls_percent_reflns_R_free                 10.00 
_refine.ls_R_factor_all                          ? 
_refine.ls_R_factor_obs                          0.2678 
_refine.ls_R_factor_R_free                       0.2894 
_refine.ls_R_factor_R_free_error                 ? 
_refine.ls_R_factor_R_free_error_details         ? 
_refine.ls_R_factor_R_work                       0.2655 
_refine.ls_R_Fsqd_factor_obs                     ? 
_refine.ls_R_I_factor_obs                        ? 
_refine.ls_redundancy_reflns_all                 ? 
_refine.ls_redundancy_reflns_obs                 ? 
_refine.ls_restrained_S_all                      ? 
_refine.ls_restrained_S_obs                      ? 
_refine.ls_shift_over_esd_max                    ? 
_refine.ls_shift_over_esd_mean                   ? 
_refine.ls_structure_factor_coef                 ? 
_refine.ls_weighting_details                     ? 
_refine.ls_weighting_scheme                      ? 
_refine.ls_wR_factor_all                         ? 
_refine.ls_wR_factor_obs                         ? 
_refine.ls_wR_factor_R_free                      ? 
_refine.ls_wR_factor_R_work                      ? 
_refine.occupancy_max                            ? 
_refine.occupancy_min                            ? 
_refine.solvent_model_details                    'FLAT BULK SOLVENT MODEL' 
_refine.solvent_model_param_bsol                 ? 
_refine.solvent_model_param_ksol                 ? 
_refine.pdbx_R_complete                          ? 
_refine.ls_R_factor_gt                           ? 
_refine.ls_goodness_of_fit_gt                    ? 
_refine.ls_goodness_of_fit_ref                   ? 
_refine.ls_shift_over_su_max                     ? 
_refine.ls_shift_over_su_max_lt                  ? 
_refine.ls_shift_over_su_mean                    ? 
_refine.ls_shift_over_su_mean_lt                 ? 
_refine.pdbx_ls_sigma_I                          ? 
_refine.pdbx_ls_sigma_F                          1.36 
_refine.pdbx_ls_sigma_Fsqd                       ? 
_refine.pdbx_data_cutoff_high_absF               ? 
_refine.pdbx_data_cutoff_high_rms_absF           ? 
_refine.pdbx_data_cutoff_low_absF                ? 
_refine.pdbx_isotropic_thermal_model             ? 
_refine.pdbx_ls_cross_valid_method               'FREE R-VALUE' 
_refine.pdbx_method_to_determine_struct          'MOLECULAR REPLACEMENT' 
_refine.pdbx_starting_model                      ? 
_refine.pdbx_stereochemistry_target_values       'GeoStd + Monomer Library + CDL v1.2' 
_refine.pdbx_R_Free_selection_details            ? 
_refine.pdbx_stereochem_target_val_spec_case     ? 
_refine.pdbx_overall_ESU_R                       ? 
_refine.pdbx_overall_ESU_R_Free                  ? 
_refine.pdbx_solvent_vdw_probe_radii             1.1100 
_refine.pdbx_solvent_ion_probe_radii             ? 
_refine.pdbx_solvent_shrinkage_radii             0.9000 
_refine.pdbx_real_space_R                        ? 
_refine.pdbx_density_correlation                 ? 
_refine.pdbx_pd_number_of_powder_patterns        ? 
_refine.pdbx_pd_number_of_points                 ? 
_refine.pdbx_pd_meas_number_of_points            ? 
_refine.pdbx_pd_proc_ls_prof_R_factor            ? 
_refine.pdbx_pd_proc_ls_prof_wR_factor           ? 
_refine.pdbx_pd_Marquardt_correlation_coeff      ? 
_refine.pdbx_pd_Fsqrd_R_factor                   ? 
_refine.pdbx_pd_ls_matrix_band_width             ? 
_refine.pdbx_overall_phase_error                 30.8389 
_refine.pdbx_overall_SU_R_free_Cruickshank_DPI   ? 
_refine.pdbx_overall_SU_R_free_Blow_DPI          ? 
_refine.pdbx_overall_SU_R_Blow_DPI               ? 
_refine.pdbx_TLS_residual_ADP_flag               ? 
_refine.pdbx_diffrn_id                           1 
_refine.overall_SU_B                             ? 
_refine.overall_SU_ML                            0.2500 
_refine.overall_SU_R_Cruickshank_DPI             ? 
_refine.overall_SU_R_free                        ? 
_refine.overall_FOM_free_R_set                   ? 
_refine.overall_FOM_work_R_set                   ? 
_refine.pdbx_average_fsc_overall                 ? 
_refine.pdbx_average_fsc_work                    ? 
_refine.pdbx_average_fsc_free                    ? 
# 
_refine_hist.pdbx_refine_id                   'X-RAY DIFFRACTION' 
_refine_hist.cycle_id                         LAST 
_refine_hist.details                          ? 
_refine_hist.d_res_high                       2.30 
_refine_hist.d_res_low                        42.08 
_refine_hist.number_atoms_solvent             0 
_refine_hist.number_atoms_total               835 
_refine_hist.number_reflns_all                ? 
_refine_hist.number_reflns_obs                ? 
_refine_hist.number_reflns_R_free             ? 
_refine_hist.number_reflns_R_work             ? 
_refine_hist.R_factor_all                     ? 
_refine_hist.R_factor_obs                     ? 
_refine_hist.R_factor_R_free                  ? 
_refine_hist.R_factor_R_work                  ? 
_refine_hist.pdbx_number_residues_total       ? 
_refine_hist.pdbx_B_iso_mean_ligand           ? 
_refine_hist.pdbx_B_iso_mean_solvent          ? 
_refine_hist.pdbx_number_atoms_protein        835 
_refine_hist.pdbx_number_atoms_nucleic_acid   0 
_refine_hist.pdbx_number_atoms_ligand         0 
_refine_hist.pdbx_number_atoms_lipid          ? 
_refine_hist.pdbx_number_atoms_carb           ? 
_refine_hist.pdbx_pseudo_atom_details         ? 
# 
loop_
_refine_ls_restr.pdbx_refine_id 
_refine_ls_restr.criterion 
_refine_ls_restr.dev_ideal 
_refine_ls_restr.dev_ideal_target 
_refine_ls_restr.number 
_refine_ls_restr.rejects 
_refine_ls_restr.type 
_refine_ls_restr.weight 
_refine_ls_restr.pdbx_restraint_function 
'X-RAY DIFFRACTION' ? 0.0073  ? 852  ? f_bond_d           ? ? 
'X-RAY DIFFRACTION' ? 0.9957  ? 1159 ? f_angle_d          ? ? 
'X-RAY DIFFRACTION' ? 0.0643  ? 135  ? f_chiral_restr     ? ? 
'X-RAY DIFFRACTION' ? 0.0060  ? 148  ? f_plane_restr      ? ? 
'X-RAY DIFFRACTION' ? 16.0370 ? 299  ? f_dihedral_angle_d ? ? 
# 
loop_
_refine_ls_shell.pdbx_refine_id 
_refine_ls_shell.d_res_high 
_refine_ls_shell.d_res_low 
_refine_ls_shell.number_reflns_all 
_refine_ls_shell.number_reflns_obs 
_refine_ls_shell.number_reflns_R_free 
_refine_ls_shell.number_reflns_R_work 
_refine_ls_shell.percent_reflns_obs 
_refine_ls_shell.percent_reflns_R_free 
_refine_ls_shell.R_factor_all 
_refine_ls_shell.R_factor_obs 
_refine_ls_shell.R_factor_R_free_error 
_refine_ls_shell.R_factor_R_work 
_refine_ls_shell.redundancy_reflns_all 
_refine_ls_shell.redundancy_reflns_obs 
_refine_ls_shell.wR_factor_all 
_refine_ls_shell.wR_factor_obs 
_refine_ls_shell.wR_factor_R_free 
_refine_ls_shell.wR_factor_R_work 
_refine_ls_shell.pdbx_R_complete 
_refine_ls_shell.pdbx_total_number_of_bins_used 
_refine_ls_shell.pdbx_phase_error 
_refine_ls_shell.pdbx_fsc_work 
_refine_ls_shell.pdbx_fsc_free 
_refine_ls_shell.R_factor_R_free 
'X-RAY DIFFRACTION' 2.30 2.53  . . 136 1225 99.34  . . . . 0.3309 . . . . . . . . . . . 0.3116 
'X-RAY DIFFRACTION' 2.53 2.90  . . 137 1233 100.00 . . . . 0.3268 . . . . . . . . . . . 0.3396 
'X-RAY DIFFRACTION' 2.90 3.65  . . 138 1243 100.00 . . . . 0.2902 . . . . . . . . . . . 0.3128 
'X-RAY DIFFRACTION' 3.65 42.08 . . 147 1321 99.93  . . . . 0.2411 . . . . . . . . . . . 0.2710 
# 
_struct.entry_id                     8YSB 
_struct.title                        'Crystal structure of DynA1, a putative monoxygenase from Mivromonospora chersina.' 
_struct.pdbx_model_details           ? 
_struct.pdbx_formula_weight          ? 
_struct.pdbx_formula_weight_method   ? 
_struct.pdbx_model_type_details      ? 
_struct.pdbx_CASP_flag               N 
# 
_struct_keywords.entry_id        8YSB 
_struct_keywords.text            
'Anthraquinone-fused enediyne, two-enzyme system, anthraquinone formation, OXIDOREDUCTASE, ISOMERASE' 
_struct_keywords.pdbx_keywords   ISOMERASE 
# 
_struct_asym.id                            A 
_struct_asym.pdbx_blank_PDB_chainid_flag   N 
_struct_asym.pdbx_modified                 N 
_struct_asym.entity_id                     1 
_struct_asym.details                       ? 
# 
_struct_ref.id                         1 
_struct_ref.db_name                    UNP 
_struct_ref.db_code                    B2BM50_9ACTN 
_struct_ref.pdbx_db_accession          B2BM50 
_struct_ref.pdbx_db_isoform            ? 
_struct_ref.entity_id                  1 
_struct_ref.pdbx_seq_one_letter_code   
;SAPDNKAVVRQLIDAWNNGDINALMTFWSPTMVHHGRAGTISAEDTAAEMRRFLDAFPDLRMELHSIVSEGELVATRMTV
HATHTGAYMGIPPTDRPVSCALMGQLRIVDGVVVDHWGVADALGILVQIGMLPSELSTAFS
;
_struct_ref.pdbx_align_begin           2 
# 
_struct_ref_seq.align_id                      1 
_struct_ref_seq.ref_id                        1 
_struct_ref_seq.pdbx_PDB_id_code              8YSB 
_struct_ref_seq.pdbx_strand_id                A 
_struct_ref_seq.seq_align_beg                 6 
_struct_ref_seq.pdbx_seq_align_beg_ins_code   ? 
_struct_ref_seq.seq_align_end                 146 
_struct_ref_seq.pdbx_seq_align_end_ins_code   ? 
_struct_ref_seq.pdbx_db_accession             B2BM50 
_struct_ref_seq.db_align_beg                  2 
_struct_ref_seq.pdbx_db_align_beg_ins_code    ? 
_struct_ref_seq.db_align_end                  142 
_struct_ref_seq.pdbx_db_align_end_ins_code    ? 
_struct_ref_seq.pdbx_auth_seq_align_beg       2 
_struct_ref_seq.pdbx_auth_seq_align_end       142 
# 
loop_
_struct_ref_seq_dif.align_id 
_struct_ref_seq_dif.pdbx_pdb_id_code 
_struct_ref_seq_dif.mon_id 
_struct_ref_seq_dif.pdbx_pdb_strand_id 
_struct_ref_seq_dif.seq_num 
_struct_ref_seq_dif.pdbx_pdb_ins_code 
_struct_ref_seq_dif.pdbx_seq_db_name 
_struct_ref_seq_dif.pdbx_seq_db_accession_code 
_struct_ref_seq_dif.db_mon_id 
_struct_ref_seq_dif.pdbx_seq_db_seq_num 
_struct_ref_seq_dif.details 
_struct_ref_seq_dif.pdbx_auth_seq_num 
_struct_ref_seq_dif.pdbx_ordinal 
1 8YSB GLY A 1   ? UNP B2BM50 ?   ?  'expression tag'      -3 1 
1 8YSB SER A 2   ? UNP B2BM50 ?   ?  'expression tag'      -2 2 
1 8YSB HIS A 3   ? UNP B2BM50 ?   ?  'expression tag'      -1 3 
1 8YSB MET A 4   ? UNP B2BM50 ?   ?  'expression tag'      0  4 
1 8YSB VAL A 5   ? UNP B2BM50 ?   ?  'expression tag'      1  5 
1 8YSB GLY A 100 ? UNP B2BM50 ASP 96 'engineered mutation' 96 6 
# 
_pdbx_struct_assembly.id                   1 
_pdbx_struct_assembly.details              author_defined_assembly 
_pdbx_struct_assembly.method_details       ? 
_pdbx_struct_assembly.oligomeric_details   monomeric 
_pdbx_struct_assembly.oligomeric_count     1 
# 
_pdbx_struct_assembly_gen.assembly_id       1 
_pdbx_struct_assembly_gen.oper_expression   1 
_pdbx_struct_assembly_gen.asym_id_list      A 
# 
_pdbx_struct_assembly_auth_evidence.id                     1 
_pdbx_struct_assembly_auth_evidence.assembly_id            1 
_pdbx_struct_assembly_auth_evidence.experimental_support   none 
_pdbx_struct_assembly_auth_evidence.details                ? 
# 
_pdbx_struct_oper_list.id                   1 
_pdbx_struct_oper_list.type                 'identity operation' 
_pdbx_struct_oper_list.name                 1_555 
_pdbx_struct_oper_list.symmetry_operation   x,y,z 
_pdbx_struct_oper_list.matrix[1][1]         1.0000000000 
_pdbx_struct_oper_list.matrix[1][2]         0.0000000000 
_pdbx_struct_oper_list.matrix[1][3]         0.0000000000 
_pdbx_struct_oper_list.vector[1]            0.0000000000 
_pdbx_struct_oper_list.matrix[2][1]         0.0000000000 
_pdbx_struct_oper_list.matrix[2][2]         1.0000000000 
_pdbx_struct_oper_list.matrix[2][3]         0.0000000000 
_pdbx_struct_oper_list.vector[2]            0.0000000000 
_pdbx_struct_oper_list.matrix[3][1]         0.0000000000 
_pdbx_struct_oper_list.matrix[3][2]         0.0000000000 
_pdbx_struct_oper_list.matrix[3][3]         1.0000000000 
_pdbx_struct_oper_list.vector[3]            0.0000000000 
# 
loop_
_struct_conf.conf_type_id 
_struct_conf.id 
_struct_conf.pdbx_PDB_helix_id 
_struct_conf.beg_label_comp_id 
_struct_conf.beg_label_asym_id 
_struct_conf.beg_label_seq_id 
_struct_conf.pdbx_beg_PDB_ins_code 
_struct_conf.end_label_comp_id 
_struct_conf.end_label_asym_id 
_struct_conf.end_label_seq_id 
_struct_conf.pdbx_end_PDB_ins_code 
_struct_conf.beg_auth_comp_id 
_struct_conf.beg_auth_asym_id 
_struct_conf.beg_auth_seq_id 
_struct_conf.end_auth_comp_id 
_struct_conf.end_auth_asym_id 
_struct_conf.end_auth_seq_id 
_struct_conf.pdbx_PDB_helix_class 
_struct_conf.details 
_struct_conf.pdbx_PDB_helix_length 
HELX_P HELX_P1 AA1 ASP A 9   ? GLY A 24  ? ASP A 5   GLY A 20  1 ? 16 
HELX_P HELX_P2 AA2 ASP A 25  ? PHE A 32  ? ASP A 21  PHE A 28  1 ? 8  
HELX_P HELX_P3 AA3 GLU A 54  ? PHE A 62  ? GLU A 50  PHE A 58  1 ? 9  
HELX_P HELX_P4 AA4 ASP A 126 ? GLY A 135 ? ASP A 122 GLY A 131 1 ? 10 
# 
_struct_conf_type.id          HELX_P 
_struct_conf_type.criteria    ? 
_struct_conf_type.reference   ? 
# 
_struct_sheet.id               AA1 
_struct_sheet.type             ? 
_struct_sheet.number_strands   4 
_struct_sheet.details          ? 
# 
loop_
_struct_sheet_order.sheet_id 
_struct_sheet_order.range_id_1 
_struct_sheet_order.range_id_2 
_struct_sheet_order.offset 
_struct_sheet_order.sense 
AA1 1 2 ? anti-parallel 
AA1 2 3 ? anti-parallel 
AA1 3 4 ? anti-parallel 
# 
loop_
_struct_sheet_range.sheet_id 
_struct_sheet_range.id 
_struct_sheet_range.beg_label_comp_id 
_struct_sheet_range.beg_label_asym_id 
_struct_sheet_range.beg_label_seq_id 
_struct_sheet_range.pdbx_beg_PDB_ins_code 
_struct_sheet_range.end_label_comp_id 
_struct_sheet_range.end_label_asym_id 
_struct_sheet_range.end_label_seq_id 
_struct_sheet_range.pdbx_end_PDB_ins_code 
_struct_sheet_range.beg_auth_comp_id 
_struct_sheet_range.beg_auth_asym_id 
_struct_sheet_range.beg_auth_seq_id 
_struct_sheet_range.end_auth_comp_id 
_struct_sheet_range.end_auth_asym_id 
_struct_sheet_range.end_auth_seq_id 
AA1 1 ARG A 66  ? GLU A 75  ? ARG A 62  GLU A 71  
AA1 2 LEU A 78  ? THR A 88  ? LEU A 74  THR A 84  
AA1 3 PRO A 102 ? VAL A 114 ? PRO A 98  VAL A 110 
AA1 4 VAL A 117 ? ALA A 125 ? VAL A 113 ALA A 121 
# 
loop_
_pdbx_struct_sheet_hbond.sheet_id 
_pdbx_struct_sheet_hbond.range_id_1 
_pdbx_struct_sheet_hbond.range_id_2 
_pdbx_struct_sheet_hbond.range_1_label_atom_id 
_pdbx_struct_sheet_hbond.range_1_label_comp_id 
_pdbx_struct_sheet_hbond.range_1_label_asym_id 
_pdbx_struct_sheet_hbond.range_1_label_seq_id 
_pdbx_struct_sheet_hbond.range_1_PDB_ins_code 
_pdbx_struct_sheet_hbond.range_1_auth_atom_id 
_pdbx_struct_sheet_hbond.range_1_auth_comp_id 
_pdbx_struct_sheet_hbond.range_1_auth_asym_id 
_pdbx_struct_sheet_hbond.range_1_auth_seq_id 
_pdbx_struct_sheet_hbond.range_2_label_atom_id 
_pdbx_struct_sheet_hbond.range_2_label_comp_id 
_pdbx_struct_sheet_hbond.range_2_label_asym_id 
_pdbx_struct_sheet_hbond.range_2_label_seq_id 
_pdbx_struct_sheet_hbond.range_2_PDB_ins_code 
_pdbx_struct_sheet_hbond.range_2_auth_atom_id 
_pdbx_struct_sheet_hbond.range_2_auth_comp_id 
_pdbx_struct_sheet_hbond.range_2_auth_asym_id 
_pdbx_struct_sheet_hbond.range_2_auth_seq_id 
AA1 1 2 N ARG A 66  ? N ARG A 62  O HIS A 86  ? O HIS A 82  
AA1 2 3 N ALA A 87  ? N ALA A 83  O VAL A 103 ? O VAL A 99  
AA1 3 4 N ARG A 112 ? N ARG A 108 O VAL A 119 ? O VAL A 115 
# 
loop_
_space_group_symop.id 
_space_group_symop.operation_xyz 
1 x,y,z               
2 x,-y,-z             
3 -x,y,-z+1/2         
4 -x,-y,z+1/2         
5 x+1/2,y+1/2,z       
6 x+1/2,-y+1/2,-z     
7 -x+1/2,y+1/2,-z+1/2 
8 -x+1/2,-y+1/2,z+1/2 
# 
loop_
_pdbx_unobs_or_zero_occ_residues.id 
_pdbx_unobs_or_zero_occ_residues.PDB_model_num 
_pdbx_unobs_or_zero_occ_residues.polymer_flag 
_pdbx_unobs_or_zero_occ_residues.occupancy_flag 
_pdbx_unobs_or_zero_occ_residues.auth_asym_id 
_pdbx_unobs_or_zero_occ_residues.auth_comp_id 
_pdbx_unobs_or_zero_occ_residues.auth_seq_id 
_pdbx_unobs_or_zero_occ_residues.PDB_ins_code 
_pdbx_unobs_or_zero_occ_residues.label_asym_id 
_pdbx_unobs_or_zero_occ_residues.label_comp_id 
_pdbx_unobs_or_zero_occ_residues.label_seq_id 
1  1 Y 1 A GLY -3  ? A GLY 1   
2  1 Y 1 A SER -2  ? A SER 2   
3  1 Y 1 A HIS -1  ? A HIS 3   
4  1 Y 1 A MET 0   ? A MET 4   
5  1 Y 1 A VAL 1   ? A VAL 5   
6  1 Y 1 A SER 2   ? A SER 6   
7  1 Y 1 A ALA 3   ? A ALA 7   
8  1 Y 1 A SER 30  ? A SER 34  
9  1 Y 1 A PRO 31  ? A PRO 35  
10 1 Y 1 A THR 32  ? A THR 36  
11 1 Y 1 A MET 33  ? A MET 37  
12 1 Y 1 A VAL 34  ? A VAL 38  
13 1 Y 1 A HIS 35  ? A HIS 39  
14 1 Y 1 A HIS 36  ? A HIS 40  
15 1 Y 1 A GLY 37  ? A GLY 41  
16 1 Y 1 A ARG 38  ? A ARG 42  
17 1 Y 1 A ALA 39  ? A ALA 43  
18 1 Y 1 A GLY 40  ? A GLY 44  
19 1 Y 1 A THR 41  ? A THR 45  
20 1 Y 1 A ILE 42  ? A ILE 46  
21 1 Y 1 A SER 43  ? A SER 47  
22 1 Y 1 A ALA 44  ? A ALA 48  
23 1 Y 1 A GLU 45  ? A GLU 49  
24 1 Y 1 A ASP 46  ? A ASP 50  
25 1 Y 1 A THR 47  ? A THR 51  
26 1 Y 1 A ALA 48  ? A ALA 52  
27 1 Y 1 A LEU 133 ? A LEU 137 
28 1 Y 1 A PRO 134 ? A PRO 138 
29 1 Y 1 A SER 135 ? A SER 139 
30 1 Y 1 A GLU 136 ? A GLU 140 
31 1 Y 1 A LEU 137 ? A LEU 141 
32 1 Y 1 A SER 138 ? A SER 142 
33 1 Y 1 A THR 139 ? A THR 143 
34 1 Y 1 A ALA 140 ? A ALA 144 
35 1 Y 1 A PHE 141 ? A PHE 145 
36 1 Y 1 A SER 142 ? A SER 146 
# 
loop_
_chem_comp_atom.comp_id 
_chem_comp_atom.atom_id 
_chem_comp_atom.type_symbol 
_chem_comp_atom.pdbx_aromatic_flag 
_chem_comp_atom.pdbx_stereo_config 
_chem_comp_atom.pdbx_ordinal 
ALA N    N N N 1   
ALA CA   C N S 2   
ALA C    C N N 3   
ALA O    O N N 4   
ALA CB   C N N 5   
ALA OXT  O N N 6   
ALA H    H N N 7   
ALA H2   H N N 8   
ALA HA   H N N 9   
ALA HB1  H N N 10  
ALA HB2  H N N 11  
ALA HB3  H N N 12  
ALA HXT  H N N 13  
ARG N    N N N 14  
ARG CA   C N S 15  
ARG C    C N N 16  
ARG O    O N N 17  
ARG CB   C N N 18  
ARG CG   C N N 19  
ARG CD   C N N 20  
ARG NE   N N N 21  
ARG CZ   C N N 22  
ARG NH1  N N N 23  
ARG NH2  N N N 24  
ARG OXT  O N N 25  
ARG H    H N N 26  
ARG H2   H N N 27  
ARG HA   H N N 28  
ARG HB2  H N N 29  
ARG HB3  H N N 30  
ARG HG2  H N N 31  
ARG HG3  H N N 32  
ARG HD2  H N N 33  
ARG HD3  H N N 34  
ARG HE   H N N 35  
ARG HH11 H N N 36  
ARG HH12 H N N 37  
ARG HH21 H N N 38  
ARG HH22 H N N 39  
ARG HXT  H N N 40  
ASN N    N N N 41  
ASN CA   C N S 42  
ASN C    C N N 43  
ASN O    O N N 44  
ASN CB   C N N 45  
ASN CG   C N N 46  
ASN OD1  O N N 47  
ASN ND2  N N N 48  
ASN OXT  O N N 49  
ASN H    H N N 50  
ASN H2   H N N 51  
ASN HA   H N N 52  
ASN HB2  H N N 53  
ASN HB3  H N N 54  
ASN HD21 H N N 55  
ASN HD22 H N N 56  
ASN HXT  H N N 57  
ASP N    N N N 58  
ASP CA   C N S 59  
ASP C    C N N 60  
ASP O    O N N 61  
ASP CB   C N N 62  
ASP CG   C N N 63  
ASP OD1  O N N 64  
ASP OD2  O N N 65  
ASP OXT  O N N 66  
ASP H    H N N 67  
ASP H2   H N N 68  
ASP HA   H N N 69  
ASP HB2  H N N 70  
ASP HB3  H N N 71  
ASP HD2  H N N 72  
ASP HXT  H N N 73  
CYS N    N N N 74  
CYS CA   C N R 75  
CYS C    C N N 76  
CYS O    O N N 77  
CYS CB   C N N 78  
CYS SG   S N N 79  
CYS OXT  O N N 80  
CYS H    H N N 81  
CYS H2   H N N 82  
CYS HA   H N N 83  
CYS HB2  H N N 84  
CYS HB3  H N N 85  
CYS HG   H N N 86  
CYS HXT  H N N 87  
GLN N    N N N 88  
GLN CA   C N S 89  
GLN C    C N N 90  
GLN O    O N N 91  
GLN CB   C N N 92  
GLN CG   C N N 93  
GLN CD   C N N 94  
GLN OE1  O N N 95  
GLN NE2  N N N 96  
GLN OXT  O N N 97  
GLN H    H N N 98  
GLN H2   H N N 99  
GLN HA   H N N 100 
GLN HB2  H N N 101 
GLN HB3  H N N 102 
GLN HG2  H N N 103 
GLN HG3  H N N 104 
GLN HE21 H N N 105 
GLN HE22 H N N 106 
GLN HXT  H N N 107 
GLU N    N N N 108 
GLU CA   C N S 109 
GLU C    C N N 110 
GLU O    O N N 111 
GLU CB   C N N 112 
GLU CG   C N N 113 
GLU CD   C N N 114 
GLU OE1  O N N 115 
GLU OE2  O N N 116 
GLU OXT  O N N 117 
GLU H    H N N 118 
GLU H2   H N N 119 
GLU HA   H N N 120 
GLU HB2  H N N 121 
GLU HB3  H N N 122 
GLU HG2  H N N 123 
GLU HG3  H N N 124 
GLU HE2  H N N 125 
GLU HXT  H N N 126 
GLY N    N N N 127 
GLY CA   C N N 128 
GLY C    C N N 129 
GLY O    O N N 130 
GLY OXT  O N N 131 
GLY H    H N N 132 
GLY H2   H N N 133 
GLY HA2  H N N 134 
GLY HA3  H N N 135 
GLY HXT  H N N 136 
HIS N    N N N 137 
HIS CA   C N S 138 
HIS C    C N N 139 
HIS O    O N N 140 
HIS CB   C N N 141 
HIS CG   C Y N 142 
HIS ND1  N Y N 143 
HIS CD2  C Y N 144 
HIS CE1  C Y N 145 
HIS NE2  N Y N 146 
HIS OXT  O N N 147 
HIS H    H N N 148 
HIS H2   H N N 149 
HIS HA   H N N 150 
HIS HB2  H N N 151 
HIS HB3  H N N 152 
HIS HD1  H N N 153 
HIS HD2  H N N 154 
HIS HE1  H N N 155 
HIS HE2  H N N 156 
HIS HXT  H N N 157 
ILE N    N N N 158 
ILE CA   C N S 159 
ILE C    C N N 160 
ILE O    O N N 161 
ILE CB   C N S 162 
ILE CG1  C N N 163 
ILE CG2  C N N 164 
ILE CD1  C N N 165 
ILE OXT  O N N 166 
ILE H    H N N 167 
ILE H2   H N N 168 
ILE HA   H N N 169 
ILE HB   H N N 170 
ILE HG12 H N N 171 
ILE HG13 H N N 172 
ILE HG21 H N N 173 
ILE HG22 H N N 174 
ILE HG23 H N N 175 
ILE HD11 H N N 176 
ILE HD12 H N N 177 
ILE HD13 H N N 178 
ILE HXT  H N N 179 
LEU N    N N N 180 
LEU CA   C N S 181 
LEU C    C N N 182 
LEU O    O N N 183 
LEU CB   C N N 184 
LEU CG   C N N 185 
LEU CD1  C N N 186 
LEU CD2  C N N 187 
LEU OXT  O N N 188 
LEU H    H N N 189 
LEU H2   H N N 190 
LEU HA   H N N 191 
LEU HB2  H N N 192 
LEU HB3  H N N 193 
LEU HG   H N N 194 
LEU HD11 H N N 195 
LEU HD12 H N N 196 
LEU HD13 H N N 197 
LEU HD21 H N N 198 
LEU HD22 H N N 199 
LEU HD23 H N N 200 
LEU HXT  H N N 201 
LYS N    N N N 202 
LYS CA   C N S 203 
LYS C    C N N 204 
LYS O    O N N 205 
LYS CB   C N N 206 
LYS CG   C N N 207 
LYS CD   C N N 208 
LYS CE   C N N 209 
LYS NZ   N N N 210 
LYS OXT  O N N 211 
LYS H    H N N 212 
LYS H2   H N N 213 
LYS HA   H N N 214 
LYS HB2  H N N 215 
LYS HB3  H N N 216 
LYS HG2  H N N 217 
LYS HG3  H N N 218 
LYS HD2  H N N 219 
LYS HD3  H N N 220 
LYS HE2  H N N 221 
LYS HE3  H N N 222 
LYS HZ1  H N N 223 
LYS HZ2  H N N 224 
LYS HZ3  H N N 225 
LYS HXT  H N N 226 
MET N    N N N 227 
MET CA   C N S 228 
MET C    C N N 229 
MET O    O N N 230 
MET CB   C N N 231 
MET CG   C N N 232 
MET SD   S N N 233 
MET CE   C N N 234 
MET OXT  O N N 235 
MET H    H N N 236 
MET H2   H N N 237 
MET HA   H N N 238 
MET HB2  H N N 239 
MET HB3  H N N 240 
MET HG2  H N N 241 
MET HG3  H N N 242 
MET HE1  H N N 243 
MET HE2  H N N 244 
MET HE3  H N N 245 
MET HXT  H N N 246 
PHE N    N N N 247 
PHE CA   C N S 248 
PHE C    C N N 249 
PHE O    O N N 250 
PHE CB   C N N 251 
PHE CG   C Y N 252 
PHE CD1  C Y N 253 
PHE CD2  C Y N 254 
PHE CE1  C Y N 255 
PHE CE2  C Y N 256 
PHE CZ   C Y N 257 
PHE OXT  O N N 258 
PHE H    H N N 259 
PHE H2   H N N 260 
PHE HA   H N N 261 
PHE HB2  H N N 262 
PHE HB3  H N N 263 
PHE HD1  H N N 264 
PHE HD2  H N N 265 
PHE HE1  H N N 266 
PHE HE2  H N N 267 
PHE HZ   H N N 268 
PHE HXT  H N N 269 
PRO N    N N N 270 
PRO CA   C N S 271 
PRO C    C N N 272 
PRO O    O N N 273 
PRO CB   C N N 274 
PRO CG   C N N 275 
PRO CD   C N N 276 
PRO OXT  O N N 277 
PRO H    H N N 278 
PRO HA   H N N 279 
PRO HB2  H N N 280 
PRO HB3  H N N 281 
PRO HG2  H N N 282 
PRO HG3  H N N 283 
PRO HD2  H N N 284 
PRO HD3  H N N 285 
PRO HXT  H N N 286 
SER N    N N N 287 
SER CA   C N S 288 
SER C    C N N 289 
SER O    O N N 290 
SER CB   C N N 291 
SER OG   O N N 292 
SER OXT  O N N 293 
SER H    H N N 294 
SER H2   H N N 295 
SER HA   H N N 296 
SER HB2  H N N 297 
SER HB3  H N N 298 
SER HG   H N N 299 
SER HXT  H N N 300 
THR N    N N N 301 
THR CA   C N S 302 
THR C    C N N 303 
THR O    O N N 304 
THR CB   C N R 305 
THR OG1  O N N 306 
THR CG2  C N N 307 
THR OXT  O N N 308 
THR H    H N N 309 
THR H2   H N N 310 
THR HA   H N N 311 
THR HB   H N N 312 
THR HG1  H N N 313 
THR HG21 H N N 314 
THR HG22 H N N 315 
THR HG23 H N N 316 
THR HXT  H N N 317 
TRP N    N N N 318 
TRP CA   C N S 319 
TRP C    C N N 320 
TRP O    O N N 321 
TRP CB   C N N 322 
TRP CG   C Y N 323 
TRP CD1  C Y N 324 
TRP CD2  C Y N 325 
TRP NE1  N Y N 326 
TRP CE2  C Y N 327 
TRP CE3  C Y N 328 
TRP CZ2  C Y N 329 
TRP CZ3  C Y N 330 
TRP CH2  C Y N 331 
TRP OXT  O N N 332 
TRP H    H N N 333 
TRP H2   H N N 334 
TRP HA   H N N 335 
TRP HB2  H N N 336 
TRP HB3  H N N 337 
TRP HD1  H N N 338 
TRP HE1  H N N 339 
TRP HE3  H N N 340 
TRP HZ2  H N N 341 
TRP HZ3  H N N 342 
TRP HH2  H N N 343 
TRP HXT  H N N 344 
TYR N    N N N 345 
TYR CA   C N S 346 
TYR C    C N N 347 
TYR O    O N N 348 
TYR CB   C N N 349 
TYR CG   C Y N 350 
TYR CD1  C Y N 351 
TYR CD2  C Y N 352 
TYR CE1  C Y N 353 
TYR CE2  C Y N 354 
TYR CZ   C Y N 355 
TYR OH   O N N 356 
TYR OXT  O N N 357 
TYR H    H N N 358 
TYR H2   H N N 359 
TYR HA   H N N 360 
TYR HB2  H N N 361 
TYR HB3  H N N 362 
TYR HD1  H N N 363 
TYR HD2  H N N 364 
TYR HE1  H N N 365 
TYR HE2  H N N 366 
TYR HH   H N N 367 
TYR HXT  H N N 368 
VAL N    N N N 369 
VAL CA   C N S 370 
VAL C    C N N 371 
VAL O    O N N 372 
VAL CB   C N N 373 
VAL CG1  C N N 374 
VAL CG2  C N N 375 
VAL OXT  O N N 376 
VAL H    H N N 377 
VAL H2   H N N 378 
VAL HA   H N N 379 
VAL HB   H N N 380 
VAL HG11 H N N 381 
VAL HG12 H N N 382 
VAL HG13 H N N 383 
VAL HG21 H N N 384 
VAL HG22 H N N 385 
VAL HG23 H N N 386 
VAL HXT  H N N 387 
# 
loop_
_chem_comp_bond.comp_id 
_chem_comp_bond.atom_id_1 
_chem_comp_bond.atom_id_2 
_chem_comp_bond.value_order 
_chem_comp_bond.pdbx_aromatic_flag 
_chem_comp_bond.pdbx_stereo_config 
_chem_comp_bond.pdbx_ordinal 
ALA N   CA   sing N N 1   
ALA N   H    sing N N 2   
ALA N   H2   sing N N 3   
ALA CA  C    sing N N 4   
ALA CA  CB   sing N N 5   
ALA CA  HA   sing N N 6   
ALA C   O    doub N N 7   
ALA C   OXT  sing N N 8   
ALA CB  HB1  sing N N 9   
ALA CB  HB2  sing N N 10  
ALA CB  HB3  sing N N 11  
ALA OXT HXT  sing N N 12  
ARG N   CA   sing N N 13  
ARG N   H    sing N N 14  
ARG N   H2   sing N N 15  
ARG CA  C    sing N N 16  
ARG CA  CB   sing N N 17  
ARG CA  HA   sing N N 18  
ARG C   O    doub N N 19  
ARG C   OXT  sing N N 20  
ARG CB  CG   sing N N 21  
ARG CB  HB2  sing N N 22  
ARG CB  HB3  sing N N 23  
ARG CG  CD   sing N N 24  
ARG CG  HG2  sing N N 25  
ARG CG  HG3  sing N N 26  
ARG CD  NE   sing N N 27  
ARG CD  HD2  sing N N 28  
ARG CD  HD3  sing N N 29  
ARG NE  CZ   sing N N 30  
ARG NE  HE   sing N N 31  
ARG CZ  NH1  sing N N 32  
ARG CZ  NH2  doub N N 33  
ARG NH1 HH11 sing N N 34  
ARG NH1 HH12 sing N N 35  
ARG NH2 HH21 sing N N 36  
ARG NH2 HH22 sing N N 37  
ARG OXT HXT  sing N N 38  
ASN N   CA   sing N N 39  
ASN N   H    sing N N 40  
ASN N   H2   sing N N 41  
ASN CA  C    sing N N 42  
ASN CA  CB   sing N N 43  
ASN CA  HA   sing N N 44  
ASN C   O    doub N N 45  
ASN C   OXT  sing N N 46  
ASN CB  CG   sing N N 47  
ASN CB  HB2  sing N N 48  
ASN CB  HB3  sing N N 49  
ASN CG  OD1  doub N N 50  
ASN CG  ND2  sing N N 51  
ASN ND2 HD21 sing N N 52  
ASN ND2 HD22 sing N N 53  
ASN OXT HXT  sing N N 54  
ASP N   CA   sing N N 55  
ASP N   H    sing N N 56  
ASP N   H2   sing N N 57  
ASP CA  C    sing N N 58  
ASP CA  CB   sing N N 59  
ASP CA  HA   sing N N 60  
ASP C   O    doub N N 61  
ASP C   OXT  sing N N 62  
ASP CB  CG   sing N N 63  
ASP CB  HB2  sing N N 64  
ASP CB  HB3  sing N N 65  
ASP CG  OD1  doub N N 66  
ASP CG  OD2  sing N N 67  
ASP OD2 HD2  sing N N 68  
ASP OXT HXT  sing N N 69  
CYS N   CA   sing N N 70  
CYS N   H    sing N N 71  
CYS N   H2   sing N N 72  
CYS CA  C    sing N N 73  
CYS CA  CB   sing N N 74  
CYS CA  HA   sing N N 75  
CYS C   O    doub N N 76  
CYS C   OXT  sing N N 77  
CYS CB  SG   sing N N 78  
CYS CB  HB2  sing N N 79  
CYS CB  HB3  sing N N 80  
CYS SG  HG   sing N N 81  
CYS OXT HXT  sing N N 82  
GLN N   CA   sing N N 83  
GLN N   H    sing N N 84  
GLN N   H2   sing N N 85  
GLN CA  C    sing N N 86  
GLN CA  CB   sing N N 87  
GLN CA  HA   sing N N 88  
GLN C   O    doub N N 89  
GLN C   OXT  sing N N 90  
GLN CB  CG   sing N N 91  
GLN CB  HB2  sing N N 92  
GLN CB  HB3  sing N N 93  
GLN CG  CD   sing N N 94  
GLN CG  HG2  sing N N 95  
GLN CG  HG3  sing N N 96  
GLN CD  OE1  doub N N 97  
GLN CD  NE2  sing N N 98  
GLN NE2 HE21 sing N N 99  
GLN NE2 HE22 sing N N 100 
GLN OXT HXT  sing N N 101 
GLU N   CA   sing N N 102 
GLU N   H    sing N N 103 
GLU N   H2   sing N N 104 
GLU CA  C    sing N N 105 
GLU CA  CB   sing N N 106 
GLU CA  HA   sing N N 107 
GLU C   O    doub N N 108 
GLU C   OXT  sing N N 109 
GLU CB  CG   sing N N 110 
GLU CB  HB2  sing N N 111 
GLU CB  HB3  sing N N 112 
GLU CG  CD   sing N N 113 
GLU CG  HG2  sing N N 114 
GLU CG  HG3  sing N N 115 
GLU CD  OE1  doub N N 116 
GLU CD  OE2  sing N N 117 
GLU OE2 HE2  sing N N 118 
GLU OXT HXT  sing N N 119 
GLY N   CA   sing N N 120 
GLY N   H    sing N N 121 
GLY N   H2   sing N N 122 
GLY CA  C    sing N N 123 
GLY CA  HA2  sing N N 124 
GLY CA  HA3  sing N N 125 
GLY C   O    doub N N 126 
GLY C   OXT  sing N N 127 
GLY OXT HXT  sing N N 128 
HIS N   CA   sing N N 129 
HIS N   H    sing N N 130 
HIS N   H2   sing N N 131 
HIS CA  C    sing N N 132 
HIS CA  CB   sing N N 133 
HIS CA  HA   sing N N 134 
HIS C   O    doub N N 135 
HIS C   OXT  sing N N 136 
HIS CB  CG   sing N N 137 
HIS CB  HB2  sing N N 138 
HIS CB  HB3  sing N N 139 
HIS CG  ND1  sing Y N 140 
HIS CG  CD2  doub Y N 141 
HIS ND1 CE1  doub Y N 142 
HIS ND1 HD1  sing N N 143 
HIS CD2 NE2  sing Y N 144 
HIS CD2 HD2  sing N N 145 
HIS CE1 NE2  sing Y N 146 
HIS CE1 HE1  sing N N 147 
HIS NE2 HE2  sing N N 148 
HIS OXT HXT  sing N N 149 
ILE N   CA   sing N N 150 
ILE N   H    sing N N 151 
ILE N   H2   sing N N 152 
ILE CA  C    sing N N 153 
ILE CA  CB   sing N N 154 
ILE CA  HA   sing N N 155 
ILE C   O    doub N N 156 
ILE C   OXT  sing N N 157 
ILE CB  CG1  sing N N 158 
ILE CB  CG2  sing N N 159 
ILE CB  HB   sing N N 160 
ILE CG1 CD1  sing N N 161 
ILE CG1 HG12 sing N N 162 
ILE CG1 HG13 sing N N 163 
ILE CG2 HG21 sing N N 164 
ILE CG2 HG22 sing N N 165 
ILE CG2 HG23 sing N N 166 
ILE CD1 HD11 sing N N 167 
ILE CD1 HD12 sing N N 168 
ILE CD1 HD13 sing N N 169 
ILE OXT HXT  sing N N 170 
LEU N   CA   sing N N 171 
LEU N   H    sing N N 172 
LEU N   H2   sing N N 173 
LEU CA  C    sing N N 174 
LEU CA  CB   sing N N 175 
LEU CA  HA   sing N N 176 
LEU C   O    doub N N 177 
LEU C   OXT  sing N N 178 
LEU CB  CG   sing N N 179 
LEU CB  HB2  sing N N 180 
LEU CB  HB3  sing N N 181 
LEU CG  CD1  sing N N 182 
LEU CG  CD2  sing N N 183 
LEU CG  HG   sing N N 184 
LEU CD1 HD11 sing N N 185 
LEU CD1 HD12 sing N N 186 
LEU CD1 HD13 sing N N 187 
LEU CD2 HD21 sing N N 188 
LEU CD2 HD22 sing N N 189 
LEU CD2 HD23 sing N N 190 
LEU OXT HXT  sing N N 191 
LYS N   CA   sing N N 192 
LYS N   H    sing N N 193 
LYS N   H2   sing N N 194 
LYS CA  C    sing N N 195 
LYS CA  CB   sing N N 196 
LYS CA  HA   sing N N 197 
LYS C   O    doub N N 198 
LYS C   OXT  sing N N 199 
LYS CB  CG   sing N N 200 
LYS CB  HB2  sing N N 201 
LYS CB  HB3  sing N N 202 
LYS CG  CD   sing N N 203 
LYS CG  HG2  sing N N 204 
LYS CG  HG3  sing N N 205 
LYS CD  CE   sing N N 206 
LYS CD  HD2  sing N N 207 
LYS CD  HD3  sing N N 208 
LYS CE  NZ   sing N N 209 
LYS CE  HE2  sing N N 210 
LYS CE  HE3  sing N N 211 
LYS NZ  HZ1  sing N N 212 
LYS NZ  HZ2  sing N N 213 
LYS NZ  HZ3  sing N N 214 
LYS OXT HXT  sing N N 215 
MET N   CA   sing N N 216 
MET N   H    sing N N 217 
MET N   H2   sing N N 218 
MET CA  C    sing N N 219 
MET CA  CB   sing N N 220 
MET CA  HA   sing N N 221 
MET C   O    doub N N 222 
MET C   OXT  sing N N 223 
MET CB  CG   sing N N 224 
MET CB  HB2  sing N N 225 
MET CB  HB3  sing N N 226 
MET CG  SD   sing N N 227 
MET CG  HG2  sing N N 228 
MET CG  HG3  sing N N 229 
MET SD  CE   sing N N 230 
MET CE  HE1  sing N N 231 
MET CE  HE2  sing N N 232 
MET CE  HE3  sing N N 233 
MET OXT HXT  sing N N 234 
PHE N   CA   sing N N 235 
PHE N   H    sing N N 236 
PHE N   H2   sing N N 237 
PHE CA  C    sing N N 238 
PHE CA  CB   sing N N 239 
PHE CA  HA   sing N N 240 
PHE C   O    doub N N 241 
PHE C   OXT  sing N N 242 
PHE CB  CG   sing N N 243 
PHE CB  HB2  sing N N 244 
PHE CB  HB3  sing N N 245 
PHE CG  CD1  doub Y N 246 
PHE CG  CD2  sing Y N 247 
PHE CD1 CE1  sing Y N 248 
PHE CD1 HD1  sing N N 249 
PHE CD2 CE2  doub Y N 250 
PHE CD2 HD2  sing N N 251 
PHE CE1 CZ   doub Y N 252 
PHE CE1 HE1  sing N N 253 
PHE CE2 CZ   sing Y N 254 
PHE CE2 HE2  sing N N 255 
PHE CZ  HZ   sing N N 256 
PHE OXT HXT  sing N N 257 
PRO N   CA   sing N N 258 
PRO N   CD   sing N N 259 
PRO N   H    sing N N 260 
PRO CA  C    sing N N 261 
PRO CA  CB   sing N N 262 
PRO CA  HA   sing N N 263 
PRO C   O    doub N N 264 
PRO C   OXT  sing N N 265 
PRO CB  CG   sing N N 266 
PRO CB  HB2  sing N N 267 
PRO CB  HB3  sing N N 268 
PRO CG  CD   sing N N 269 
PRO CG  HG2  sing N N 270 
PRO CG  HG3  sing N N 271 
PRO CD  HD2  sing N N 272 
PRO CD  HD3  sing N N 273 
PRO OXT HXT  sing N N 274 
SER N   CA   sing N N 275 
SER N   H    sing N N 276 
SER N   H2   sing N N 277 
SER CA  C    sing N N 278 
SER CA  CB   sing N N 279 
SER CA  HA   sing N N 280 
SER C   O    doub N N 281 
SER C   OXT  sing N N 282 
SER CB  OG   sing N N 283 
SER CB  HB2  sing N N 284 
SER CB  HB3  sing N N 285 
SER OG  HG   sing N N 286 
SER OXT HXT  sing N N 287 
THR N   CA   sing N N 288 
THR N   H    sing N N 289 
THR N   H2   sing N N 290 
THR CA  C    sing N N 291 
THR CA  CB   sing N N 292 
THR CA  HA   sing N N 293 
THR C   O    doub N N 294 
THR C   OXT  sing N N 295 
THR CB  OG1  sing N N 296 
THR CB  CG2  sing N N 297 
THR CB  HB   sing N N 298 
THR OG1 HG1  sing N N 299 
THR CG2 HG21 sing N N 300 
THR CG2 HG22 sing N N 301 
THR CG2 HG23 sing N N 302 
THR OXT HXT  sing N N 303 
TRP N   CA   sing N N 304 
TRP N   H    sing N N 305 
TRP N   H2   sing N N 306 
TRP CA  C    sing N N 307 
TRP CA  CB   sing N N 308 
TRP CA  HA   sing N N 309 
TRP C   O    doub N N 310 
TRP C   OXT  sing N N 311 
TRP CB  CG   sing N N 312 
TRP CB  HB2  sing N N 313 
TRP CB  HB3  sing N N 314 
TRP CG  CD1  doub Y N 315 
TRP CG  CD2  sing Y N 316 
TRP CD1 NE1  sing Y N 317 
TRP CD1 HD1  sing N N 318 
TRP CD2 CE2  doub Y N 319 
TRP CD2 CE3  sing Y N 320 
TRP NE1 CE2  sing Y N 321 
TRP NE1 HE1  sing N N 322 
TRP CE2 CZ2  sing Y N 323 
TRP CE3 CZ3  doub Y N 324 
TRP CE3 HE3  sing N N 325 
TRP CZ2 CH2  doub Y N 326 
TRP CZ2 HZ2  sing N N 327 
TRP CZ3 CH2  sing Y N 328 
TRP CZ3 HZ3  sing N N 329 
TRP CH2 HH2  sing N N 330 
TRP OXT HXT  sing N N 331 
TYR N   CA   sing N N 332 
TYR N   H    sing N N 333 
TYR N   H2   sing N N 334 
TYR CA  C    sing N N 335 
TYR CA  CB   sing N N 336 
TYR CA  HA   sing N N 337 
TYR C   O    doub N N 338 
TYR C   OXT  sing N N 339 
TYR CB  CG   sing N N 340 
TYR CB  HB2  sing N N 341 
TYR CB  HB3  sing N N 342 
TYR CG  CD1  doub Y N 343 
TYR CG  CD2  sing Y N 344 
TYR CD1 CE1  sing Y N 345 
TYR CD1 HD1  sing N N 346 
TYR CD2 CE2  doub Y N 347 
TYR CD2 HD2  sing N N 348 
TYR CE1 CZ   doub Y N 349 
TYR CE1 HE1  sing N N 350 
TYR CE2 CZ   sing Y N 351 
TYR CE2 HE2  sing N N 352 
TYR CZ  OH   sing N N 353 
TYR OH  HH   sing N N 354 
TYR OXT HXT  sing N N 355 
VAL N   CA   sing N N 356 
VAL N   H    sing N N 357 
VAL N   H2   sing N N 358 
VAL CA  C    sing N N 359 
VAL CA  CB   sing N N 360 
VAL CA  HA   sing N N 361 
VAL C   O    doub N N 362 
VAL C   OXT  sing N N 363 
VAL CB  CG1  sing N N 364 
VAL CB  CG2  sing N N 365 
VAL CB  HB   sing N N 366 
VAL CG1 HG11 sing N N 367 
VAL CG1 HG12 sing N N 368 
VAL CG1 HG13 sing N N 369 
VAL CG2 HG21 sing N N 370 
VAL CG2 HG22 sing N N 371 
VAL CG2 HG23 sing N N 372 
VAL OXT HXT  sing N N 373 
# 
loop_
_pdbx_audit_support.funding_organization 
_pdbx_audit_support.country 
_pdbx_audit_support.grant_number 
_pdbx_audit_support.ordinal 
'Ministry of Education (MoE, Singapore)' Singapore MOE2019-T2-2-099 1 
'Ministry of Education (MoE, Singapore)' Singapore RG108/20         2 
# 
_pdbx_initial_refinement_model.id               1 
_pdbx_initial_refinement_model.entity_id_list   ? 
_pdbx_initial_refinement_model.type             'in silico model' 
_pdbx_initial_refinement_model.source_name      Other 
_pdbx_initial_refinement_model.accession_code   ? 
_pdbx_initial_refinement_model.details          MrBUMP 
# 
_space_group.name_H-M_alt     'C 2 2 21' 
_space_group.name_Hall        'C 2c 2' 
_space_group.IT_number        20 
_space_group.crystal_system   orthorhombic 
_space_group.id               1 
# 
_atom_sites.entry_id                    8YSB 
_atom_sites.Cartn_transf_matrix[1][1]   ? 
_atom_sites.Cartn_transf_matrix[1][2]   ? 
_atom_sites.Cartn_transf_matrix[1][3]   ? 
_atom_sites.Cartn_transf_matrix[2][1]   ? 
_atom_sites.Cartn_transf_matrix[2][2]   ? 
_atom_sites.Cartn_transf_matrix[2][3]   ? 
_atom_sites.Cartn_transf_matrix[3][1]   ? 
_atom_sites.Cartn_transf_matrix[3][2]   ? 
_atom_sites.Cartn_transf_matrix[3][3]   ? 
_atom_sites.Cartn_transf_vector[1]      ? 
_atom_sites.Cartn_transf_vector[2]      ? 
_atom_sites.Cartn_transf_vector[3]      ? 
_atom_sites.Cartn_transform_axes        ? 
_atom_sites.fract_transf_matrix[1][1]   0.01784167 
_atom_sites.fract_transf_matrix[1][2]   0.02332569 
_atom_sites.fract_transf_matrix[1][3]   -0.00197196 
_atom_sites.fract_transf_matrix[2][1]   0.00040655 
_atom_sites.fract_transf_matrix[2][2]   0.00069124 
_atom_sites.fract_transf_matrix[2][3]   0.01185491 
_atom_sites.fract_transf_matrix[3][1]   0.00954702 
_atom_sites.fract_transf_matrix[3][2]   -0.00729418 
_atom_sites.fract_transf_matrix[3][3]   0.00009791 
_atom_sites.fract_transf_vector[1]      0.268934 
_atom_sites.fract_transf_vector[2]      0.527372 
_atom_sites.fract_transf_vector[3]      0.349506 
_atom_sites.solution_primary            ? 
_atom_sites.solution_secondary          ? 
_atom_sites.solution_hydrogens          ? 
_atom_sites.special_details             ? 
# 
loop_
_atom_type.symbol 
_atom_type.scat_dispersion_real 
_atom_type.scat_dispersion_imag 
_atom_type.scat_Cromer_Mann_a1 
_atom_type.scat_Cromer_Mann_a2 
_atom_type.scat_Cromer_Mann_a3 
_atom_type.scat_Cromer_Mann_a4 
_atom_type.scat_Cromer_Mann_b1 
_atom_type.scat_Cromer_Mann_b2 
_atom_type.scat_Cromer_Mann_b3 
_atom_type.scat_Cromer_Mann_b4 
_atom_type.scat_Cromer_Mann_c 
_atom_type.scat_source 
_atom_type.scat_dispersion_source 
C   ? ? 3.54356 2.42580 ? ? 25.62398 1.50364  ? ? 0.0 
;2-Gaussian fit: Grosse-Kunstleve RW, Sauter NK, Adams PD: Newsletter of the IUCr Commission on Crystallographic Computing 2004, 3, 22-31.
;
? 
N   ? ? 4.01032 2.96436 ? ? 19.97189 1.75589  ? ? 0.0 
;2-Gaussian fit: Grosse-Kunstleve RW, Sauter NK, Adams PD: Newsletter of the IUCr Commission on Crystallographic Computing 2004, 3, 22-31.
;
? 
O   ? ? 4.49882 3.47563 ? ? 15.80542 1.70748  ? ? 0.0 
;2-Gaussian fit: Grosse-Kunstleve RW, Sauter NK, Adams PD: Newsletter of the IUCr Commission on Crystallographic Computing 2004, 3, 22-31.
;
? 
O1- ? ? 5.12366 3.84317 ? ? 3.49406  27.47979 ? ? 0.0 
;2-Gaussian fit: Grosse-Kunstleve RW, Sauter NK, Adams PD: Newsletter of the IUCr Commission on Crystallographic Computing 2004, 3, 22-31.
;
? 
S   ? ? 9.55732 6.39887 ? ? 1.23737  29.19336 ? ? 0.0 
;2-Gaussian fit: Grosse-Kunstleve RW, Sauter NK, Adams PD: Newsletter of the IUCr Commission on Crystallographic Computing 2004, 3, 22-31.
;
? 
# 
loop_
_atom_site.group_PDB 
_atom_site.id 
_atom_site.type_symbol 
_atom_site.label_atom_id 
_atom_site.label_alt_id 
_atom_site.label_comp_id 
_atom_site.label_asym_id 
_atom_site.label_entity_id 
_atom_site.label_seq_id 
_atom_site.pdbx_PDB_ins_code 
_atom_site.Cartn_x 
_atom_site.Cartn_y 
_atom_site.Cartn_z 
_atom_site.occupancy 
_atom_site.B_iso_or_equiv 
_atom_site.pdbx_formal_charge 
_atom_site.auth_seq_id 
_atom_site.auth_comp_id 
_atom_site.auth_asym_id 
_atom_site.auth_atom_id 
_atom_site.pdbx_PDB_model_num 
ATOM 1   N N   . PRO A 1 8   ? 3.93869   -2.24007  -23.27762 1.000 70.64000  ? 4   PRO A N   1 
ATOM 2   C CA  . PRO A 1 8   ? 3.88874   -2.32039  -21.81390 1.000 82.20000  ? 4   PRO A CA  1 
ATOM 3   C C   . PRO A 1 8   ? 3.03169   -1.21358  -21.20758 1.000 79.37000  ? 4   PRO A C   1 
ATOM 4   O O   . PRO A 1 8   ? 3.45782   -0.05910  -21.17425 1.000 81.52000  ? 4   PRO A O   1 
ATOM 5   C CB  . PRO A 1 8   ? 5.35921   -2.15923  -21.39463 1.000 72.53000  ? 4   PRO A CB  1 
ATOM 6   C CG  . PRO A 1 8   ? 6.16415   -2.23304  -22.67179 1.000 72.48000  ? 4   PRO A CG  1 
ATOM 7   C CD  . PRO A 1 8   ? 5.24920   -1.77482  -23.75361 1.000 69.94000  ? 4   PRO A CD  1 
ATOM 8   N N   . ASP A 1 9   ? 1.83876   -1.56448  -20.73327 1.000 71.94000  ? 5   ASP A N   1 
ATOM 9   C CA  . ASP A 1 9   ? 0.91179   -0.59096  -20.17190 1.000 73.60000  ? 5   ASP A CA  1 
ATOM 10  C C   . ASP A 1 9   ? 1.21158   -0.41092  -18.68825 1.000 69.78000  ? 5   ASP A C   1 
ATOM 11  O O   . ASP A 1 9   ? 1.11370   -1.36533  -17.90760 1.000 69.24000  ? 5   ASP A O   1 
ATOM 12  C CB  . ASP A 1 9   ? -0.53555  -1.03369  -20.38411 1.000 72.24000  ? 5   ASP A CB  1 
ATOM 13  C CG  . ASP A 1 9   ? -1.54087  -0.00713  -19.88930 1.000 73.82000  ? 5   ASP A CG  1 
ATOM 14  O OD1 . ASP A 1 9   ? -1.14583  1.15231   -19.64572 1.000 83.80000  ? 5   ASP A OD1 1 
ATOM 15  O OD2 . ASP A 1 9   ? -2.73020  -0.36106  -19.74669 1.000 73.90000  ? 5   ASP A OD2 1 
ATOM 16  N N   . ASN A 1 10  ? 1.58071   0.81527   -18.30735 1.000 68.21000  ? 6   ASN A N   1 
ATOM 17  C CA  . ASN A 1 10  ? 1.86246   1.11552   -16.90827 1.000 67.28000  ? 6   ASN A CA  1 
ATOM 18  C C   . ASN A 1 10  ? 0.66496   0.80041   -16.02194 1.000 68.21000  ? 6   ASN A C   1 
ATOM 19  O O   . ASN A 1 10  ? 0.81530   0.22437   -14.93810 1.000 64.17000  ? 6   ASN A O   1 
ATOM 20  C CB  . ASN A 1 10  ? 2.24866   2.58661   -16.75972 1.000 63.56000  ? 6   ASN A CB  1 
ATOM 21  C CG  . ASN A 1 10  ? 3.65995   2.87265   -17.21970 1.000 63.86000  ? 6   ASN A CG  1 
ATOM 22  O OD1 . ASN A 1 10  ? 4.06259   4.02706   -17.35495 1.000 66.91000  ? 6   ASN A OD1 1 
ATOM 23  N ND2 . ASN A 1 10  ? 4.42368   1.81493   -17.46285 1.000 71.11000  ? 6   ASN A ND2 1 
ATOM 24  N N   . LYS A 1 11  ? -0.53596  1.16627   -16.47016 1.000 66.73000  ? 7   LYS A N   1 
ATOM 25  C CA  . LYS A 1 11  ? -1.72443  1.02363   -15.64130 1.000 63.63000  ? 7   LYS A CA  1 
ATOM 26  C C   . LYS A 1 11  ? -2.09303  -0.43397  -15.39634 1.000 66.55000  ? 7   LYS A C   1 
ATOM 27  O O   . LYS A 1 11  ? -2.79590  -0.72645  -14.42405 1.000 70.43000  ? 7   LYS A O   1 
ATOM 28  C CB  . LYS A 1 11  ? -2.89510  1.76741   -16.28599 1.000 63.86000  ? 7   LYS A CB  1 
ATOM 29  C CG  . LYS A 1 11  ? -3.98752  2.14776   -15.31252 1.000 66.77000  ? 7   LYS A CG  1 
ATOM 30  C CD  . LYS A 1 11  ? -4.67965  3.43030   -15.73240 1.000 65.09000  ? 7   LYS A CD  1 
ATOM 31  C CE  . LYS A 1 11  ? -5.43557  3.24378   -17.03165 1.000 69.09000  ? 7   LYS A CE  1 
ATOM 32  N NZ  . LYS A 1 11  ? -6.35732  2.07794   -16.95211 1.000 82.26000  ? 7   LYS A NZ  1 
ATOM 33  N N   . ALA A 1 12  ? -1.63497  -1.34977  -16.24867 1.000 66.73000  ? 8   ALA A N   1 
ATOM 34  C CA  . ALA A 1 12  ? -1.86466  -2.77087  -16.03165 1.000 68.44000  ? 8   ALA A CA  1 
ATOM 35  C C   . ALA A 1 12  ? -0.83971  -3.38848  -15.09365 1.000 58.09000  ? 8   ALA A C   1 
ATOM 36  O O   . ALA A 1 12  ? -1.16214  -4.34448  -14.37837 1.000 62.69000  ? 8   ALA A O   1 
ATOM 37  C CB  . ALA A 1 12  ? -1.85442  -3.51993  -17.36646 1.000 55.16000  ? 8   ALA A CB  1 
ATOM 38  N N   . VAL A 1 13  ? 0.38900   -2.86405  -15.08718 1.000 58.68000  ? 9   VAL A N   1 
ATOM 39  C CA  . VAL A 1 13  ? 1.39876   -3.33176  -14.14037 1.000 61.26000  ? 9   VAL A CA  1 
ATOM 40  C C   . VAL A 1 13  ? 0.93343   -3.08980  -12.71226 1.000 63.78000  ? 9   VAL A C   1 
ATOM 41  O O   . VAL A 1 13  ? 0.93419   -3.99999  -11.87443 1.000 59.17000  ? 9   VAL A O   1 
ATOM 42  C CB  . VAL A 1 13  ? 2.75022   -2.64881  -14.41697 1.000 62.74000  ? 9   VAL A CB  1 
ATOM 43  C CG1 . VAL A 1 13  ? 3.71997   -2.89605  -13.26915 1.000 62.25000  ? 9   VAL A CG1 1 
ATOM 44  C CG2 . VAL A 1 13  ? 3.33211   -3.14190  -15.73119 1.000 60.82000  ? 9   VAL A CG2 1 
ATOM 45  N N   . VAL A 1 14  ? 0.52390   -1.85439  -12.41645 1.000 60.73000  ? 10  VAL A N   1 
ATOM 46  C CA  . VAL A 1 14  ? 0.02626   -1.52258  -11.08368 1.000 63.92000  ? 10  VAL A CA  1 
ATOM 47  C C   . VAL A 1 14  ? -1.09527  -2.47280  -10.67911 1.000 62.24000  ? 10  VAL A C   1 
ATOM 48  O O   . VAL A 1 14  ? -1.01584  -3.14889  -9.64413  1.000 57.16000  ? 10  VAL A O   1 
ATOM 49  C CB  . VAL A 1 14  ? -0.41381  -0.04708  -11.03034 1.000 64.40000  ? 10  VAL A CB  1 
ATOM 50  C CG1 . VAL A 1 14  ? -1.09434  0.25928   -9.71288  1.000 58.83000  ? 10  VAL A CG1 1 
ATOM 51  C CG2 . VAL A 1 14  ? 0.79794   0.86765   -11.21745 1.000 65.33000  ? 10  VAL A CG2 1 
ATOM 52  N N   . ARG A 1 15  ? -2.13608  -2.58118  -11.51209 1.000 62.97000  ? 11  ARG A N   1 
ATOM 53  C CA  . ARG A 1 15  ? -3.27942  -3.42578  -11.17507 1.000 59.98000  ? 11  ARG A CA  1 
ATOM 54  C C   . ARG A 1 15  ? -2.88144  -4.86969  -10.90707 1.000 62.16000  ? 11  ARG A C   1 
ATOM 55  O O   . ARG A 1 15  ? -3.59516  -5.58172  -10.18959 1.000 65.28000  ? 11  ARG A O   1 
ATOM 56  C CB  . ARG A 1 15  ? -4.31924  -3.39998  -12.29254 1.000 63.95000  ? 11  ARG A CB  1 
ATOM 57  C CG  . ARG A 1 15  ? -5.00349  -2.07919  -12.47237 1.000 68.71000  ? 11  ARG A CG  1 
ATOM 58  C CD  . ARG A 1 15  ? -6.21827  -2.22654  -13.35525 1.000 72.56000  ? 11  ARG A CD  1 
ATOM 59  N NE  . ARG A 1 15  ? -7.08532  -1.07981  -13.21798 1.000 78.19000  ? 11  ARG A NE  1 
ATOM 60  C CZ  . ARG A 1 15  ? -8.29080  -1.11662  -12.66433 1.000 83.82000  ? 11  ARG A CZ  1 
ATOM 61  N NH1 . ARG A 1 15  ? -8.77642  -2.26670  -12.21378 1.000 85.46000  ? 11  ARG A NH1 1 
ATOM 62  N NH2 . ARG A 1 15  ? -9.02334  -0.00689  -12.56861 1.000 83.56000  ? 11  ARG A NH2 1 
ATOM 63  N N   . GLN A 1 16  ? -1.72878  -5.29025  -11.42322 1.000 53.88000  ? 12  GLN A N   1 
ATOM 64  C CA  . GLN A 1 16  ? -1.24253  -6.67001  -11.18004 1.000 62.22000  ? 12  GLN A CA  1 
ATOM 65  C C   . GLN A 1 16  ? -0.37791  -6.69757  -9.92215  1.000 59.09000  ? 12  GLN A C   1 
ATOM 66  O O   . GLN A 1 16  ? -0.36271  -7.73132  -9.26603  1.000 57.58000  ? 12  GLN A O   1 
ATOM 67  C CB  . GLN A 1 16  ? -0.49581  -7.19322  -12.40394 1.000 59.70000  ? 12  GLN A CB  1 
ATOM 68  C CG  . GLN A 1 16  ? -1.38858  -7.92043  -13.39635 1.000 70.59000  ? 12  GLN A CG  1 
ATOM 69  C CD  . GLN A 1 16  ? -1.00089  -7.65295  -14.82944 1.000 72.32000  ? 12  GLN A CD  1 
ATOM 70  O OE1 . GLN A 1 16  ? 0.13390   -7.87806  -15.24011 1.000 75.60000  ? 12  GLN A OE1 1 
ATOM 71  N NE2 . GLN A 1 16  ? -1.95111  -7.16600  -15.60703 1.000 68.84000  ? 12  GLN A NE2 1 
ATOM 72  N N   . LEU A 1 17  ? 0.31473   -5.60407  -9.61677  1.000 56.99000  ? 13  LEU A N   1 
ATOM 73  C CA  . LEU A 1 17  ? 1.11232   -5.50533  -8.36695  1.000 59.65000  ? 13  LEU A CA  1 
ATOM 74  C C   . LEU A 1 17  ? 0.15712   -5.60305  -7.17988  1.000 59.08000  ? 13  LEU A C   1 
ATOM 75  O O   . LEU A 1 17  ? 0.48050   -6.32177  -6.23297  1.000 62.28000  ? 13  LEU A O   1 
ATOM 76  C CB  . LEU A 1 17  ? 1.84850   -4.16266  -8.34721  1.000 60.42000  ? 13  LEU A CB  1 
ATOM 77  C CG  . LEU A 1 17  ? 3.37026   -4.23058  -8.39744  1.000 67.31000  ? 13  LEU A CG  1 
ATOM 78  C CD1 . LEU A 1 17  ? 3.96789   -2.89292  -8.00381  1.000 71.02000  ? 13  LEU A CD1 1 
ATOM 79  C CD2 . LEU A 1 17  ? 3.89648   -5.33007  -7.49242  1.000 67.93000  ? 13  LEU A CD2 1 
ATOM 80  N N   . ILE A 1 18  ? -0.97827  -4.91251  -7.25437  1.000 50.78000  ? 14  ILE A N   1 
ATOM 81  C CA  . ILE A 1 18  ? -1.97490  -4.93870  -6.14822  1.000 63.70000  ? 14  ILE A CA  1 
ATOM 82  C C   . ILE A 1 18  ? -2.54235  -6.35184  -6.02732  1.000 65.87000  ? 14  ILE A C   1 
ATOM 83  O O   . ILE A 1 18  ? -2.64878  -6.84495  -4.89742  1.000 62.28000  ? 14  ILE A O   1 
ATOM 84  C CB  . ILE A 1 18  ? -3.06237  -3.87097  -6.35761  1.000 59.40000  ? 14  ILE A CB  1 
ATOM 85  C CG1 . ILE A 1 18  ? -2.48672  -2.47075  -6.15430  1.000 60.29000  ? 14  ILE A CG1 1 
ATOM 86  C CG2 . ILE A 1 18  ? -4.27033  -4.11077  -5.46629  1.000 51.43000  ? 14  ILE A CG2 1 
ATOM 87  C CD1 . ILE A 1 18  ? -2.97234  -1.47266  -7.16004  1.000 59.08000  ? 14  ILE A CD1 1 
ATOM 88  N N   . ASP A 1 19  ? -2.84899  -6.98249  -7.15672  1.000 63.84000  ? 15  ASP A N   1 
ATOM 89  C CA  . ASP A 1 19  ? -3.37466  -8.36878  -7.14606  1.000 61.13000  ? 15  ASP A CA  1 
ATOM 90  C C   . ASP A 1 19  ? -2.34337  -9.28173  -6.49475  1.000 57.65000  ? 15  ASP A C   1 
ATOM 91  O O   . ASP A 1 19  ? -2.71439  -10.04202 -5.60580  1.000 63.26000  ? 15  ASP A O   1 
ATOM 92  C CB  . ASP A 1 19  ? -3.70651  -8.82054  -8.56666  1.000 61.10000  ? 15  ASP A CB  1 
ATOM 93  C CG  . ASP A 1 19  ? -4.96791  -8.18771  -9.12058  1.000 72.88000  ? 15  ASP A CG  1 
ATOM 94  O OD1 . ASP A 1 19  ? -5.72522  -7.60175  -8.32494  1.000 82.34000  ? 15  ASP A OD1 1 
ATOM 95  O OD2 . ASP A 1 19  ? -5.17560  -8.27504  -10.34619 1.000 77.93000  ? 15  ASP A OD2 1 
ATOM 96  N N   . ALA A 1 20  ? -1.09175  -9.17453  -6.91777  1.000 58.25000  ? 16  ALA A N   1 
ATOM 97  C CA  . ALA A 1 20  ? -0.01254  -10.01960 -6.37330  1.000 64.21000  ? 16  ALA A CA  1 
ATOM 98  C C   . ALA A 1 20  ? 0.08599   -9.85220  -4.85996  1.000 64.23000  ? 16  ALA A C   1 
ATOM 99  O O   . ALA A 1 20  ? 0.20901   -10.85798 -4.16607  1.000 59.04000  ? 16  ALA A O   1 
ATOM 100 C CB  . ALA A 1 20  ? 1.28274   -9.64261  -7.03105  1.000 58.97000  ? 16  ALA A CB  1 
ATOM 101 N N   . TRP A 1 21  ? 0.07412   -8.61445  -4.38648  1.000 58.97000  ? 17  TRP A N   1 
ATOM 102 C CA  . TRP A 1 21  ? 0.23106   -8.37477  -2.93749  1.000 59.79000  ? 17  TRP A CA  1 
ATOM 103 C C   . TRP A 1 21  ? -0.96084  -8.96464  -2.20572  1.000 64.54000  ? 17  TRP A C   1 
ATOM 104 O O   . TRP A 1 21  ? -0.74676  -9.66594  -1.20597  1.000 65.28000  ? 17  TRP A O   1 
ATOM 105 C CB  . TRP A 1 21  ? 0.35601   -6.88111  -2.63196  1.000 63.27000  ? 17  TRP A CB  1 
ATOM 106 C CG  . TRP A 1 21  ? 0.43639   -6.62277  -1.16239  1.000 63.79000  ? 17  TRP A CG  1 
ATOM 107 C CD1 . TRP A 1 21  ? -0.59241  -6.32234  -0.31974  1.000 60.67000  ? 17  TRP A CD1 1 
ATOM 108 C CD2 . TRP A 1 21  ? 1.61487   -6.70171  -0.34425  1.000 56.00000  ? 17  TRP A CD2 1 
ATOM 109 N NE1 . TRP A 1 21  ? -0.13320  -6.20321  0.96053   1.000 64.76000  ? 17  TRP A NE1 1 
ATOM 110 C CE2 . TRP A 1 21  ? 1.21702   -6.42062  0.97802   1.000 66.14000  ? 17  TRP A CE2 1 
ATOM 111 C CE3 . TRP A 1 21  ? 2.96182   -6.96986  -0.59832  1.000 60.46000  ? 17  TRP A CE3 1 
ATOM 112 C CZ2 . TRP A 1 21  ? 2.11766   -6.40040  2.03744   1.000 61.88000  ? 17  TRP A CZ2 1 
ATOM 113 C CZ3 . TRP A 1 21  ? 3.85282   -6.95090  0.44848   1.000 67.79000  ? 17  TRP A CZ3 1 
ATOM 114 C CH2 . TRP A 1 21  ? 3.43416   -6.67101  1.74748   1.000 65.32000  ? 17  TRP A CH2 1 
ATOM 115 N N   . ASN A 1 22  ? -2.17541  -8.71418  -2.67981  1.000 57.29000  ? 18  ASN A N   1 
ATOM 116 C CA  . ASN A 1 22  ? -3.38132  -9.17405  -1.94011  1.000 64.91000  ? 18  ASN A CA  1 
ATOM 117 C C   . ASN A 1 22  ? -3.53955  -10.69823 -2.01219  1.000 66.56000  ? 18  ASN A C   1 
ATOM 118 O O   . ASN A 1 22  ? -4.31425  -11.23035 -1.21090  1.000 67.27000  ? 18  ASN A O   1 
ATOM 119 C CB  . ASN A 1 22  ? -4.63302  -8.42844  -2.40071  1.000 63.41000  ? 18  ASN A CB  1 
ATOM 120 C CG  . ASN A 1 22  ? -4.57000  -6.94073  -2.14383  1.000 63.42000  ? 18  ASN A CG  1 
ATOM 121 O OD1 . ASN A 1 22  ? -3.70173  -6.46009  -1.42386  1.000 62.02000  ? 18  ASN A OD1 1 
ATOM 122 N ND2 . ASN A 1 22  ? -5.50163  -6.20769  -2.72292  1.000 63.10000  ? 18  ASN A ND2 1 
ATOM 123 N N   . ASN A 1 23  ? -2.82061  -11.37204 -2.91064  1.000 61.10000  ? 19  ASN A N   1 
ATOM 124 C CA  . ASN A 1 23  ? -3.01018  -12.83668 -3.09938  1.000 66.94000  ? 19  ASN A CA  1 
ATOM 125 C C   . ASN A 1 23  ? -1.73661  -13.59596 -2.72192  1.000 69.73000  ? 19  ASN A C   1 
ATOM 126 O O   . ASN A 1 23  ? -1.80482  -14.82550 -2.62885  1.000 71.58000  ? 19  ASN A O   1 
ATOM 127 C CB  . ASN A 1 23  ? -3.49914  -13.16614 -4.50970  1.000 64.69000  ? 19  ASN A CB  1 
ATOM 128 C CG  . ASN A 1 23  ? -4.86829  -12.59673 -4.80365  1.000 72.01000  ? 19  ASN A CG  1 
ATOM 129 O OD1 . ASN A 1 23  ? -5.77699  -12.70442 -3.98542  1.000 76.64000  ? 19  ASN A OD1 1 
ATOM 130 N ND2 . ASN A 1 23  ? -5.02170  -11.98457 -5.96566  1.000 71.31000  ? 19  ASN A ND2 1 
ATOM 131 N N   . GLY A 1 24  ? -0.62118  -12.89613 -2.53137  1.000 66.47000  ? 20  GLY A N   1 
ATOM 132 C CA  . GLY A 1 24  ? 0.61546   -13.54601 -2.05980  1.000 76.72000  ? 20  GLY A CA  1 
ATOM 133 C C   . GLY A 1 24  ? 1.40936   -14.23302 -3.15249  1.000 79.85000  ? 20  GLY A C   1 
ATOM 134 O O   . GLY A 1 24  ? 2.04194   -15.25240 -2.84513  1.000 87.51000  ? 20  GLY A O   1 
ATOM 135 N N   . ASP A 1 25  ? 1.40115   -13.70178 -4.37590  1.000 78.89000  ? 21  ASP A N   1 
ATOM 136 C CA  . ASP A 1 25  ? 2.25256   -14.27700 -5.44701  1.000 75.20000  ? 21  ASP A CA  1 
ATOM 137 C C   . ASP A 1 25  ? 3.62471   -13.61042 -5.40164  1.000 77.25000  ? 21  ASP A C   1 
ATOM 138 O O   . ASP A 1 25  ? 3.74269   -12.50455 -5.94023  1.000 76.12000  ? 21  ASP A O   1 
ATOM 139 C CB  . ASP A 1 25  ? 1.64559   -14.05058 -6.82756  1.000 78.64000  ? 21  ASP A CB  1 
ATOM 140 C CG  . ASP A 1 25  ? 2.08499   -15.07553 -7.85631  1.000 86.01000  ? 21  ASP A CG  1 
ATOM 141 O OD1 . ASP A 1 25  ? 3.20533   -14.94051 -8.37669  1.000 86.75000  ? 21  ASP A OD1 1 
ATOM 142 O OD2 . ASP A 1 25  ? 1.29923   -16.00060 -8.13124  1.000 93.38000  ? 21  ASP A OD2 1 
ATOM 143 N N   . ILE A 1 26  ? 4.61223   -14.26986 -4.78966  1.000 78.06000  ? 22  ILE A N   1 
ATOM 144 C CA  . ILE A 1 26  ? 5.94394   -13.67875 -4.70442  1.000 78.80000  ? 22  ILE A CA  1 
ATOM 145 C C   . ILE A 1 26  ? 6.46474   -13.33531 -6.09439  1.000 77.68000  ? 22  ILE A C   1 
ATOM 146 O O   . ILE A 1 26  ? 7.12357   -12.30762 -6.29117  1.000 83.44000  ? 22  ILE A O   1 
ATOM 147 C CB  . ILE A 1 26  ? 6.91115   -14.62498 -3.96679  1.000 78.55000  ? 22  ILE A CB  1 
ATOM 148 C CG1 . ILE A 1 26  ? 6.79798   -16.04567 -4.52654  1.000 82.43000  ? 22  ILE A CG1 1 
ATOM 149 C CG2 . ILE A 1 26  ? 6.65203   -14.60799 -2.46850  1.000 82.68000  ? 22  ILE A CG2 1 
ATOM 150 C CD1 . ILE A 1 26  ? 7.90178   -16.97504 -4.07020  1.000 88.23000  ? 22  ILE A CD1 1 
ATOM 151 N N   . ASN A 1 27  ? 6.15632   -14.17722 -7.08211  1.000 78.01000  ? 23  ASN A N   1 
ATOM 152 C CA  . ASN A 1 27  ? 6.79512   -14.07357 -8.38998  1.000 84.67000  ? 23  ASN A CA  1 
ATOM 153 C C   . ASN A 1 27  ? 6.23691   -12.91425 -9.20519  1.000 80.85000  ? 23  ASN A C   1 
ATOM 154 O O   . ASN A 1 27  ? 6.99669   -12.06289 -9.67879  1.000 78.09000  ? 23  ASN A O   1 
ATOM 155 C CB  . ASN A 1 27  ? 6.64070   -15.39112 -9.14778  1.000 82.16000  ? 23  ASN A CB  1 
ATOM 156 C CG  . ASN A 1 27  ? 7.86381   -16.27415 -9.01896  1.000 81.38000  ? 23  ASN A CG  1 
ATOM 157 O OD1 . ASN A 1 27  ? 8.99417   -15.78633 -9.02203  1.000 79.97000  ? 23  ASN A OD1 1 
ATOM 158 N ND2 . ASN A 1 27  ? 7.64588   -17.57739 -8.89842  1.000 76.48000  ? 23  ASN A ND2 1 
ATOM 159 N N   . ALA A 1 28  ? 4.91626   -12.87298 -9.39684  1.000 79.54000  ? 24  ALA A N   1 
ATOM 160 C CA  . ALA A 1 28  ? 4.30802   -11.73790 -10.08563 1.000 82.20000  ? 24  ALA A CA  1 
ATOM 161 C C   . ALA A 1 28  ? 4.68016   -10.42475 -9.41022  1.000 77.30000  ? 24  ALA A C   1 
ATOM 162 O O   . ALA A 1 28  ? 4.90335   -9.41367  -10.08822 1.000 78.96000  ? 24  ALA A O   1 
ATOM 163 C CB  . ALA A 1 28  ? 2.78932   -11.90460 -10.14110 1.000 75.16000  ? 24  ALA A CB  1 
ATOM 164 N N   . LEU A 1 29  ? 4.78190   -10.42525 -8.07763  1.000 75.48000  ? 25  LEU A N   1 
ATOM 165 C CA  . LEU A 1 29  ? 5.13507   -9.20390  -7.36113  1.000 76.24000  ? 25  LEU A CA  1 
ATOM 166 C C   . LEU A 1 29  ? 6.58860   -8.82025  -7.61276  1.000 75.79000  ? 25  LEU A C   1 
ATOM 167 O O   . LEU A 1 29  ? 6.95233   -7.64575  -7.48925  1.000 81.38000  ? 25  LEU A O   1 
ATOM 168 C CB  . LEU A 1 29  ? 4.86387   -9.38722  -5.86378  1.000 73.27000  ? 25  LEU A CB  1 
ATOM 169 C CG  . LEU A 1 29  ? 4.88001   -8.21785  -4.87109  1.000 78.19000  ? 25  LEU A CG  1 
ATOM 170 C CD1 . LEU A 1 29  ? 3.98031   -8.56593  -3.69538  1.000 80.69000  ? 25  LEU A CD1 1 
ATOM 171 C CD2 . LEU A 1 29  ? 6.27359   -7.84496  -4.37434  1.000 80.22000  ? 25  LEU A CD2 1 
ATOM 172 N N   . MET A 1 30  ? 7.43322   -9.79494  -7.96276  1.000 73.38000  ? 26  MET A N   1 
ATOM 173 C CA  . MET A 1 30  ? 8.82859   -9.52294  -8.28506  1.000 79.73000  ? 26  MET A CA  1 
ATOM 174 C C   . MET A 1 30  ? 9.06392   -9.26281  -9.76562  1.000 76.46000  ? 26  MET A C   1 
ATOM 175 O O   . MET A 1 30  ? 10.08152  -8.65381  -10.11667 1.000 71.99000  ? 26  MET A O   1 
ATOM 176 C CB  . MET A 1 30  ? 9.72549   -10.68031 -7.83038  1.000 77.07000  ? 26  MET A CB  1 
ATOM 177 C CG  . MET A 1 30  ? 9.82978   -10.83818 -6.32132  1.000 73.61000  ? 26  MET A CG  1 
ATOM 178 S SD  . MET A 1 30  ? 10.74922  -9.52956  -5.47899  1.000 84.60000  ? 26  MET A SD  1 
ATOM 179 C CE  . MET A 1 30  ? 11.91146  -9.00207  -6.73932  1.000 85.51000  ? 26  MET A CE  1 
ATOM 180 N N   . THR A 1 31  ? 8.15952   -9.70882  -10.64172 1.000 75.97000  ? 27  THR A N   1 
ATOM 181 C CA  . THR A 1 31  ? 8.23746   -9.28285  -12.03234 1.000 77.65000  ? 27  THR A CA  1 
ATOM 182 C C   . THR A 1 31  ? 8.04632   -7.77891  -12.16660 1.000 79.11000  ? 27  THR A C   1 
ATOM 183 O O   . THR A 1 31  ? 8.40856   -7.20830  -13.19955 1.000 80.36000  ? 27  THR A O   1 
ATOM 184 C CB  . THR A 1 31  ? 7.19622   -10.01473 -12.88609 1.000 82.08000  ? 27  THR A CB  1 
ATOM 185 O OG1 . THR A 1 31  ? 5.88361   -9.76069  -12.36877 1.000 87.97000  ? 27  THR A OG1 1 
ATOM 186 C CG2 . THR A 1 31  ? 7.46045   -11.51223 -12.89503 1.000 77.28000  ? 27  THR A CG2 1 
ATOM 187 N N   . PHE A 1 32  ? 7.50016   -7.12435  -11.14166 1.000 78.74000  ? 28  PHE A N   1 
ATOM 188 C CA  . PHE A 1 32  ? 7.18407   -5.70706  -11.19241 1.000 77.07000  ? 28  PHE A CA  1 
ATOM 189 C C   . PHE A 1 32  ? 7.82960   -4.88506  -10.07677 1.000 80.80000  ? 28  PHE A C   1 
ATOM 190 O O   . PHE A 1 32  ? 7.55353   -3.68050  -9.99822  1.000 81.60000  ? 28  PHE A O   1 
ATOM 191 C CB  . PHE A 1 32  ? 5.65820   -5.50273  -11.13295 1.000 71.52000  ? 28  PHE A CB  1 
ATOM 192 C CG  . PHE A 1 32  ? 4.87325   -6.35205  -12.10189 1.000 71.83000  ? 28  PHE A CG  1 
ATOM 193 C CD1 . PHE A 1 32  ? 5.22639   -6.42504  -13.44179 1.000 78.38000  ? 28  PHE A CD1 1 
ATOM 194 C CD2 . PHE A 1 32  ? 3.76971   -7.07239  -11.66623 1.000 72.49000  ? 28  PHE A CD2 1 
ATOM 195 C CE1 . PHE A 1 32  ? 4.49225   -7.20506  -14.32530 1.000 76.15000  ? 28  PHE A CE1 1 
ATOM 196 C CE2 . PHE A 1 32  ? 3.03751   -7.85474  -12.54467 1.000 77.78000  ? 28  PHE A CE2 1 
ATOM 197 C CZ  . PHE A 1 32  ? 3.39793   -7.91971  -13.87325 1.000 74.56000  ? 28  PHE A CZ  1 
ATOM 198 N N   . TRP A 1 33  ? 8.69430   -5.47329  -9.24123  1.000 81.16000  ? 29  TRP A N   1 
ATOM 199 C CA  . TRP A 1 33  ? 9.08526   -4.85868  -7.95644  1.000 84.83000  ? 29  TRP A CA  1 
ATOM 200 C C   . TRP A 1 33  ? 7.93375   -4.16855  -7.22652  1.000 85.83000  ? 29  TRP A C   1 
ATOM 201 O O   . TRP A 1 33  ? 8.09343   -3.71711  -6.09868  1.000 83.04000  ? 29  TRP A O   1 
ATOM 202 C CB  . TRP A 1 33  ? 10.23829  -3.85905  -8.11841  1.000 77.59000  ? 29  TRP A CB  1 
ATOM 203 C CG  . TRP A 1 33  ? 11.60946  -4.45560  -8.20181  1.000 84.01000  ? 29  TRP A CG  1 
ATOM 204 C CD1 . TRP A 1 33  ? 11.94804  -5.76258  -8.01594  1.000 88.85000  ? 29  TRP A CD1 1 
ATOM 205 C CD2 . TRP A 1 33  ? 12.84005  -3.75561  -8.43016  1.000 88.60000  ? 29  TRP A CD2 1 
ATOM 206 N NE1 . TRP A 1 33  ? 13.30570  -5.92926  -8.13697  1.000 85.61000  ? 29  TRP A NE1 1 
ATOM 207 C CE2 . TRP A 1 33  ? 13.87762  -4.71139  -8.39298  1.000 92.40000  ? 29  TRP A CE2 1 
ATOM 208 C CE3 . TRP A 1 33  ? 13.16573  -2.41682  -8.67776  1.000 86.85000  ? 29  TRP A CE3 1 
ATOM 209 C CZ2 . TRP A 1 33  ? 15.21532  -4.36997  -8.59507  1.000 98.67000  ? 29  TRP A CZ2 1 
ATOM 210 C CZ3 . TRP A 1 33  ? 14.49243  -2.08315  -8.87702  1.000 91.57000  ? 29  TRP A CZ3 1 
ATOM 211 C CH2 . TRP A 1 33  ? 15.49902  -3.05143  -8.83503  1.000 95.75000  ? 29  TRP A CH2 1 
ATOM 212 N N   . ALA A 1 53  ? 11.42217  2.64615   5.56884   1.000 77.17000  ? 49  ALA A N   1 
ATOM 213 C CA  . ALA A 1 53  ? 11.24865  3.77704   6.48007   1.000 79.53000  ? 49  ALA A CA  1 
ATOM 214 C C   . ALA A 1 53  ? 9.90226   3.72091   7.18701   1.000 84.33000  ? 49  ALA A C   1 
ATOM 215 O O   . ALA A 1 53  ? 9.74575   3.04216   8.20518   1.000 76.68000  ? 49  ALA A O   1 
ATOM 216 C CB  . ALA A 1 53  ? 11.39200  5.10264   5.72533   1.000 81.36000  ? 49  ALA A CB  1 
ATOM 217 N N   . GLU A 1 54  ? 8.92787   4.46456   6.65989   1.000 89.12000  ? 50  GLU A N   1 
ATOM 218 C CA  . GLU A 1 54  ? 7.58796   4.40682   7.22739   1.000 85.59000  ? 50  GLU A CA  1 
ATOM 219 C C   . GLU A 1 54  ? 6.79034   3.22238   6.70239   1.000 85.44000  ? 50  GLU A C   1 
ATOM 220 O O   . GLU A 1 54  ? 5.86210   2.77100   7.38296   1.000 82.94000  ? 50  GLU A O   1 
ATOM 221 C CB  . GLU A 1 54  ? 6.82217   5.70531   6.95643   1.000 89.63000  ? 50  GLU A CB  1 
ATOM 222 C CG  . GLU A 1 54  ? 7.07947   6.80705   7.98789   1.000 94.55000  ? 50  GLU A CG  1 
ATOM 223 C CD  . GLU A 1 54  ? 6.35188   6.57587   9.31225   1.000 94.06000  ? 50  GLU A CD  1 
ATOM 224 O OE1 . GLU A 1 54  ? 5.23391   6.01186   9.30229   1.000 94.80000  ? 50  GLU A OE1 1 
ATOM 225 O OE2 . GLU A 1 54  ? 6.89992   6.96636   10.36719  1.000 93.09000  ? 50  GLU A OE2 1 
ATOM 226 N N   . MET A 1 55  ? 7.13297   2.70121   5.51829   1.000 81.90000  ? 51  MET A N   1 
ATOM 227 C CA  . MET A 1 55  ? 6.46063   1.50010   5.03406   1.000 75.87000  ? 51  MET A CA  1 
ATOM 228 C C   . MET A 1 55  ? 6.68062   0.32645   5.97796   1.000 70.12000  ? 51  MET A C   1 
ATOM 229 O O   . MET A 1 55  ? 5.76542   -0.47489  6.18938   1.000 69.75000  ? 51  MET A O   1 
ATOM 230 C CB  . MET A 1 55  ? 6.93841   1.15940   3.62532   1.000 76.59000  ? 51  MET A CB  1 
ATOM 231 C CG  . MET A 1 55  ? 6.99673   2.37138   2.69770   1.000 86.88000  ? 51  MET A CG  1 
ATOM 232 S SD  . MET A 1 55  ? 6.87326   1.99159   0.92398   1.000 93.73000  ? 51  MET A SD  1 
ATOM 233 C CE  . MET A 1 55  ? 5.09721   1.91726   0.69254   1.000 84.64000  ? 51  MET A CE  1 
ATOM 234 N N   . ARG A 1 56  ? 7.87284   0.21973   6.57675   1.000 72.88000  ? 52  ARG A N   1 
ATOM 235 C CA  . ARG A 1 56  ? 8.11117   -0.83221  7.55903   1.000 72.88000  ? 52  ARG A CA  1 
ATOM 236 C C   . ARG A 1 56  ? 7.32266   -0.61658  8.84139   1.000 67.31000  ? 52  ARG A C   1 
ATOM 237 O O   . ARG A 1 56  ? 7.07473   -1.58863  9.56307   1.000 72.45000  ? 52  ARG A O   1 
ATOM 238 C CB  . ARG A 1 56  ? 9.60173   -0.93751  7.88890   1.000 73.92000  ? 52  ARG A CB  1 
ATOM 239 N N   . ARG A 1 57  ? 6.92613   0.62608   9.14636   1.000 74.02000  ? 53  ARG A N   1 
ATOM 240 C CA  . ARG A 1 57  ? 6.13564   0.85951   10.35258  1.000 75.56000  ? 53  ARG A CA  1 
ATOM 241 C C   . ARG A 1 57  ? 4.74126   0.24986   10.21243  1.000 67.50000  ? 53  ARG A C   1 
ATOM 242 O O   . ARG A 1 57  ? 4.33728   -0.58408  11.03665  1.000 69.56000  ? 53  ARG A O   1 
ATOM 243 C CB  . ARG A 1 57  ? 6.07759   2.36072   10.65893  1.000 80.90000  ? 53  ARG A CB  1 
ATOM 244 C CG  . ARG A 1 57  ? 5.34361   2.72858   11.95159  1.000 83.07000  ? 53  ARG A CG  1 
ATOM 245 C CD  . ARG A 1 57  ? 6.19827   2.47726   13.21885  1.000 83.55000  ? 53  ARG A CD  1 
ATOM 246 N NE  . ARG A 1 57  ? 7.25516   3.47146   13.43635  1.000 93.38000  ? 53  ARG A NE  1 
ATOM 247 C CZ  . ARG A 1 57  ? 8.15955   3.39996   14.41480  1.000 97.49000  ? 53  ARG A CZ  1 
ATOM 248 N NH1 . ARG A 1 57  ? 8.14387   2.37450   15.26292  1.000 100.60000 ? 53  ARG A NH1 1 
ATOM 249 N NH2 . ARG A 1 57  ? 9.08332   4.34723   14.54437  1.000 100.04000 ? 53  ARG A NH2 1 
ATOM 250 N N   . PHE A 1 58  ? 3.99195   0.64711   9.17660   1.000 71.76000  ? 54  PHE A N   1 
ATOM 251 C CA  . PHE A 1 58  ? 2.88371   -0.17241  8.69510   1.000 62.86000  ? 54  PHE A CA  1 
ATOM 252 C C   . PHE A 1 58  ? 3.03945   -1.66705  8.67868   1.000 57.67000  ? 54  PHE A C   1 
ATOM 253 O O   . PHE A 1 58  ? 2.28153   -2.36351  9.34465   1.000 61.55000  ? 54  PHE A O   1 
ATOM 254 C CB  . PHE A 1 58  ? 2.48195   0.26312   7.30133   1.000 66.30000  ? 54  PHE A CB  1 
ATOM 255 C CG  . PHE A 1 58  ? 1.38937   1.22505   7.31679   1.000 70.99000  ? 54  PHE A CG  1 
ATOM 256 C CD1 . PHE A 1 58  ? 1.55446   2.54777   7.66498   1.000 73.02000  ? 54  PHE A CD1 1 
ATOM 257 C CD2 . PHE A 1 58  ? 0.11817   0.71744   7.18451   1.000 66.18000  ? 54  PHE A CD2 1 
ATOM 258 C CE1 . PHE A 1 58  ? 0.44574   3.37549   7.72290   1.000 69.65000  ? 54  PHE A CE1 1 
ATOM 259 C CE2 . PHE A 1 58  ? -0.97898  1.51872   7.21350   1.000 65.53000  ? 54  PHE A CE2 1 
ATOM 260 C CZ  . PHE A 1 58  ? -0.81391  2.85547   7.50375   1.000 70.65000  ? 54  PHE A CZ  1 
ATOM 261 N N   . LEU A 1 59  ? 3.95434   -2.18505  7.88871   1.000 59.52000  ? 55  LEU A N   1 
ATOM 262 C CA  . LEU A 1 59  ? 3.93044   -3.62568  7.69189   1.000 64.34000  ? 55  LEU A CA  1 
ATOM 263 C C   . LEU A 1 59  ? 4.37189   -4.37356  8.94415   1.000 61.10000  ? 55  LEU A C   1 
ATOM 264 O O   . LEU A 1 59  ? 4.04446   -5.55268  9.10933   1.000 62.30000  ? 55  LEU A O   1 
ATOM 265 C CB  . LEU A 1 59  ? 4.78289   -3.99729  6.47156   1.000 67.25000  ? 55  LEU A CB  1 
ATOM 266 C CG  . LEU A 1 59  ? 4.71573   -5.41643  5.95825   1.000 71.13000  ? 55  LEU A CG  1 
ATOM 267 C CD1 . LEU A 1 59  ? 4.92696   -5.34768  4.47363   1.000 75.07000  ? 55  LEU A CD1 1 
ATOM 268 C CD2 . LEU A 1 59  ? 5.79940   -6.28244  6.59400   1.000 76.79000  ? 55  LEU A CD2 1 
ATOM 269 N N   . ASP A 1 60  ? 5.06075   -3.70508  9.85978   1.000 60.48000  ? 56  ASP A N   1 
ATOM 270 C CA  . ASP A 1 60  ? 5.32645   -4.36480  11.13197  1.000 66.90000  ? 56  ASP A CA  1 
ATOM 271 C C   . ASP A 1 60  ? 4.09696   -4.32136  12.02955  1.000 62.10000  ? 56  ASP A C   1 
ATOM 272 O O   . ASP A 1 60  ? 3.80455   -5.28916  12.74249  1.000 60.31000  ? 56  ASP A O   1 
ATOM 273 C CB  . ASP A 1 60  ? 6.53181   -3.72174  11.82289  1.000 71.16000  ? 56  ASP A CB  1 
ATOM 274 C CG  . ASP A 1 60  ? 7.84098   -4.43079  11.48958  1.000 80.72000  ? 56  ASP A CG  1 
ATOM 275 O OD1 . ASP A 1 60  ? 7.80843   -5.64556  11.16964  1.000 83.68000  ? 56  ASP A OD1 1 
ATOM 276 O OD2 . ASP A 1 60  ? 8.90166   -3.76982  11.54597  1.000 83.57000  ? 56  ASP A OD2 1 
ATOM 277 N N   . ALA A 1 61  ? 3.35450   -3.21995  11.98178  1.000 56.40000  ? 57  ALA A N   1 
ATOM 278 C CA  . ALA A 1 61  ? 2.15805   -3.08001  12.79743  1.000 61.50000  ? 57  ALA A CA  1 
ATOM 279 C C   . ALA A 1 61  ? 0.92420   -3.68579  12.14039  1.000 56.08000  ? 57  ALA A C   1 
ATOM 280 O O   . ALA A 1 61  ? 0.01550   -4.13593  12.84829  1.000 52.48000  ? 57  ALA A O   1 
ATOM 281 C CB  . ALA A 1 61  ? 1.90883   -1.59998  13.10857  1.000 57.78000  ? 57  ALA A CB  1 
ATOM 282 N N   . PHE A 1 62  ? 0.88679   -3.73453  10.80747  1.000 55.36000  ? 58  PHE A N   1 
ATOM 283 C CA  . PHE A 1 62  ? -0.25961  -4.23374  10.05302  1.000 52.30000  ? 58  PHE A CA  1 
ATOM 284 C C   . PHE A 1 62  ? 0.21752   -5.21471  8.99034   1.000 59.23000  ? 58  PHE A C   1 
ATOM 285 O O   . PHE A 1 62  ? -0.05309  -5.03313  7.79430   1.000 54.87000  ? 58  PHE A O   1 
ATOM 286 C CB  . PHE A 1 62  ? -1.02739  -3.08120  9.41077   1.000 51.01000  ? 58  PHE A CB  1 
ATOM 287 C CG  . PHE A 1 62  ? -1.33834  -1.95203  10.34184  1.000 51.79000  ? 58  PHE A CG  1 
ATOM 288 C CD1 . PHE A 1 62  ? -2.36760  -2.06775  11.27292  1.000 50.46000  ? 58  PHE A CD1 1 
ATOM 289 C CD2 . PHE A 1 62  ? -0.65703  -0.74858  10.24831  1.000 56.47000  ? 58  PHE A CD2 1 
ATOM 290 C CE1 . PHE A 1 62  ? -2.68217  -1.01856  12.12057  1.000 48.52000  ? 58  PHE A CE1 1 
ATOM 291 C CE2 . PHE A 1 62  ? -0.95917  0.31036   11.09998  1.000 58.73000  ? 58  PHE A CE2 1 
ATOM 292 C CZ  . PHE A 1 62  ? -1.97024  0.17732   12.03545  1.000 52.34000  ? 58  PHE A CZ  1 
ATOM 293 N N   . PRO A 1 63  ? 0.91722   -6.28005  9.39129   1.000 57.18000  ? 59  PRO A N   1 
ATOM 294 C CA  . PRO A 1 63  ? 1.49895   -7.17608  8.38421   1.000 54.55000  ? 59  PRO A CA  1 
ATOM 295 C C   . PRO A 1 63  ? 0.46995   -7.74669  7.42944   1.000 58.77000  ? 59  PRO A C   1 
ATOM 296 O O   . PRO A 1 63  ? 0.82858   -8.06676  6.29119   1.000 55.49000  ? 59  PRO A O   1 
ATOM 297 C CB  . PRO A 1 63  ? 2.13766   -8.28237  9.22664   1.000 56.03000  ? 59  PRO A CB  1 
ATOM 298 C CG  . PRO A 1 63  ? 1.28435   -8.31676  10.47268  1.000 53.22000  ? 59  PRO A CG  1 
ATOM 299 C CD  . PRO A 1 63  ? 0.97997   -6.86503  10.74125  1.000 57.83000  ? 59  PRO A CD  1 
ATOM 300 N N   . ASP A 1 64  ? -0.79900  -7.85036  7.84183   1.000 57.53000  ? 60  ASP A N   1 
ATOM 301 C CA  . ASP A 1 64  ? -1.85180  -8.44532  7.02560   1.000 59.49000  ? 60  ASP A CA  1 
ATOM 302 C C   . ASP A 1 64  ? -2.52517  -7.45175  6.07367   1.000 55.97000  ? 60  ASP A C   1 
ATOM 303 O O   . ASP A 1 64  ? -3.60783  -7.75724  5.56032   1.000 60.67000  ? 60  ASP A O   1 
ATOM 304 C CB  . ASP A 1 64  ? -2.92020  -9.08549  7.92144   1.000 55.02000  ? 60  ASP A CB  1 
ATOM 305 C CG  . ASP A 1 64  ? -3.94005  -8.08237  8.45520   1.000 59.69000  ? 60  ASP A CG  1 
ATOM 306 O OD1 . ASP A 1 64  ? -3.58510  -6.92966  8.79377   1.000 51.10000  ? 60  ASP A OD1 1 
ATOM 307 O OD2 . ASP A 1 64  ? -5.11971  -8.47705  8.54673   1.000 66.69000  ? 60  ASP A OD2 1 
ATOM 308 N N   . LEU A 1 65  ? -1.91171  -6.29483  5.81579   1.000 52.34000  ? 61  LEU A N   1 
ATOM 309 C CA  . LEU A 1 65  ? -2.61259  -5.20507  5.14083   1.000 56.70000  ? 61  LEU A CA  1 
ATOM 310 C C   . LEU A 1 65  ? -3.08450  -5.61409  3.74960   1.000 55.59000  ? 61  LEU A C   1 
ATOM 311 O O   . LEU A 1 65  ? -2.39792  -6.34268  3.02985   1.000 54.39000  ? 61  LEU A O   1 
ATOM 312 C CB  . LEU A 1 65  ? -1.71543  -3.95784  5.05538   1.000 52.64000  ? 61  LEU A CB  1 
ATOM 313 C CG  . LEU A 1 65  ? -0.51249  -3.97416  4.10400   1.000 59.52000  ? 61  LEU A CG  1 
ATOM 314 C CD1 . LEU A 1 65  ? -0.86591  -3.52518  2.67973   1.000 60.48000  ? 61  LEU A CD1 1 
ATOM 315 C CD2 . LEU A 1 65  ? 0.60979   -3.12028  4.67122   1.000 61.52000  ? 61  LEU A CD2 1 
ATOM 316 N N   . ARG A 1 66  ? -4.25726  -5.12153  3.36820   1.000 51.95000  ? 62  ARG A N   1 
ATOM 317 C CA  . ARG A 1 66  ? -4.80884  -5.40651  2.05165   1.000 58.01000  ? 62  ARG A CA  1 
ATOM 318 C C   . ARG A 1 66  ? -5.16074  -4.08572  1.37131   1.000 56.36000  ? 62  ARG A C   1 
ATOM 319 O O   . ARG A 1 66  ? -5.53729  -3.11679  2.03734   1.000 52.21000  ? 62  ARG A O   1 
ATOM 320 C CB  . ARG A 1 66  ? -6.02836  -6.33403  2.16660   1.000 55.82000  ? 62  ARG A CB  1 
ATOM 321 C CG  . ARG A 1 66  ? -6.21810  -7.24908  0.96960   1.000 63.35000  ? 62  ARG A CG  1 
ATOM 322 C CD  . ARG A 1 66  ? -7.56492  -7.93749  0.99980   1.000 61.98000  ? 62  ARG A CD  1 
ATOM 323 N NE  . ARG A 1 66  ? -8.56219  -7.04284  1.55915   1.000 57.50000  ? 62  ARG A NE  1 
ATOM 324 C CZ  . ARG A 1 66  ? -9.28483  -6.18963  0.84461   1.000 64.97000  ? 62  ARG A CZ  1 
ATOM 325 N NH1 . ARG A 1 66  ? -9.13072  -6.11103  -0.47324  1.000 64.59000  ? 62  ARG A NH1 1 
ATOM 326 N NH2 . ARG A 1 66  ? -10.16553 -5.41023  1.45379   1.000 64.45000  ? 62  ARG A NH2 1 
ATOM 327 N N   . MET A 1 67  ? -5.03152  -4.04805  0.04567   1.000 58.91000  ? 63  MET A N   1 
ATOM 328 C CA  . MET A 1 67  ? -5.10976  -2.81174  -0.72533  1.000 53.85000  ? 63  MET A CA  1 
ATOM 329 C C   . MET A 1 67  ? -6.33336  -2.79307  -1.63463  1.000 53.56000  ? 63  MET A C   1 
ATOM 330 O O   . MET A 1 67  ? -6.51202  -3.68389  -2.47461  1.000 50.76000  ? 63  MET A O   1 
ATOM 331 C CB  . MET A 1 67  ? -3.84201  -2.62947  -1.54719  1.000 54.05000  ? 63  MET A CB  1 
ATOM 332 C CG  . MET A 1 67  ? -2.61352  -2.24284  -0.73987  1.000 64.37000  ? 63  MET A CG  1 
ATOM 333 S SD  . MET A 1 67  ? -1.37139  -1.47792  -1.79729  1.000 79.32000  ? 63  MET A SD  1 
ATOM 334 C CE  . MET A 1 67  ? -0.33877  -2.90462  -2.12136  1.000 71.12000  ? 63  MET A CE  1 
ATOM 335 N N   . GLU A 1 68  ? -7.16539  -1.76818  -1.47241  1.000 51.48000  ? 64  GLU A N   1 
ATOM 336 C CA  . GLU A 1 68  ? -8.33987  -1.57068  -2.31464  1.000 55.33000  ? 64  GLU A CA  1 
ATOM 337 C C   . GLU A 1 68  ? -8.12967  -0.33867  -3.18348  1.000 54.06000  ? 64  GLU A C   1 
ATOM 338 O O   . GLU A 1 68  ? -8.01798  0.77809   -2.66509  1.000 51.14000  ? 64  GLU A O   1 
ATOM 339 C CB  . GLU A 1 68  ? -9.60205  -1.41591  -1.47053  1.000 50.72000  ? 64  GLU A CB  1 
ATOM 340 C CG  . GLU A 1 68  ? -10.85360 -1.13959  -2.30168  1.000 57.26000  ? 64  GLU A CG  1 
ATOM 341 C CD  . GLU A 1 68  ? -12.01805 -0.60995  -1.46774  1.000 59.62000  ? 64  GLU A CD  1 
ATOM 342 O OE1 . GLU A 1 68  ? -11.86859 -0.51462  -0.22657  1.000 61.66000  ? 64  GLU A OE1 1 
ATOM 343 O OE2 . GLU A 1 68  ? -13.08200 -0.28889  -2.04233  1.000 64.36000  ? 64  GLU A OE2 1 
ATOM 344 N N   . LEU A 1 69  ? -8.08755  -0.54493  -4.49592  1.000 48.13000  ? 65  LEU A N   1 
ATOM 345 C CA  . LEU A 1 69  ? -7.83519  0.51182   -5.47426  1.000 50.08000  ? 65  LEU A CA  1 
ATOM 346 C C   . LEU A 1 69  ? -9.13967  1.22282   -5.82178  1.000 50.65000  ? 65  LEU A C   1 
ATOM 347 O O   . LEU A 1 69  ? -10.06887 0.59121   -6.32639  1.000 51.72000  ? 65  LEU A O   1 
ATOM 348 C CB  . LEU A 1 69  ? -7.22110  -0.08998  -6.73814  1.000 46.50000  ? 65  LEU A CB  1 
ATOM 349 C CG  . LEU A 1 69  ? -6.50592  0.86457   -7.69332  1.000 55.62000  ? 65  LEU A CG  1 
ATOM 350 C CD1 . LEU A 1 69  ? -5.44143  1.65011   -6.94975  1.000 57.33000  ? 65  LEU A CD1 1 
ATOM 351 C CD2 . LEU A 1 69  ? -5.90823  0.12515   -8.89750  1.000 65.37000  ? 65  LEU A CD2 1 
ATOM 352 N N   . HIS A 1 70  ? -9.21584  2.52840   -5.56053  1.000 51.09000  ? 66  HIS A N   1 
ATOM 353 C CA  . HIS A 1 70  ? -10.40118 3.29443   -5.94040  1.000 51.28000  ? 66  HIS A CA  1 
ATOM 354 C C   . HIS A 1 70  ? -10.26585 3.95231   -7.30743  1.000 50.12000  ? 66  HIS A C   1 
ATOM 355 O O   . HIS A 1 70  ? -11.25918 4.09546   -8.01939  1.000 51.07000  ? 66  HIS A O   1 
ATOM 356 C CB  . HIS A 1 70  ? -10.69546 4.38740   -4.91358  1.000 50.95000  ? 66  HIS A CB  1 
ATOM 357 C CG  . HIS A 1 70  ? -10.97740 3.87376   -3.53992  1.000 51.11000  ? 66  HIS A CG  1 
ATOM 358 N ND1 . HIS A 1 70  ? -11.94597 2.93567   -3.27961  1.000 56.15000  ? 66  HIS A ND1 1 
ATOM 359 C CD2 . HIS A 1 70  ? -10.39389 4.15763   -2.35069  1.000 56.63000  ? 66  HIS A CD2 1 
ATOM 360 C CE1 . HIS A 1 70  ? -11.96695 2.67524   -1.98278  1.000 60.29000  ? 66  HIS A CE1 1 
ATOM 361 N NE2 . HIS A 1 70  ? -11.03087 3.39932   -1.39660  1.000 53.87000  ? 66  HIS A NE2 1 
ATOM 362 N N   . SER A 1 71  ? -9.06443  4.38487   -7.67955  1.000 47.54000  ? 67  SER A N   1 
ATOM 363 C CA  . SER A 1 71  ? -8.89115  5.11387   -8.92172  1.000 52.43000  ? 67  SER A CA  1 
ATOM 364 C C   . SER A 1 71  ? -7.42680  5.08651   -9.31012  1.000 58.39000  ? 67  SER A C   1 
ATOM 365 O O   . SER A 1 71  ? -6.53876  4.99863   -8.44943  1.000 51.87000  ? 67  SER A O   1 
ATOM 366 C CB  . SER A 1 71  ? -9.36875  6.55923   -8.80319  1.000 58.09000  ? 67  SER A CB  1 
ATOM 367 O OG  . SER A 1 71  ? -8.89376  7.32108   -9.89726  1.000 58.20000  ? 67  SER A OG  1 
ATOM 368 N N   . ILE A 1 72  ? -7.18543  5.19379   -10.61860 1.000 49.27000  ? 68  ILE A N   1 
ATOM 369 C CA  . ILE A 1 72  ? -5.84236  5.04018   -11.16486 1.000 52.79000  ? 68  ILE A CA  1 
ATOM 370 C C   . ILE A 1 72  ? -5.68541  5.94417   -12.38059 1.000 55.20000  ? 68  ILE A C   1 
ATOM 371 O O   . ILE A 1 72  ? -6.53844  5.97372   -13.27116 1.000 57.00000  ? 68  ILE A O   1 
ATOM 372 C CB  . ILE A 1 72  ? -5.54328  3.56734   -11.50719 1.000 55.84000  ? 68  ILE A CB  1 
ATOM 373 C CG1 . ILE A 1 72  ? -4.08626  3.39655   -11.92707 1.000 54.22000  ? 68  ILE A CG1 1 
ATOM 374 C CG2 . ILE A 1 72  ? -6.46182  3.03890   -12.60553 1.000 51.51000  ? 68  ILE A CG2 1 
ATOM 375 C CD1 . ILE A 1 72  ? -3.60266  1.94953   -11.77208 1.000 59.44000  ? 68  ILE A CD1 1 
ATOM 376 N N   . VAL A 1 73  ? -4.58377  6.68077   -12.40219 1.000 54.16000  ? 69  VAL A N   1 
ATOM 377 C CA  . VAL A 1 73  ? -4.30256  7.70258   -13.39853 1.000 55.61000  ? 69  VAL A CA  1 
ATOM 378 C C   . VAL A 1 73  ? -2.90222  7.41824   -13.92811 1.000 58.17000  ? 69  VAL A C   1 
ATOM 379 O O   . VAL A 1 73  ? -1.95214  7.37097   -13.14508 1.000 58.41000  ? 69  VAL A O   1 
ATOM 380 C CB  . VAL A 1 73  ? -4.35669  9.11761   -12.77758 1.000 55.36000  ? 69  VAL A CB  1 
ATOM 381 C CG1 . VAL A 1 73  ? -4.08812  10.18002  -13.81093 1.000 57.95000  ? 69  VAL A CG1 1 
ATOM 382 C CG2 . VAL A 1 73  ? -5.67770  9.35986   -12.07287 1.000 58.55000  ? 69  VAL A CG2 1 
ATOM 383 N N   . SER A 1 74  ? -2.76850  7.22152   -15.23923 1.000 57.44000  ? 70  SER A N   1 
ATOM 384 C CA  . SER A 1 74  ? -1.47034  6.91618   -15.83725 1.000 58.08000  ? 70  SER A CA  1 
ATOM 385 C C   . SER A 1 74  ? -1.11979  7.94708   -16.90465 1.000 57.00000  ? 70  SER A C   1 
ATOM 386 O O   . SER A 1 74  ? -2.00332  8.47320   -17.58558 1.000 62.66000  ? 70  SER A O   1 
ATOM 387 C CB  . SER A 1 74  ? -1.44810  5.51220   -16.45173 1.000 59.61000  ? 70  SER A CB  1 
ATOM 388 O OG  . SER A 1 74  ? -0.23264  5.28840   -17.14689 1.000 67.25000  ? 70  SER A OG  1 
ATOM 389 N N   . GLU A 1 75  ? 0.17263   8.23181   -17.03774 1.000 52.27000  ? 71  GLU A N   1 
ATOM 390 C CA  . GLU A 1 75  ? 0.68580   9.14343   -18.05966 1.000 56.78000  ? 71  GLU A CA  1 
ATOM 391 C C   . GLU A 1 75  ? 2.19855   9.01503   -18.05594 1.000 58.49000  ? 71  GLU A C   1 
ATOM 392 O O   . GLU A 1 75  ? 2.83074   9.24361   -17.02051 1.000 54.46000  ? 71  GLU A O   1 
ATOM 393 C CB  . GLU A 1 75  ? 0.24657   10.60133  -17.80386 1.000 62.34000  ? 71  GLU A CB  1 
ATOM 394 C CG  . GLU A 1 75  ? 0.95436   11.66940  -18.66217 1.000 66.34000  ? 71  GLU A CG  1 
ATOM 395 C CD  . GLU A 1 75  ? 0.37960   13.08901  -18.47366 1.000 71.49000  ? 71  GLU A CD  1 
ATOM 396 O OE1 . GLU A 1 75  ? 0.74463   13.76955  -17.47948 1.000 66.94000  ? 71  GLU A OE1 1 
ATOM 397 O OE2 . GLU A 1 75  ? -0.39947  13.53829  -19.35716 1.000 73.10000  ? 71  GLU A OE2 1 
ATOM 398 N N   . GLY A 1 76  ? 2.77453   8.62861   -19.19176 1.000 54.72000  ? 72  GLY A N   1 
ATOM 399 C CA  . GLY A 1 76  ? 4.21739   8.43587   -19.25306 1.000 58.17000  ? 72  GLY A CA  1 
ATOM 400 C C   . GLY A 1 76  ? 4.64902   7.31332   -18.32741 1.000 59.26000  ? 72  GLY A C   1 
ATOM 401 O O   . GLY A 1 76  ? 4.01822   6.25300   -18.26299 1.000 58.34000  ? 72  GLY A O   1 
ATOM 402 N N   . GLU A 1 77  ? 5.73117   7.54376   -17.58715 1.000 60.19000  ? 73  GLU A N   1 
ATOM 403 C CA  . GLU A 1 77  ? 6.19315   6.56202   -16.61664 1.000 63.43000  ? 73  GLU A CA  1 
ATOM 404 C C   . GLU A 1 77  ? 5.53703   6.70326   -15.25530 1.000 57.93000  ? 73  GLU A C   1 
ATOM 405 O O   . GLU A 1 77  ? 5.85531   5.92119   -14.35764 1.000 61.44000  ? 73  GLU A O   1 
ATOM 406 C CB  . GLU A 1 77  ? 7.70039   6.66792   -16.41391 1.000 67.74000  ? 73  GLU A CB  1 
ATOM 407 C CG  . GLU A 1 77  ? 8.43912   7.02025   -17.65250 1.000 70.29000  ? 73  GLU A CG  1 
ATOM 408 C CD  . GLU A 1 77  ? 9.92692   6.75678   -17.54684 1.000 79.05000  ? 73  GLU A CD  1 
ATOM 409 O OE1 . GLU A 1 77  ? 10.59730  7.42292   -16.72165 1.000 77.77000  ? 73  GLU A OE1 1 
ATOM 410 O OE2 . GLU A 1 77  ? 10.42368  5.89937   -18.31371 1.000 74.53000  ? 73  GLU A OE2 1 
ATOM 411 N N   . LEU A 1 78  ? 4.66048   7.68015   -15.06370 1.000 53.23000  ? 74  LEU A N   1 
ATOM 412 C CA  . LEU A 1 78  ? 4.10077   7.96837   -13.74832 1.000 47.50000  ? 74  LEU A CA  1 
ATOM 413 C C   . LEU A 1 78  ? 2.67609   7.45066   -13.65724 1.000 51.58000  ? 74  LEU A C   1 
ATOM 414 O O   . LEU A 1 78  ? 1.87988   7.63317   -14.58273 1.000 58.13000  ? 74  LEU A O   1 
ATOM 415 C CB  . LEU A 1 78  ? 4.13885   9.46846   -13.45121 1.000 45.97000  ? 74  LEU A CB  1 
ATOM 416 C CG  . LEU A 1 78  ? 5.51819   10.01407  -13.05525 1.000 59.67000  ? 74  LEU A CG  1 
ATOM 417 C CD1 . LEU A 1 78  ? 5.45664   11.49895  -12.76486 1.000 58.51000  ? 74  LEU A CD1 1 
ATOM 418 C CD2 . LEU A 1 78  ? 6.14079   9.25868   -11.86489 1.000 55.36000  ? 74  LEU A CD2 1 
ATOM 419 N N   . VAL A 1 79  ? 2.36243   6.79149   -12.54563 1.000 56.20000  ? 75  VAL A N   1 
ATOM 420 C CA  . VAL A 1 79  ? 1.02557   6.27727   -12.29039 1.000 54.92000  ? 75  VAL A CA  1 
ATOM 421 C C   . VAL A 1 79  ? 0.64228   6.65461   -10.86197 1.000 51.39000  ? 75  VAL A C   1 
ATOM 422 O O   . VAL A 1 79  ? 1.44273   6.49414   -9.93591  1.000 56.62000  ? 75  VAL A O   1 
ATOM 423 C CB  . VAL A 1 79  ? 0.95049   4.75143   -12.49552 1.000 51.98000  ? 75  VAL A CB  1 
ATOM 424 C CG1 . VAL A 1 79  ? -0.43928  4.24619   -12.17986 1.000 57.00000  ? 75  VAL A CG1 1 
ATOM 425 C CG2 . VAL A 1 79  ? 1.36365   4.37555   -13.90501 1.000 61.32000  ? 75  VAL A CG2 1 
ATOM 426 N N   . ALA A 1 80  ? -0.57142  7.15701   -10.69128 1.000 49.68000  ? 76  ALA A N   1 
ATOM 427 C CA  . ALA A 1 80  ? -1.04339  7.69276   -9.43042  1.000 48.68000  ? 76  ALA A CA  1 
ATOM 428 C C   . ALA A 1 80  ? -2.30705  6.95351   -9.02526  1.000 47.12000  ? 76  ALA A C   1 
ATOM 429 O O   . ALA A 1 80  ? -3.14399  6.62749   -9.87158  1.000 50.60000  ? 76  ALA A O   1 
ATOM 430 C CB  . ALA A 1 80  ? -1.30684  9.19461   -9.54204  1.000 46.08000  ? 76  ALA A CB  1 
ATOM 431 N N   . THR A 1 81  ? -2.43260  6.66648   -7.73532  1.000 45.34000  ? 77  THR A N   1 
ATOM 432 C CA  . THR A 1 81  ? -3.49946  5.82196   -7.24256  1.000 44.88000  ? 77  THR A CA  1 
ATOM 433 C C   . THR A 1 81  ? -4.16966  6.43371   -6.02545  1.000 48.12000  ? 77  THR A C   1 
ATOM 434 O O   . THR A 1 81  ? -3.52139  7.07104   -5.18880  1.000 51.32000  ? 77  THR A O   1 
ATOM 435 C CB  . THR A 1 81  ? -2.96831  4.42505   -6.88566  1.000 50.03000  ? 77  THR A CB  1 
ATOM 436 O OG1 . THR A 1 81  ? -2.03321  4.52201   -5.80082  1.000 50.37000  ? 77  THR A OG1 1 
ATOM 437 C CG2 . THR A 1 81  ? -2.27604  3.78985   -8.07611  1.000 50.27000  ? 77  THR A CG2 1 
ATOM 438 N N   . ARG A 1 82  ? -5.47759  6.24150   -5.95335  1.000 50.26000  ? 78  ARG A N   1 
ATOM 439 C CA  . ARG A 1 82  ? -6.25125  6.43930   -4.74763  1.000 52.44000  ? 78  ARG A CA  1 
ATOM 440 C C   . ARG A 1 82  ? -6.59766  5.03881   -4.25318  1.000 53.56000  ? 78  ARG A C   1 
ATOM 441 O O   . ARG A 1 82  ? -7.07417  4.20532   -5.03517  1.000 47.38000  ? 78  ARG A O   1 
ATOM 442 C CB  . ARG A 1 82  ? -7.49515  7.28654   -5.02499  1.000 54.23000  ? 78  ARG A CB  1 
ATOM 443 C CG  . ARG A 1 82  ? -8.21052  7.80684   -3.76090  1.000 56.19000  ? 78  ARG A CG  1 
ATOM 444 C CD  . ARG A 1 82  ? -9.31679  8.83158   -4.11147  1.000 56.76000  ? 78  ARG A CD  1 
ATOM 445 N NE  . ARG A 1 82  ? -10.20195 8.34899   -5.17152  1.000 53.02000  ? 78  ARG A NE  1 
ATOM 446 C CZ  . ARG A 1 82  ? -11.42223 7.86646   -4.96422  1.000 57.29000  ? 78  ARG A CZ  1 
ATOM 447 N NH1 . ARG A 1 82  ? -11.92141 7.81112   -3.73212  1.000 57.20000  ? 78  ARG A NH1 1 
ATOM 448 N NH2 . ARG A 1 82  ? -12.14723 7.43581   -5.99070  1.000 56.42000  ? 78  ARG A NH2 1 
ATOM 449 N N   . MET A 1 83  ? -6.29848  4.76713   -2.98372  1.000 47.91000  ? 79  MET A N   1 
ATOM 450 C CA  . MET A 1 83  ? -6.44855  3.44364   -2.39925  1.000 46.56000  ? 79  MET A CA  1 
ATOM 451 C C   . MET A 1 83  ? -6.95481  3.58594   -0.96795  1.000 48.78000  ? 79  MET A C   1 
ATOM 452 O O   . MET A 1 83  ? -6.79085  4.63252   -0.34402  1.000 49.59000  ? 79  MET A O   1 
ATOM 453 C CB  . MET A 1 83  ? -5.12861  2.69453   -2.34772  1.000 48.74000  ? 79  MET A CB  1 
ATOM 454 C CG  . MET A 1 83  ? -4.40301  2.60882   -3.64752  1.000 54.80000  ? 79  MET A CG  1 
ATOM 455 S SD  . MET A 1 83  ? -3.01388  1.48563   -3.48434  1.000 61.42000  ? 79  MET A SD  1 
ATOM 456 C CE  . MET A 1 83  ? -3.93804  -0.03042  -3.61382  1.000 56.19000  ? 79  MET A CE  1 
ATOM 457 N N   . THR A 1 84  ? -7.54680  2.51023   -0.43590  1.000 49.60000  ? 80  THR A N   1 
ATOM 458 C CA  . THR A 1 84  ? -7.74306  2.33525   1.00228   1.000 51.64000  ? 80  THR A CA  1 
ATOM 459 C C   . THR A 1 84  ? -7.00935  1.07964   1.46026   1.000 49.13000  ? 80  THR A C   1 
ATOM 460 O O   . THR A 1 84  ? -7.14594  0.02287   0.84401   1.000 50.33000  ? 80  THR A O   1 
ATOM 461 C CB  . THR A 1 84  ? -9.23935  2.24662   1.38651   1.000 53.92000  ? 80  THR A CB  1 
ATOM 462 O OG1 . THR A 1 84  ? -9.95658  3.36294   0.84788   1.000 58.17000  ? 80  THR A OG1 1 
ATOM 463 C CG2 . THR A 1 84  ? -9.42889  2.20836   2.90568   1.000 52.71000  ? 80  THR A CG2 1 
ATOM 464 N N   . VAL A 1 85  ? -6.23683  1.18939   2.53890   1.000 50.87000  ? 81  VAL A N   1 
ATOM 465 C CA  . VAL A 1 85  ? -5.52194  0.05254   3.12692   1.000 50.03000  ? 81  VAL A CA  1 
ATOM 466 C C   . VAL A 1 85  ? -6.37061  -0.54074  4.25204   1.000 49.74000  ? 81  VAL A C   1 
ATOM 467 O O   . VAL A 1 85  ? -6.73659  0.15928   5.20601   1.000 53.24000  ? 81  VAL A O   1 
ATOM 468 C CB  . VAL A 1 85  ? -4.13365  0.46164   3.64580   1.000 51.56000  ? 81  VAL A CB  1 
ATOM 469 C CG1 . VAL A 1 85  ? -3.56952  -0.61106  4.56901   1.000 58.56000  ? 81  VAL A CG1 1 
ATOM 470 C CG2 . VAL A 1 85  ? -3.18227  0.71616   2.48780   1.000 49.94000  ? 81  VAL A CG2 1 
ATOM 471 N N   . HIS A 1 86  ? -6.69105  -1.82808  4.14064   1.000 50.59000  ? 82  HIS A N   1 
ATOM 472 C CA  . HIS A 1 86  ? -7.44381  -2.55422  5.15896   1.000 52.12000  ? 82  HIS A CA  1 
ATOM 473 C C   . HIS A 1 86  ? -6.51763  -3.53483  5.86493   1.000 55.96000  ? 82  HIS A C   1 
ATOM 474 O O   . HIS A 1 86  ? -5.75671  -4.25589  5.20534   1.000 51.51000  ? 82  HIS A O   1 
ATOM 475 C CB  . HIS A 1 86  ? -8.61658  -3.31497  4.54996   1.000 45.92000  ? 82  HIS A CB  1 
ATOM 476 C CG  . HIS A 1 86  ? -9.47739  -2.49023  3.65138   1.000 50.91000  ? 82  HIS A CG  1 
ATOM 477 N ND1 . HIS A 1 86  ? -10.25147 -1.44640  4.11420   1.000 50.04000  ? 82  HIS A ND1 1 
ATOM 478 C CD2 . HIS A 1 86  ? -9.71071  -2.56802  2.32186   1.000 53.39000  ? 82  HIS A CD2 1 
ATOM 479 C CE1 . HIS A 1 86  ? -10.91418 -0.91238  3.10651   1.000 51.61000  ? 82  HIS A CE1 1 
ATOM 480 N NE2 . HIS A 1 86  ? -10.60739 -1.57815  2.00724   1.000 54.09000  ? 82  HIS A NE2 1 
ATOM 481 N N   . ALA A 1 87  ? -6.58691  -3.56480  7.19708   1.000 56.73000  ? 83  ALA A N   1 
ATOM 482 C CA  . ALA A 1 87  ? -5.67004  -4.38028  7.98094   1.000 54.29000  ? 83  ALA A CA  1 
ATOM 483 C C   . ALA A 1 87  ? -6.16033  -4.48054  9.41883   1.000 55.54000  ? 83  ALA A C   1 
ATOM 484 O O   . ALA A 1 87  ? -7.13267  -3.83861  9.82668   1.000 54.89000  ? 83  ALA A O   1 
ATOM 485 C CB  . ALA A 1 87  ? -4.24800  -3.81422  7.94527   1.000 53.54000  ? 83  ALA A CB  1 
ATOM 486 N N   . THR A 1 88  ? -5.47249  -5.32105  10.17792  1.000 55.54000  ? 84  THR A N   1 
ATOM 487 C CA  . THR A 1 88  ? -5.76792  -5.55715  11.57796  1.000 55.04000  ? 84  THR A CA  1 
ATOM 488 C C   . THR A 1 88  ? -4.51989  -5.18648  12.35847  1.000 51.98000  ? 84  THR A C   1 
ATOM 489 O O   . THR A 1 88  ? -3.40843  -5.54084  11.95413  1.000 55.35000  ? 84  THR A O   1 
ATOM 490 C CB  . THR A 1 88  ? -6.16420  -7.01320  11.81476  1.000 59.94000  ? 84  THR A CB  1 
ATOM 491 O OG1 . THR A 1 88  ? -7.47869  -7.22203  11.28768  1.000 67.98000  ? 84  THR A OG1 1 
ATOM 492 C CG2 . THR A 1 88  ? -6.19188  -7.33244  13.31069  1.000 58.05000  ? 84  THR A CG2 1 
ATOM 493 N N   . HIS A 1 89  ? -4.70249  -4.43094  13.43422  1.000 55.07000  ? 85  HIS A N   1 
ATOM 494 C CA  . HIS A 1 89  ? -3.60579  -3.90545  14.24397  1.000 53.16000  ? 85  HIS A CA  1 
ATOM 495 C C   . HIS A 1 89  ? -3.05630  -4.99584  15.15367  1.000 53.67000  ? 85  HIS A C   1 
ATOM 496 O O   . HIS A 1 89  ? -3.48150  -5.14167  16.29832  1.000 56.11000  ? 85  HIS A O   1 
ATOM 497 C CB  . HIS A 1 89  ? -4.08635  -2.72134  15.06640  1.000 54.29000  ? 85  HIS A CB  1 
ATOM 498 C CG  . HIS A 1 89  ? -3.01255  -2.08893  15.88874  1.000 57.23000  ? 85  HIS A CG  1 
ATOM 499 N ND1 . HIS A 1 89  ? -3.26217  -1.49331  17.10841  1.000 55.90000  ? 85  HIS A ND1 1 
ATOM 500 C CD2 . HIS A 1 89  ? -1.68074  -1.97114  15.67483  1.000 55.71000  ? 85  HIS A CD2 1 
ATOM 501 C CE1 . HIS A 1 89  ? -2.13155  -1.02323  17.59950  1.000 56.95000  ? 85  HIS A CE1 1 
ATOM 502 N NE2 . HIS A 1 89  ? -1.15667  -1.30532  16.75463  1.000 60.78000  ? 85  HIS A NE2 1 
ATOM 503 N N   . THR A 1 90  ? -2.07868  -5.75564  14.65328  1.000 50.56000  ? 86  THR A N   1 
ATOM 504 C CA  . THR A 1 90  ? -1.48558  -6.83868  15.41774  1.000 55.44000  ? 86  THR A CA  1 
ATOM 505 C C   . THR A 1 90  ? -0.09246  -6.52367  15.94194  1.000 52.13000  ? 86  THR A C   1 
ATOM 506 O O   . THR A 1 90  ? 0.39630   -7.24272  16.81404  1.000 52.64000  ? 86  THR A O   1 
ATOM 507 C CB  . THR A 1 90  ? -1.41998  -8.11979  14.57410  1.000 52.60000  ? 86  THR A CB  1 
ATOM 508 O OG1 . THR A 1 90  ? -0.62870  -7.87061  13.41188  1.000 48.28000  ? 86  THR A OG1 1 
ATOM 509 C CG2 . THR A 1 90  ? -2.80797  -8.55201  14.14275  1.000 55.96000  ? 86  THR A CG2 1 
ATOM 510 N N   . GLY A 1 91  ? 0.56278   -5.47174  15.44720  1.000 54.70000  ? 87  GLY A N   1 
ATOM 511 C CA  . GLY A 1 91  ? 1.89594   -5.13099  15.88275  1.000 62.44000  ? 87  GLY A CA  1 
ATOM 512 C C   . GLY A 1 91  ? 1.94033   -3.71299  16.44502  1.000 62.81000  ? 87  GLY A C   1 
ATOM 513 O O   . GLY A 1 91  ? 1.04731   -2.89549  16.18442  1.000 62.36000  ? 87  GLY A O   1 
ATOM 514 N N   . ALA A 1 92  ? 3.00204   -3.44474  17.20883  1.000 59.34000  ? 88  ALA A N   1 
ATOM 515 C CA  . ALA A 1 92  ? 3.19354   -2.11402  17.78618  1.000 61.06000  ? 88  ALA A CA  1 
ATOM 516 C C   . ALA A 1 92  ? 3.32586   -1.07437  16.68366  1.000 61.31000  ? 88  ALA A C   1 
ATOM 517 O O   . ALA A 1 92  ? 4.19289   -1.18174  15.81024  1.000 64.67000  ? 88  ALA A O   1 
ATOM 518 C CB  . ALA A 1 92  ? 4.42270   -2.07935  18.69017  1.000 60.91000  ? 88  ALA A CB  1 
ATOM 519 N N   . TYR A 1 93  ? 2.46160   -0.06528  16.72562  1.000 63.72000  ? 89  TYR A N   1 
ATOM 520 C CA  . TYR A 1 93  ? 2.48636   1.04493   15.78303  1.000 65.22000  ? 89  TYR A CA  1 
ATOM 521 C C   . TYR A 1 93  ? 2.90550   2.28748   16.55617  1.000 65.67000  ? 89  TYR A C   1 
ATOM 522 O O   . TYR A 1 93  ? 2.16797   2.75868   17.42698  1.000 63.57000  ? 89  TYR A O   1 
ATOM 523 C CB  . TYR A 1 93  ? 1.12254   1.22923   15.11646  1.000 53.41000  ? 89  TYR A CB  1 
ATOM 524 C CG  . TYR A 1 93  ? 1.08554   2.29665   14.06423  1.000 58.46000  ? 89  TYR A CG  1 
ATOM 525 C CD1 . TYR A 1 93  ? 1.84863   2.19268   12.90252  1.000 67.89000  ? 89  TYR A CD1 1 
ATOM 526 C CD2 . TYR A 1 93  ? 0.27689   3.40639   14.21768  1.000 61.70000  ? 89  TYR A CD2 1 
ATOM 527 C CE1 . TYR A 1 93  ? 1.80769   3.18346   11.92304  1.000 57.83000  ? 89  TYR A CE1 1 
ATOM 528 C CE2 . TYR A 1 93  ? 0.22998   4.39454   13.25761  1.000 65.89000  ? 89  TYR A CE2 1 
ATOM 529 C CZ  . TYR A 1 93  ? 0.99496   4.27683   12.11468  1.000 66.37000  ? 89  TYR A CZ  1 
ATOM 530 O OH  . TYR A 1 93  ? 0.93606   5.26930   11.17181  1.000 70.31000  ? 89  TYR A OH  1 
ATOM 531 N N   . MET A 1 94  ? 4.09409   2.80286   16.24180  1.000 69.82000  ? 90  MET A N   1 
ATOM 532 C CA  . MET A 1 94  ? 4.60332   4.02613   16.85561  1.000 69.49000  ? 90  MET A CA  1 
ATOM 533 C C   . MET A 1 94  ? 4.42996   4.01066   18.37290  1.000 72.28000  ? 90  MET A C   1 
ATOM 534 O O   . MET A 1 94  ? 4.02090   4.99896   18.98881  1.000 71.38000  ? 90  MET A O   1 
ATOM 535 C CB  . MET A 1 94  ? 3.92660   5.24388   16.24152  1.000 70.21000  ? 90  MET A CB  1 
ATOM 536 C CG  . MET A 1 94  ? 4.16272   5.35331   14.74667  1.000 71.85000  ? 90  MET A CG  1 
ATOM 537 S SD  . MET A 1 94  ? 3.58818   6.92844   14.10523  1.000 80.49000  ? 90  MET A SD  1 
ATOM 538 C CE  . MET A 1 94  ? 5.00361   7.94483   14.51561  1.000 71.17000  ? 90  MET A CE  1 
ATOM 539 N N   . GLY A 1 95  ? 4.72688   2.86736   18.98365  1.000 72.29000  ? 91  GLY A N   1 
ATOM 540 C CA  . GLY A 1 95  ? 4.63914   2.72230   20.41435  1.000 72.89000  ? 91  GLY A CA  1 
ATOM 541 C C   . GLY A 1 95  ? 3.27779   2.27650   20.91401  1.000 68.62000  ? 91  GLY A C   1 
ATOM 542 O O   . GLY A 1 95  ? 3.19831   1.61307   21.94467  1.000 77.63000  ? 91  GLY A O   1 
ATOM 543 N N   . ILE A 1 96  ? 2.20139   2.61588   20.21951  1.000 66.82000  ? 92  ILE A N   1 
ATOM 544 C CA  . ILE A 1 96  ? 0.89775   2.11446   20.64325  1.000 62.33000  ? 92  ILE A CA  1 
ATOM 545 C C   . ILE A 1 96  ? 0.91934   0.59178   20.57394  1.000 62.89000  ? 92  ILE A C   1 
ATOM 546 O O   . ILE A 1 96  ? 1.22709   0.01522   19.52355  1.000 64.26000  ? 92  ILE A O   1 
ATOM 547 C CB  . ILE A 1 96  ? -0.25149  2.70756   19.81318  1.000 62.76000  ? 92  ILE A CB  1 
ATOM 548 C CG1 . ILE A 1 96  ? -0.36940  4.21328   20.03412  1.000 60.98000  ? 92  ILE A CG1 1 
ATOM 549 C CG2 . ILE A 1 96  ? -1.56601  2.01283   20.15034  1.000 58.57000  ? 92  ILE A CG2 1 
ATOM 550 C CD1 . ILE A 1 96  ? 0.43099   5.00577   19.06743  1.000 61.39000  ? 92  ILE A CD1 1 
ATOM 551 N N   . PRO A 1 97  ? 0.63865   -0.08521  21.68346  1.000 63.27000  ? 93  PRO A N   1 
ATOM 552 C CA  . PRO A 1 97  ? 0.60301   -1.54187  21.68342  1.000 61.61000  ? 93  PRO A CA  1 
ATOM 553 C C   . PRO A 1 97  ? -0.48139  -2.05757  20.77245  1.000 64.24000  ? 93  PRO A C   1 
ATOM 554 O O   . PRO A 1 97  ? -1.42457  -1.31320  20.44667  1.000 64.12000  ? 93  PRO A O   1 
ATOM 555 C CB  . PRO A 1 97  ? 0.29958   -1.87487  23.14851  1.000 64.57000  ? 93  PRO A CB  1 
ATOM 556 C CG  . PRO A 1 97  ? 0.74681   -0.67965  23.91442  1.000 66.11000  ? 93  PRO A CG  1 
ATOM 557 C CD  . PRO A 1 97  ? 0.42353   0.47324   23.02940  1.000 66.03000  ? 93  PRO A CD  1 
ATOM 558 N N   . PRO A 1 98  ? -0.39548  -3.31662  20.32874  1.000 61.59000  ? 94  PRO A N   1 
ATOM 559 C CA  . PRO A 1 98  ? -1.35364  -3.82786  19.34402  1.000 63.36000  ? 94  PRO A CA  1 
ATOM 560 C C   . PRO A 1 98  ? -2.71577  -4.05559  19.96830  1.000 65.83000  ? 94  PRO A C   1 
ATOM 561 O O   . PRO A 1 98  ? -2.82944  -4.61300  21.06311  1.000 70.06000  ? 94  PRO A O   1 
ATOM 562 C CB  . PRO A 1 98  ? -0.72787  -5.14496  18.87416  1.000 60.17000  ? 94  PRO A CB  1 
ATOM 563 C CG  . PRO A 1 98  ? 0.19834   -5.53737  19.95577  1.000 61.89000  ? 94  PRO A CG  1 
ATOM 564 C CD  . PRO A 1 98  ? 0.68991   -4.27917  20.59922  1.000 61.12000  ? 94  PRO A CD  1 
ATOM 565 N N   . THR A 1 99  ? -3.75834  -3.62279  19.25216  1.000 62.26000  ? 95  THR A N   1 
ATOM 566 C CA  . THR A 1 99  ? -5.11984  -3.64689  19.76833  1.000 63.23000  ? 95  THR A CA  1 
ATOM 567 C C   . THR A 1 99  ? -5.99489  -4.76023  19.20475  1.000 61.16000  ? 95  THR A C   1 
ATOM 568 O O   . THR A 1 99  ? -7.02145  -5.07442  19.81254  1.000 64.13000  ? 95  THR A O   1 
ATOM 569 C CB  . THR A 1 99  ? -5.81219  -2.29836  19.49995  1.000 64.41000  ? 95  THR A CB  1 
ATOM 570 O OG1 . THR A 1 99  ? -5.83328  -2.04353  18.08462  1.000 66.46000  ? 95  THR A OG1 1 
ATOM 571 C CG2 . THR A 1 99  ? -5.08456  -1.17511  20.20532  1.000 58.79000  ? 95  THR A CG2 1 
ATOM 572 N N   . GLY A 1 100 ? -5.61928  -5.37085  18.08186  1.000 57.85000  ? 96  GLY A N   1 
ATOM 573 C CA  . GLY A 1 100 ? -6.47833  -6.34084  17.43321  1.000 54.75000  ? 96  GLY A CA  1 
ATOM 574 C C   . GLY A 1 100 ? -7.56541  -5.73598  16.57325  1.000 61.71000  ? 96  GLY A C   1 
ATOM 575 O O   . GLY A 1 100 ? -8.25867  -6.47507  15.85734  1.000 65.45000  ? 96  GLY A O   1 
ATOM 576 N N   . ARG A 1 101 ? -7.71273  -4.42793  16.59324  1.000 61.73000  ? 97  ARG A N   1 
ATOM 577 C CA  . ARG A 1 101 ? -8.79402  -3.74727  15.90607  1.000 63.20000  ? 97  ARG A CA  1 
ATOM 578 C C   . ARG A 1 101 ? -8.45510  -3.56729  14.42964  1.000 66.41000  ? 97  ARG A C   1 
ATOM 579 O O   . ARG A 1 101 ? -7.29394  -3.31886  14.08267  1.000 63.38000  ? 97  ARG A O   1 
ATOM 580 C CB  . ARG A 1 101 ? -9.06778  -2.38868  16.55889  1.000 65.53000  ? 97  ARG A CB  1 
ATOM 581 C CG  . ARG A 1 101 ? -9.53422  -2.54501  17.99723  1.000 63.80000  ? 97  ARG A CG  1 
ATOM 582 C CD  . ARG A 1 101 ? -9.17212  -1.37390  18.88674  1.000 69.93000  ? 97  ARG A CD  1 
ATOM 583 N NE  . ARG A 1 101 ? -9.87782  -0.15965  18.50637  1.000 69.99000  ? 97  ARG A NE  1 
ATOM 584 C CZ  . ARG A 1 101 ? -10.24070 0.78364   19.36587  1.000 73.79000  ? 97  ARG A CZ  1 
ATOM 585 N NH1 . ARG A 1 101 ? -9.96397  0.64105   20.66065  1.000 79.40000  ? 97  ARG A NH1 1 
ATOM 586 N NH2 . ARG A 1 101 ? -10.88949 1.85920   18.93452  1.000 72.64000  ? 97  ARG A NH2 1 
ATOM 587 N N   . PRO A 1 102 ? -9.42972  -3.72318  13.54404  1.000 62.77000  ? 98  PRO A N   1 
ATOM 588 C CA  . PRO A 1 102 ? -9.17937  -3.45899  12.12787  1.000 62.74000  ? 98  PRO A CA  1 
ATOM 589 C C   . PRO A 1 102 ? -9.04542  -1.96444  11.86875  1.000 65.10000  ? 98  PRO A C   1 
ATOM 590 O O   . PRO A 1 102 ? -9.55030  -1.12610  12.61997  1.000 66.34000  ? 98  PRO A O   1 
ATOM 591 C CB  . PRO A 1 102 ? -10.40260 -4.05811  11.42197  1.000 57.71000  ? 98  PRO A CB  1 
ATOM 592 C CG  . PRO A 1 102 ? -11.45427 -4.13279  12.44163  1.000 62.40000  ? 98  PRO A CG  1 
ATOM 593 C CD  . PRO A 1 102 ? -10.77706 -4.27109  13.78356  1.000 62.30000  ? 98  PRO A CD  1 
ATOM 594 N N   . VAL A 1 103 ? -8.29707  -1.63828  10.81076  1.000 57.91000  ? 99  VAL A N   1 
ATOM 595 C CA  . VAL A 1 103 ? -8.07813  -0.26551  10.37241  1.000 51.67000  ? 99  VAL A CA  1 
ATOM 596 C C   . VAL A 1 103 ? -8.42196  -0.18194  8.89193   1.000 54.46000  ? 99  VAL A C   1 
ATOM 597 O O   . VAL A 1 103 ? -8.29188  -1.15824  8.14758   1.000 53.54000  ? 99  VAL A O   1 
ATOM 598 C CB  . VAL A 1 103 ? -6.62895  0.21283   10.60452  1.000 52.43000  ? 99  VAL A CB  1 
ATOM 599 C CG1 . VAL A 1 103 ? -6.32089  0.30643   12.08090  1.000 55.13000  ? 99  VAL A CG1 1 
ATOM 600 C CG2 . VAL A 1 103 ? -5.64204  -0.72018  9.91546   1.000 48.22000  ? 99  VAL A CG2 1 
ATOM 601 N N   . SER A 1 104 ? -8.88978  0.99403   8.47959   1.000 52.29000  ? 100 SER A N   1 
ATOM 602 C CA  . SER A 1 104 ? -9.10425  1.34347   7.07540   1.000 54.03000  ? 100 SER A CA  1 
ATOM 603 C C   . SER A 1 104 ? -8.48983  2.72320   6.87966   1.000 54.93000  ? 100 SER A C   1 
ATOM 604 O O   . SER A 1 104 ? -9.00886  3.72095   7.38853   1.000 54.39000  ? 100 SER A O   1 
ATOM 605 C CB  . SER A 1 104 ? -10.58257 1.33222   6.68675   1.000 55.24000  ? 100 SER A CB  1 
ATOM 606 O OG  . SER A 1 104 ? -11.01218 0.01836   6.40825   1.000 59.59000  ? 100 SER A OG  1 
ATOM 607 N N   . CYS A 1 105 ? -7.39908  2.77195   6.13080   1.000 48.11000  ? 101 CYS A N   1 
ATOM 608 C CA  . CYS A 1 105 ? -6.58070  3.96836   6.01493   1.000 54.16000  ? 101 CYS A CA  1 
ATOM 609 C C   . CYS A 1 105 ? -6.46391  4.41467   4.55965   1.000 51.52000  ? 101 CYS A C   1 
ATOM 610 O O   . CYS A 1 105 ? -5.96871  3.66287   3.71451   1.000 52.59000  ? 101 CYS A O   1 
ATOM 611 C CB  . CYS A 1 105 ? -5.19448  3.69355   6.58979   1.000 49.38000  ? 101 CYS A CB  1 
ATOM 612 S SG  . CYS A 1 105 ? -4.08681  5.04261   6.44909   1.000 60.58000  ? 101 CYS A SG  1 
ATOM 613 N N   . ALA A 1 106 ? -6.88373  5.64696   4.27768   1.000 53.08000  ? 102 ALA A N   1 
ATOM 614 C CA  . ALA A 1 106 ? -6.73611  6.19770   2.93353   1.000 49.97000  ? 102 ALA A CA  1 
ATOM 615 C C   . ALA A 1 106 ? -5.26112  6.34800   2.59354   1.000 51.04000  ? 102 ALA A C   1 
ATOM 616 O O   . ALA A 1 106 ? -4.45363  6.75076   3.43941   1.000 51.91000  ? 102 ALA A O   1 
ATOM 617 C CB  . ALA A 1 106 ? -7.44498  7.54320   2.82325   1.000 47.28000  ? 102 ALA A CB  1 
ATOM 618 N N   . LEU A 1 107 ? -4.90296  5.99149   1.36322   1.000 45.00000  ? 103 LEU A N   1 
ATOM 619 C CA  . LEU A 1 107 ? -3.51918  6.04584   0.92872   1.000 42.93000  ? 103 LEU A CA  1 
ATOM 620 C C   . LEU A 1 107 ? -3.47126  6.56211   -0.50122  1.000 48.30000  ? 103 LEU A C   1 
ATOM 621 O O   . LEU A 1 107 ? -4.15742  6.02620   -1.37656  1.000 50.63000  ? 103 LEU A O   1 
ATOM 622 C CB  . LEU A 1 107 ? -2.87408  4.65629   1.03072   1.000 46.49000  ? 103 LEU A CB  1 
ATOM 623 C CG  . LEU A 1 107 ? -1.50787  4.44936   0.39155   1.000 50.08000  ? 103 LEU A CG  1 
ATOM 624 C CD1 . LEU A 1 107 ? -0.50519  5.17866   1.25378   1.000 52.09000  ? 103 LEU A CD1 1 
ATOM 625 C CD2 . LEU A 1 107 ? -1.13547  2.97875   0.30617   1.000 49.90000  ? 103 LEU A CD2 1 
ATOM 626 N N   . MET A 1 108 ? -2.67503  7.60107   -0.73945  1.000 49.34000  ? 104 MET A N   1 
ATOM 627 C CA  . MET A 1 108 ? -2.44676  8.07763   -2.09708  1.000 50.86000  ? 104 MET A CA  1 
ATOM 628 C C   . MET A 1 108 ? -0.97188  7.99422   -2.41140  1.000 52.19000  ? 104 MET A C   1 
ATOM 629 O O   . MET A 1 108 ? -0.13072  8.37325   -1.58636  1.000 54.69000  ? 104 MET A O   1 
ATOM 630 C CB  . MET A 1 108 ? -2.98149  9.49319   -2.31062  1.000 45.67000  ? 104 MET A CB  1 
ATOM 631 C CG  . MET A 1 108 ? -4.50009  9.52094   -2.12485  1.000 54.31000  ? 104 MET A CG  1 
ATOM 632 S SD  . MET A 1 108 ? -5.33453  10.86349  -2.97334  1.000 72.96000  ? 104 MET A SD  1 
ATOM 633 C CE  . MET A 1 108 ? -4.44809  10.88612  -4.52151  1.000 60.91000  ? 104 MET A CE  1 
ATOM 634 N N   . GLY A 1 109 ? -0.67021  7.48014   -3.61356  1.000 51.99000  ? 105 GLY A N   1 
ATOM 635 C CA  . GLY A 1 109 ? 0.68386   7.18512   -3.98658  1.000 56.62000  ? 105 GLY A CA  1 
ATOM 636 C C   . GLY A 1 109 ? 0.97196   7.53419   -5.46010  1.000 56.88000  ? 105 GLY A C   1 
ATOM 637 O O   . GLY A 1 109 ? 0.06136   7.74826   -6.25622  1.000 52.22000  ? 105 GLY A O   1 
ATOM 638 N N   . GLN A 1 110 ? 2.25357   7.57535   -5.75101  1.000 58.45000  ? 106 GLN A N   1 
ATOM 639 C CA  . GLN A 1 110 ? 2.70980   7.79511   -7.11352  1.000 55.65000  ? 106 GLN A CA  1 
ATOM 640 C C   . GLN A 1 110 ? 3.82487   6.79359   -7.36398  1.000 58.28000  ? 106 GLN A C   1 
ATOM 641 O O   . GLN A 1 110 ? 4.67609   6.58182   -6.49580  1.000 57.33000  ? 106 GLN A O   1 
ATOM 642 C CB  . GLN A 1 110 ? 3.18560   9.24393   -7.29850  1.000 56.49000  ? 106 GLN A CB  1 
ATOM 643 C CG  . GLN A 1 110 ? 3.04021   9.78110   -8.69296  1.000 60.75000  ? 106 GLN A CG  1 
ATOM 644 C CD  . GLN A 1 110 ? 3.51615   11.21929  -8.82321  1.000 65.18000  ? 106 GLN A CD  1 
ATOM 645 O OE1 . GLN A 1 110 ? 4.68813   11.51774  -8.58513  1.000 66.30000  ? 106 GLN A OE1 1 
ATOM 646 N NE2 . GLN A 1 110 ? 2.61536   12.11531  -9.22543  1.000 66.47000  ? 106 GLN A NE2 1 
ATOM 647 N N   . LEU A 1 111 ? 3.80114   6.15554   -8.52870  1.000 57.15000  ? 107 LEU A N   1 
ATOM 648 C CA  . LEU A 1 111 ? 4.80725   5.16964   -8.89360  1.000 59.19000  ? 107 LEU A CA  1 
ATOM 649 C C   . LEU A 1 111 ? 5.49018   5.59151   -10.18746 1.000 61.54000  ? 107 LEU A C   1 
ATOM 650 O O   . LEU A 1 111 ? 4.87115   6.22418   -11.05106 1.000 61.85000  ? 107 LEU A O   1 
ATOM 651 C CB  . LEU A 1 111 ? 4.17843   3.78437   -9.05787  1.000 55.40000  ? 107 LEU A CB  1 
ATOM 652 C CG  . LEU A 1 111 ? 3.38167   3.28809   -7.85299  1.000 62.56000  ? 107 LEU A CG  1 
ATOM 653 C CD1 . LEU A 1 111 ? 2.69624   1.97319   -8.17478  1.000 61.91000  ? 107 LEU A CD1 1 
ATOM 654 C CD2 . LEU A 1 111 ? 4.29915   3.13951   -6.65300  1.000 58.48000  ? 107 LEU A CD2 1 
ATOM 655 N N   . ARG A 1 112 ? 6.76697   5.25624   -10.31794 1.000 65.80000  ? 108 ARG A N   1 
ATOM 656 C CA  . ARG A 1 112 ? 7.50314   5.47674   -11.55678 1.000 65.99000  ? 108 ARG A CA  1 
ATOM 657 C C   . ARG A 1 112 ? 7.88642   4.11774   -12.11912 1.000 69.43000  ? 108 ARG A C   1 
ATOM 658 O O   . ARG A 1 112 ? 8.62165   3.35749   -11.47458 1.000 68.16000  ? 108 ARG A O   1 
ATOM 659 C CB  . ARG A 1 112 ? 8.73763   6.34438   -11.33399 1.000 66.35000  ? 108 ARG A CB  1 
ATOM 660 C CG  . ARG A 1 112 ? 9.63075   6.44598   -12.55925 1.000 69.49000  ? 108 ARG A CG  1 
ATOM 661 C CD  . ARG A 1 112 ? 10.89202  7.19704   -12.21933 1.000 72.38000  ? 108 ARG A CD  1 
ATOM 662 N NE  . ARG A 1 112 ? 11.75658  7.39066   -13.37581 1.000 85.94000  ? 108 ARG A NE  1 
ATOM 663 C CZ  . ARG A 1 112 ? 12.90502  8.05756   -13.33581 1.000 88.44000  ? 108 ARG A CZ  1 
ATOM 664 N NH1 . ARG A 1 112 ? 13.31817  8.59387   -12.19455 1.000 85.37000  ? 108 ARG A NH1 1 
ATOM 665 N NH2 . ARG A 1 112 ? 13.64324  8.18383   -14.43192 1.000 92.16000  ? 108 ARG A NH2 1 
ATOM 666 N N   . ILE A 1 113 ? 7.36563   3.81065   -13.29913 1.000 65.68000  ? 109 ILE A N   1 
ATOM 667 C CA  . ILE A 1 113 ? 7.52311   2.51094   -13.93435 1.000 67.85000  ? 109 ILE A CA  1 
ATOM 668 C C   . ILE A 1 113 ? 8.42546   2.69231   -15.14754 1.000 69.06000  ? 109 ILE A C   1 
ATOM 669 O O   . ILE A 1 113 ? 8.06998   3.39026   -16.10817 1.000 68.33000  ? 109 ILE A O   1 
ATOM 670 C CB  . ILE A 1 113 ? 6.16515   1.89811   -14.30508 1.000 66.32000  ? 109 ILE A CB  1 
ATOM 671 C CG1 . ILE A 1 113 ? 5.34628   1.66213   -13.02742 1.000 63.67000  ? 109 ILE A CG1 1 
ATOM 672 C CG2 . ILE A 1 113 ? 6.34036   0.60151   -15.08643 1.000 65.56000  ? 109 ILE A CG2 1 
ATOM 673 C CD1 . ILE A 1 113 ? 3.87213   1.54157   -13.25348 1.000 65.94000  ? 109 ILE A CD1 1 
ATOM 674 N N   . VAL A 1 114 ? 9.61449   2.09171   -15.07612 1.000 71.98000  ? 110 VAL A N   1 
ATOM 675 C CA  . VAL A 1 114 ? 10.54428  2.00881   -16.19667 1.000 71.60000  ? 110 VAL A CA  1 
ATOM 676 C C   . VAL A 1 114 ? 10.65455  0.54790   -16.62844 1.000 76.96000  ? 110 VAL A C   1 
ATOM 677 O O   . VAL A 1 114 ? 10.88956  -0.33742  -15.79507 1.000 78.33000  ? 110 VAL A O   1 
ATOM 678 C CB  . VAL A 1 114 ? 11.92471  2.58337   -15.83651 1.000 74.29000  ? 110 VAL A CB  1 
ATOM 679 C CG1 . VAL A 1 114 ? 12.89028  2.36740   -16.98360 1.000 77.51000  ? 110 VAL A CG1 1 
ATOM 680 C CG2 . VAL A 1 114 ? 11.81198  4.07158   -15.46237 1.000 73.36000  ? 110 VAL A CG2 1 
ATOM 681 N N   . ASP A 1 115 ? 10.46852  0.30015   -17.92862 1.000 78.83000  ? 111 ASP A N   1 
ATOM 682 C CA  . ASP A 1 115 ? 10.56487  -1.02509  -18.55325 1.000 78.87000  ? 111 ASP A CA  1 
ATOM 683 C C   . ASP A 1 115 ? 9.60168   -2.04217  -17.95476 1.000 79.60000  ? 111 ASP A C   1 
ATOM 684 O O   . ASP A 1 115 ? 9.83022   -3.25337  -18.06436 1.000 82.64000  ? 111 ASP A O   1 
ATOM 685 C CB  . ASP A 1 115 ? 12.00096  -1.56953  -18.50761 1.000 80.85000  ? 111 ASP A CB  1 
ATOM 686 C CG  . ASP A 1 115 ? 12.15272  -2.90435  -19.23681 1.000 88.17000  ? 111 ASP A CG  1 
ATOM 687 O OD1 . ASP A 1 115 ? 11.14325  -3.39295  -19.79111 1.000 94.22000  ? 111 ASP A OD1 1 
ATOM 688 O OD2 . ASP A 1 115 ? 13.26173  -3.48529  -19.22393 1.000 92.31000  ? 111 ASP A OD2 1 
ATOM 689 N N   . GLY A 1 116 ? 8.51234   -1.58529  -17.34668 1.000 75.18000  ? 112 GLY A N   1 
ATOM 690 C CA  . GLY A 1 116 ? 7.54305   -2.48537  -16.76282 1.000 71.84000  ? 112 GLY A CA  1 
ATOM 691 C C   . GLY A 1 116 ? 7.77913   -2.86202  -15.32070 1.000 71.23000  ? 112 GLY A C   1 
ATOM 692 O O   . GLY A 1 116 ? 7.11251   -3.77893  -14.82441 1.000 79.96000  ? 112 GLY A O   1 
ATOM 693 N N   . VAL A 1 117 ? 8.70139   -2.19587  -14.63444 1.000 74.13000  ? 113 VAL A N   1 
ATOM 694 C CA  . VAL A 1 117 ? 8.98224   -2.45840  -13.22857 1.000 74.11000  ? 113 VAL A CA  1 
ATOM 695 C C   . VAL A 1 117 ? 9.08585   -1.12848  -12.48579 1.000 73.56000  ? 113 VAL A C   1 
ATOM 696 O O   . VAL A 1 117 ? 9.62025   -0.14455  -13.01252 1.000 70.05000  ? 113 VAL A O   1 
ATOM 697 C CB  . VAL A 1 117 ? 10.26352  -3.30086  -13.04899 1.000 74.22000  ? 113 VAL A CB  1 
ATOM 698 C CG1 . VAL A 1 117 ? 11.47482  -2.55627  -13.59600 1.000 76.44000  ? 113 VAL A CG1 1 
ATOM 699 C CG2 . VAL A 1 117 ? 10.46654  -3.64460  -11.57658 1.000 70.94000  ? 113 VAL A CG2 1 
ATOM 700 N N   . VAL A 1 118 ? 8.55843   -1.09738  -11.26277 1.000 71.68000  ? 114 VAL A N   1 
ATOM 701 C CA  . VAL A 1 118 ? 8.52439   0.14802   -10.51134 1.000 69.71000  ? 114 VAL A CA  1 
ATOM 702 C C   . VAL A 1 118 ? 9.93124   0.52104   -10.07218 1.000 65.98000  ? 114 VAL A C   1 
ATOM 703 O O   . VAL A 1 118 ? 10.69706  -0.32329  -9.59317  1.000 71.47000  ? 114 VAL A O   1 
ATOM 704 C CB  . VAL A 1 118 ? 7.54839   0.03781   -9.33184  1.000 68.17000  ? 114 VAL A CB  1 
ATOM 705 C CG1 . VAL A 1 118 ? 6.19230   -0.45415  -9.83798  1.000 63.55000  ? 114 VAL A CG1 1 
ATOM 706 C CG2 . VAL A 1 118 ? 8.08247   -0.89598  -8.26135  1.000 74.10000  ? 114 VAL A CG2 1 
ATOM 707 N N   . VAL A 1 119 ? 10.27996  1.79028   -10.26238 1.000 63.70000  ? 115 VAL A N   1 
ATOM 708 C CA  . VAL A 1 119 ? 11.61342  2.30532   -10.00137 1.000 64.63000  ? 115 VAL A CA  1 
ATOM 709 C C   . VAL A 1 119 ? 11.62044  3.25132   -8.80793  1.000 65.20000  ? 115 VAL A C   1 
ATOM 710 O O   . VAL A 1 119 ? 12.59819  3.30905   -8.05502  1.000 68.37000  ? 115 VAL A O   1 
ATOM 711 C CB  . VAL A 1 119 ? 12.15428  3.01105   -11.26782 1.000 64.47000  ? 115 VAL A CB  1 
ATOM 712 C CG1 . VAL A 1 119 ? 13.30298  3.96221   -10.93771 1.000 66.79000  ? 115 VAL A CG1 1 
ATOM 713 C CG2 . VAL A 1 119 ? 12.57289  1.98347   -12.30674 1.000 68.21000  ? 115 VAL A CG2 1 
ATOM 714 N N   . ASP A 1 120 ? 10.54218  4.00518   -8.63149  1.000 63.67000  ? 116 ASP A N   1 
ATOM 715 C CA  . ASP A 1 120 ? 10.39885  4.93599   -7.53022  1.000 65.88000  ? 116 ASP A CA  1 
ATOM 716 C C   . ASP A 1 120 ? 8.95622   4.88093   -7.05457  1.000 62.52000  ? 116 ASP A C   1 
ATOM 717 O O   . ASP A 1 120 ? 8.06370   4.41312   -7.76745  1.000 60.85000  ? 116 ASP A O   1 
ATOM 718 C CB  . ASP A 1 120 ? 10.79788  6.36362   -7.94387  1.000 63.04000  ? 116 ASP A CB  1 
ATOM 719 C CG  . ASP A 1 120 ? 11.50932  7.11694   -6.83551  1.000 65.77000  ? 116 ASP A CG  1 
ATOM 720 O OD1 . ASP A 1 120 ? 11.33770  6.71536   -5.66060  1.000 73.07000  ? 116 ASP A OD1 1 
ATOM 721 O OD2 . ASP A 1 120 ? 12.23332  8.09837   -7.13907  1.000 64.41000  ? 116 ASP A OD2 1 
ATOM 722 N N   . HIS A 1 121 ? 8.74756   5.33266   -5.82291  1.000 61.32000  ? 117 HIS A N   1 
ATOM 723 C CA  . HIS A 1 121 ? 7.41826   5.36319   -5.23486  1.000 61.86000  ? 117 HIS A CA  1 
ATOM 724 C C   . HIS A 1 121 ? 7.33312   6.52663   -4.25840  1.000 62.99000  ? 117 HIS A C   1 
ATOM 725 O O   . HIS A 1 121 ? 8.27232   6.78108   -3.49761  1.000 56.52000  ? 117 HIS A O   1 
ATOM 726 C CB  . HIS A 1 121 ? 7.10101   4.04160   -4.52851  1.000 67.84000  ? 117 HIS A CB  1 
ATOM 727 C CG  . HIS A 1 121 ? 7.74051   3.90340   -3.18328  1.000 68.82000  ? 117 HIS A CG  1 
ATOM 728 N ND1 . HIS A 1 121 ? 9.09370   3.68857   -3.01871  1.000 67.06000  ? 117 HIS A ND1 1 
ATOM 729 C CD2 . HIS A 1 121 ? 7.20940   3.92670   -1.93662  1.000 74.51000  ? 117 HIS A CD2 1 
ATOM 730 C CE1 . HIS A 1 121 ? 9.36885   3.60478   -1.72931  1.000 73.39000  ? 117 HIS A CE1 1 
ATOM 731 N NE2 . HIS A 1 121 ? 8.24202   3.74177   -1.05017  1.000 73.57000  ? 117 HIS A NE2 1 
ATOM 732 N N   . TRP A 1 122 ? 6.22580   7.25074   -4.32379  1.000 57.33000  ? 118 TRP A N   1 
ATOM 733 C CA  . TRP A 1 122 ? 5.88171   8.28252   -3.36686  1.000 58.00000  ? 118 TRP A CA  1 
ATOM 734 C C   . TRP A 1 122 ? 4.51400   7.94291   -2.80302  1.000 62.16000  ? 118 TRP A C   1 
ATOM 735 O O   . TRP A 1 122 ? 3.71178   7.25824   -3.44320  1.000 57.55000  ? 118 TRP A O   1 
ATOM 736 C CB  . TRP A 1 122 ? 5.83380   9.67899   -3.99890  1.000 55.88000  ? 118 TRP A CB  1 
ATOM 737 C CG  . TRP A 1 122 ? 7.07914   10.13036  -4.67631  1.000 56.21000  ? 118 TRP A CG  1 
ATOM 738 C CD1 . TRP A 1 122 ? 8.03407   10.95712  -4.16793  1.000 53.92000  ? 118 TRP A CD1 1 
ATOM 739 C CD2 . TRP A 1 122 ? 7.49786   9.79742   -6.00530  1.000 54.70000  ? 118 TRP A CD2 1 
ATOM 740 N NE1 . TRP A 1 122 ? 9.02603   11.16076  -5.09783  1.000 56.45000  ? 118 TRP A NE1 1 
ATOM 741 C CE2 . TRP A 1 122 ? 8.72121   10.45991  -6.23523  1.000 58.59000  ? 118 TRP A CE2 1 
ATOM 742 C CE3 . TRP A 1 122 ? 6.95892   9.00102   -7.01784  1.000 56.14000  ? 118 TRP A CE3 1 
ATOM 743 C CZ2 . TRP A 1 122 ? 9.42270   10.34713  -7.44643  1.000 52.67000  ? 118 TRP A CZ2 1 
ATOM 744 C CZ3 . TRP A 1 122 ? 7.65346   8.88912   -8.22184  1.000 61.46000  ? 118 TRP A CZ3 1 
ATOM 745 C CH2 . TRP A 1 122 ? 8.87454   9.55237   -8.41865  1.000 56.09000  ? 118 TRP A CH2 1 
ATOM 746 N N   . GLY A 1 123 ? 4.24339   8.44155   -1.60704  1.000 56.09000  ? 119 GLY A N   1 
ATOM 747 C CA  . GLY A 1 123 ? 3.01134   8.06982   -0.95678  1.000 49.92000  ? 119 GLY A CA  1 
ATOM 748 C C   . GLY A 1 123 ? 2.71300   8.91118   0.25124   1.000 49.94000  ? 119 GLY A C   1 
ATOM 749 O O   . GLY A 1 123 ? 3.62370   9.39563   0.92243   1.000 56.81000  ? 119 GLY A O   1 
ATOM 750 N N   . VAL A 1 124 ? 1.43114   9.11639   0.51376   1.000 52.19000  ? 120 VAL A N   1 
ATOM 751 C CA  . VAL A 1 124 ? 0.96988   9.77091   1.72423   1.000 47.01000  ? 120 VAL A CA  1 
ATOM 752 C C   . VAL A 1 124 ? -0.17236  8.92885   2.26553   1.000 49.63000  ? 120 VAL A C   1 
ATOM 753 O O   . VAL A 1 124 ? -1.18203  8.73473   1.58081   1.000 49.64000  ? 120 VAL A O   1 
ATOM 754 C CB  . VAL A 1 124 ? 0.51486   11.21453  1.47424   1.000 47.19000  ? 120 VAL A CB  1 
ATOM 755 C CG1 . VAL A 1 124 ? 0.02105   11.82776  2.78245   1.000 52.90000  ? 120 VAL A CG1 1 
ATOM 756 C CG2 . VAL A 1 124 ? 1.66274   12.03428  0.92903   1.000 48.79000  ? 120 VAL A CG2 1 
ATOM 757 N N   . ALA A 1 125 ? 0.00161   8.39350   3.46245   1.000 45.32000  ? 121 ALA A N   1 
ATOM 758 C CA  . ALA A 1 125 ? -1.05240  7.65211   4.12716   1.000 50.26000  ? 121 ALA A CA  1 
ATOM 759 C C   . ALA A 1 125 ? -1.70060  8.54077   5.17704   1.000 50.46000  ? 121 ALA A C   1 
ATOM 760 O O   . ALA A 1 125 ? -1.07655  9.46673   5.70101   1.000 55.36000  ? 121 ALA A O   1 
ATOM 761 C CB  . ALA A 1 125 ? -0.50376  6.37410   4.76519   1.000 51.74000  ? 121 ALA A CB  1 
ATOM 762 N N   . ASP A 1 126 ? -2.96722  8.26892   5.47186   1.000 50.63000  ? 122 ASP A N   1 
ATOM 763 C CA  . ASP A 1 126 ? -3.67575  8.98803   6.52267   1.000 49.70000  ? 122 ASP A CA  1 
ATOM 764 C C   . ASP A 1 126 ? -3.25573  8.49718   7.90500   1.000 51.85000  ? 122 ASP A C   1 
ATOM 765 O O   . ASP A 1 126 ? -4.06200  7.89797   8.62710   1.000 47.82000  ? 122 ASP A O   1 
ATOM 766 C CB  . ASP A 1 126 ? -5.18091  8.82589   6.34519   1.000 55.86000  ? 122 ASP A CB  1 
ATOM 767 C CG  . ASP A 1 126 ? -5.98114  9.63521   7.34978   1.000 55.18000  ? 122 ASP A CG  1 
ATOM 768 O OD1 . ASP A 1 126 ? -5.38741  10.52146  7.99538   1.000 55.99000  ? 122 ASP A OD1 1 
ATOM 769 O OD2 . ASP A 1 126 ? -7.19198  9.34234   7.51262   1.000 56.86000  ? 122 ASP A OD2 1 
ATOM 770 N N   . ALA A 1 127 ? -1.99888  8.75373   8.28093   1.000 49.82000  ? 123 ALA A N   1 
ATOM 771 C CA  . ALA A 1 127 ? -1.46116  8.19589   9.51780   1.000 52.84000  ? 123 ALA A CA  1 
ATOM 772 C C   . ALA A 1 127 ? -2.30357  8.61816   10.71179  1.000 57.71000  ? 123 ALA A C   1 
ATOM 773 O O   . ALA A 1 127 ? -2.67817  7.78656   11.54588  1.000 56.34000  ? 123 ALA A O   1 
ATOM 774 C CB  . ALA A 1 127 ? -0.00114  8.61360   9.69796   1.000 56.14000  ? 123 ALA A CB  1 
ATOM 775 N N   . LEU A 1 128 ? -2.65593  9.90561   10.78210  1.000 53.83000  ? 124 LEU A N   1 
ATOM 776 C CA  . LEU A 1 128 ? -3.48723  10.37575  11.88170  1.000 55.91000  ? 124 LEU A CA  1 
ATOM 777 C C   . LEU A 1 128 ? -4.80086  9.61279   11.95721  1.000 61.72000  ? 124 LEU A C   1 
ATOM 778 O O   . LEU A 1 128 ? -5.27358  9.30535   13.05878  1.000 63.75000  ? 124 LEU A O   1 
ATOM 779 C CB  . LEU A 1 128 ? -3.75554  11.87419  11.74540  1.000 53.05000  ? 124 LEU A CB  1 
ATOM 780 C CG  . LEU A 1 128 ? -4.45251  12.54269  12.92906  1.000 55.96000  ? 124 LEU A CG  1 
ATOM 781 C CD1 . LEU A 1 128 ? -3.60317  12.37972  14.17833  1.000 60.80000  ? 124 LEU A CD1 1 
ATOM 782 C CD2 . LEU A 1 128 ? -4.70317  14.01608  12.64126  1.000 60.26000  ? 124 LEU A CD2 1 
ATOM 783 N N   . GLY A 1 129 ? -5.40551  9.30005   10.80246  1.000 53.27000  ? 125 GLY A N   1 
ATOM 784 C CA  . GLY A 1 129 ? -6.66614  8.58413   10.80926  1.000 50.71000  ? 125 GLY A CA  1 
ATOM 785 C C   . GLY A 1 129 ? -6.54081  7.18254   11.36477  1.000 54.88000  ? 125 GLY A C   1 
ATOM 786 O O   . GLY A 1 129 ? -7.52760  6.61052   11.83489  1.000 57.79000  ? 125 GLY A O   1 
ATOM 787 N N   . ILE A 1 130 ? -5.33352  6.61228   11.30350  1.000 51.23000  ? 126 ILE A N   1 
ATOM 788 C CA  . ILE A 1 130 ? -5.05691  5.33082   11.94705  1.000 51.50000  ? 126 ILE A CA  1 
ATOM 789 C C   . ILE A 1 130 ? -5.06315  5.48627   13.46068  1.000 59.45000  ? 126 ILE A C   1 
ATOM 790 O O   . ILE A 1 130 ? -5.60527  4.63986   14.18612  1.000 57.79000  ? 126 ILE A O   1 
ATOM 791 C CB  . ILE A 1 130 ? -3.71341  4.76504   11.45488  1.000 55.61000  ? 126 ILE A CB  1 
ATOM 792 C CG1 . ILE A 1 130 ? -3.79854  4.36543   9.98769   1.000 55.87000  ? 126 ILE A CG1 1 
ATOM 793 C CG2 . ILE A 1 130 ? -3.34929  3.53576   12.23872  1.000 53.94000  ? 126 ILE A CG2 1 
ATOM 794 C CD1 . ILE A 1 130 ? -4.73392  3.20466   9.80982   1.000 59.02000  ? 126 ILE A CD1 1 
ATOM 795 N N   . LEU A 1 131 ? -4.45312  6.56489   13.96220  1.000 61.36000  ? 127 LEU A N   1 
ATOM 796 C CA  . LEU A 1 131 ? -4.38356  6.76091   15.40270  1.000 61.28000  ? 127 LEU A CA  1 
ATOM 797 C C   . LEU A 1 131 ? -5.77657  6.89119   16.01217  1.000 62.31000  ? 127 LEU A C   1 
ATOM 798 O O   . LEU A 1 131 ? -6.00653  6.40741   17.11971  1.000 64.01000  ? 127 LEU A O   1 
ATOM 799 C CB  . LEU A 1 131 ? -3.54956  7.99547   15.74512  1.000 61.07000  ? 127 LEU A CB  1 
ATOM 800 C CG  . LEU A 1 131 ? -2.02585  7.84700   15.64038  1.000 67.07000  ? 127 LEU A CG  1 
ATOM 801 C CD1 . LEU A 1 131 ? -1.53573  6.67610   16.46361  1.000 56.94000  ? 127 LEU A CD1 1 
ATOM 802 C CD2 . LEU A 1 131 ? -1.47990  7.78991   14.23282  1.000 66.21000  ? 127 LEU A CD2 1 
ATOM 803 N N   . VAL A 1 132 ? -6.70430  7.56033   15.32442  1.000 59.68000  ? 128 VAL A N   1 
ATOM 804 C CA  . VAL A 1 132 ? -8.09340  7.58815   15.77235  1.000 63.85000  ? 128 VAL A CA  1 
ATOM 805 C C   . VAL A 1 132 ? -8.69679  6.19050   15.76629  1.000 68.67000  ? 128 VAL A C   1 
ATOM 806 O O   . VAL A 1 132 ? -9.41551  5.79927   16.69576  1.000 63.05000  ? 128 VAL A O   1 
ATOM 807 C CB  . VAL A 1 132 ? -8.92091  8.53906   14.89134  1.000 62.66000  ? 128 VAL A CB  1 
ATOM 808 C CG1 . VAL A 1 132 ? -10.39787 8.40089   15.22267  1.000 70.18000  ? 128 VAL A CG1 1 
ATOM 809 C CG2 . VAL A 1 132 ? -8.43961  9.97844   15.06252  1.000 67.38000  ? 128 VAL A CG2 1 
ATOM 810 N N   . GLN A 1 133 ? -8.44475  5.42721   14.70465  1.000 63.46000  ? 129 GLN A N   1 
ATOM 811 C CA  . GLN A 1 133 ? -9.14727  4.16146   14.55599  1.000 62.70000  ? 129 GLN A CA  1 
ATOM 812 C C   . GLN A 1 133 ? -8.74279  3.16530   15.64157  1.000 65.52000  ? 129 GLN A C   1 
ATOM 813 O O   . GLN A 1 133 ? -9.54290  2.29606   16.01637  1.000 67.90000  ? 129 GLN A O   1 
ATOM 814 C CB  . GLN A 1 133 ? -8.90704  3.59559   13.15549  1.000 58.73000  ? 129 GLN A CB  1 
ATOM 815 C CG  . GLN A 1 133 ? -9.84085  4.15975   12.11124  1.000 63.24000  ? 129 GLN A CG  1 
ATOM 816 C CD  . GLN A 1 133 ? -9.37571  3.84537   10.70541  1.000 59.37000  ? 129 GLN A CD  1 
ATOM 817 O OE1 . GLN A 1 133 ? -8.22047  3.49652   10.49370  1.000 63.52000  ? 129 GLN A OE1 1 
ATOM 818 N NE2 . GLN A 1 133 ? -10.27314 3.95585   9.74350   1.000 59.21000  ? 129 GLN A NE2 1 
ATOM 819 N N   . ILE A 1 134 ? -7.53289  3.29015   16.18415  1.000 60.89000  ? 130 ILE A N   1 
ATOM 820 C CA  . ILE A 1 134 ? -7.07069  2.33706   17.18206  1.000 62.72000  ? 130 ILE A CA  1 
ATOM 821 C C   . ILE A 1 134 ? -7.23125  2.84133   18.61949  1.000 74.17000  ? 130 ILE A C   1 
ATOM 822 O O   . ILE A 1 134 ? -7.22488  2.02042   19.54915  1.000 76.93000  ? 130 ILE A O   1 
ATOM 823 C CB  . ILE A 1 134 ? -5.60918  1.92219   16.91558  1.000 62.12000  ? 130 ILE A CB  1 
ATOM 824 C CG1 . ILE A 1 134 ? -4.67818  3.12842   16.97970  1.000 58.76000  ? 130 ILE A CG1 1 
ATOM 825 C CG2 . ILE A 1 134 ? -5.49261  1.23944   15.55120  1.000 57.16000  ? 130 ILE A CG2 1 
ATOM 826 C CD1 . ILE A 1 134 ? -3.22424  2.79064   16.69094  1.000 51.50000  ? 130 ILE A CD1 1 
ATOM 827 N N   . GLY A 1 135 ? -7.36898  4.15466   18.83329  1.000 70.50000  ? 131 GLY A N   1 
ATOM 828 C CA  . GLY A 1 135 ? -7.76157  4.64184   20.14838  1.000 73.38000  ? 131 GLY A CA  1 
ATOM 829 C C   . GLY A 1 135 ? -6.92769  5.75451   20.74949  1.000 74.36000  ? 131 GLY A C   1 
ATOM 830 O O   . GLY A 1 135 ? -7.17556  6.15043   21.89154  1.000 77.93000  ? 131 GLY A O   1 
ATOM 831 N N   . MET A 1 136 ? -5.94642  6.26454   20.00354  1.000 67.44000  ? 132 MET A N   1 
ATOM 832 C CA  . MET A 1 136 ? -5.06269  7.32883   20.48348  1.000 73.44000  ? 132 MET A CA  1 
ATOM 833 C C   . MET A 1 136 ? -5.62760  8.72027   20.18919  1.000 72.04000  ? 132 MET A C   1 
ATOM 834 O O   . MET A 1 136 ? -6.54210  8.87796   19.37746  1.000 64.77000  ? 132 MET A O   1 
ATOM 835 C CB  . MET A 1 136 ? -3.67320  7.19202   19.85446  1.000 70.08000  ? 132 MET A CB  1 
# 
